data_2K86
#
_entry.id   2K86
#
_cell.length_a   1.000
_cell.length_b   1.000
_cell.length_c   1.000
_cell.angle_alpha   90.00
_cell.angle_beta   90.00
_cell.angle_gamma   90.00
#
_symmetry.space_group_name_H-M   'P 1'
#
_entity_poly.entity_id   1
_entity_poly.type   'polypeptide(L)'
_entity_poly.pdbx_seq_one_letter_code
;GSSSRRNAWGNLSYADLITRAIESSPDKRLTLSQIYEWMVRCVPYFKDKGDSNSSAGWKNSIRHNLSLHSRFMRVQNEGT
GKSSWWIINPDGGKSGKAPRRRA
;
_entity_poly.pdbx_strand_id   A
#
# COMPACT_ATOMS: atom_id res chain seq x y z
N GLY A 1 26.88 -9.92 -3.36
CA GLY A 1 26.63 -9.77 -1.94
C GLY A 1 25.34 -9.04 -1.70
N SER A 2 25.06 -8.77 -0.45
CA SER A 2 23.86 -8.07 -0.04
C SER A 2 23.87 -6.63 -0.56
N SER A 3 22.72 -6.11 -0.84
CA SER A 3 22.61 -4.78 -1.32
C SER A 3 22.31 -3.86 -0.13
N SER A 4 23.32 -3.16 0.33
CA SER A 4 23.17 -2.25 1.44
C SER A 4 22.51 -0.97 0.97
N ARG A 5 22.84 -0.55 -0.23
CA ARG A 5 22.20 0.58 -0.82
C ARG A 5 21.35 0.06 -1.94
N ARG A 6 20.23 0.65 -2.18
CA ARG A 6 19.37 0.19 -3.23
C ARG A 6 18.86 1.38 -4.01
N ASN A 7 18.44 1.14 -5.21
CA ASN A 7 17.79 2.18 -6.01
C ASN A 7 16.41 2.37 -5.46
N ALA A 8 16.14 3.52 -4.90
CA ALA A 8 14.84 3.78 -4.25
C ALA A 8 13.73 4.08 -5.26
N TRP A 9 13.89 3.58 -6.42
CA TRP A 9 12.88 3.68 -7.42
C TRP A 9 12.59 2.31 -7.96
N GLY A 10 13.63 1.60 -8.34
CA GLY A 10 13.44 0.31 -8.97
C GLY A 10 13.73 -0.85 -8.07
N ASN A 11 14.48 -0.63 -7.01
CA ASN A 11 14.88 -1.73 -6.14
C ASN A 11 14.03 -1.69 -4.87
N LEU A 12 12.88 -1.13 -4.98
CA LEU A 12 11.95 -1.04 -3.89
C LEU A 12 11.28 -2.37 -3.70
N SER A 13 10.88 -2.66 -2.49
CA SER A 13 10.21 -3.88 -2.19
C SER A 13 8.72 -3.65 -2.43
N TYR A 14 7.92 -4.68 -2.29
CA TYR A 14 6.50 -4.56 -2.54
C TYR A 14 5.89 -3.57 -1.57
N ALA A 15 6.24 -3.72 -0.28
CA ALA A 15 5.77 -2.83 0.78
C ALA A 15 6.12 -1.36 0.47
N ASP A 16 7.32 -1.17 -0.10
CA ASP A 16 7.81 0.15 -0.46
C ASP A 16 6.95 0.74 -1.55
N LEU A 17 6.65 -0.07 -2.55
CA LEU A 17 5.84 0.34 -3.71
C LEU A 17 4.44 0.78 -3.26
N ILE A 18 3.84 0.01 -2.34
CA ILE A 18 2.52 0.35 -1.79
C ILE A 18 2.63 1.71 -1.15
N THR A 19 3.67 1.86 -0.34
CA THR A 19 3.97 3.09 0.30
C THR A 19 4.12 4.25 -0.71
N ARG A 20 4.84 3.99 -1.81
CA ARG A 20 5.07 4.98 -2.86
C ARG A 20 3.75 5.55 -3.34
N ALA A 21 2.82 4.64 -3.63
CA ALA A 21 1.50 5.02 -4.11
C ALA A 21 0.71 5.76 -3.04
N ILE A 22 0.65 5.16 -1.87
CA ILE A 22 -0.07 5.68 -0.74
C ILE A 22 0.43 7.09 -0.35
N GLU A 23 1.69 7.33 -0.42
CA GLU A 23 2.25 8.63 -0.10
C GLU A 23 1.96 9.67 -1.16
N SER A 24 1.72 9.21 -2.35
CA SER A 24 1.43 10.09 -3.45
C SER A 24 -0.10 10.35 -3.53
N SER A 25 -0.82 9.91 -2.50
CA SER A 25 -2.24 9.98 -2.51
C SER A 25 -2.73 11.25 -1.79
N PRO A 26 -4.07 11.44 -1.59
CA PRO A 26 -4.57 12.56 -0.87
C PRO A 26 -4.55 12.31 0.65
N ASP A 27 -5.33 11.34 1.12
CA ASP A 27 -5.50 11.12 2.57
C ASP A 27 -4.68 9.98 3.09
N LYS A 28 -3.84 9.37 2.23
CA LYS A 28 -2.97 8.24 2.63
C LYS A 28 -3.73 6.96 2.84
N ARG A 29 -5.01 6.97 2.60
CA ARG A 29 -5.72 5.73 2.62
C ARG A 29 -6.32 5.54 1.27
N LEU A 30 -6.07 4.40 0.68
CA LEU A 30 -6.56 4.09 -0.67
C LEU A 30 -6.96 2.64 -0.72
N THR A 31 -7.91 2.29 -1.56
CA THR A 31 -8.24 0.89 -1.79
C THR A 31 -7.12 0.26 -2.62
N LEU A 32 -7.06 -1.07 -2.72
CA LEU A 32 -5.99 -1.73 -3.47
C LEU A 32 -6.09 -1.33 -4.94
N SER A 33 -7.31 -1.08 -5.39
CA SER A 33 -7.55 -0.66 -6.74
C SER A 33 -6.96 0.73 -6.98
N GLN A 34 -7.28 1.66 -6.11
CA GLN A 34 -6.72 2.98 -6.29
C GLN A 34 -5.21 3.02 -5.98
N ILE A 35 -4.73 2.13 -5.07
CA ILE A 35 -3.29 2.02 -4.82
C ILE A 35 -2.62 1.53 -6.09
N TYR A 36 -3.25 0.55 -6.72
CA TYR A 36 -2.75 -0.01 -7.95
C TYR A 36 -2.56 1.06 -9.00
N GLU A 37 -3.58 1.89 -9.20
CA GLU A 37 -3.44 2.94 -10.20
C GLU A 37 -2.44 4.02 -9.76
N TRP A 38 -2.52 4.46 -8.49
CA TRP A 38 -1.59 5.44 -7.93
C TRP A 38 -0.18 4.97 -8.04
N MET A 39 0.01 3.68 -7.92
CA MET A 39 1.29 3.10 -8.08
C MET A 39 1.72 3.25 -9.49
N VAL A 40 0.94 2.69 -10.43
CA VAL A 40 1.24 2.71 -11.89
C VAL A 40 1.60 4.13 -12.36
N ARG A 41 1.07 5.13 -11.68
CA ARG A 41 1.39 6.53 -11.96
C ARG A 41 2.91 6.84 -11.80
N CYS A 42 3.55 6.25 -10.78
CA CYS A 42 4.95 6.60 -10.44
C CYS A 42 5.91 5.38 -10.39
N VAL A 43 5.37 4.22 -10.10
CA VAL A 43 6.11 2.99 -9.91
C VAL A 43 6.77 2.54 -11.24
N PRO A 44 7.94 1.92 -11.17
CA PRO A 44 8.57 1.33 -12.35
C PRO A 44 8.09 -0.12 -12.58
N TYR A 45 8.00 -0.85 -11.48
CA TYR A 45 7.68 -2.26 -11.44
C TYR A 45 6.28 -2.51 -11.98
N PHE A 46 5.31 -1.86 -11.39
CA PHE A 46 3.92 -2.05 -11.77
C PHE A 46 3.52 -1.36 -13.06
N LYS A 47 4.48 -0.81 -13.78
CA LYS A 47 4.17 -0.33 -15.13
C LYS A 47 3.94 -1.54 -15.98
N ASP A 48 4.89 -2.46 -15.88
CA ASP A 48 4.88 -3.70 -16.63
C ASP A 48 3.71 -4.54 -16.18
N LYS A 49 3.59 -4.63 -14.86
CA LYS A 49 2.55 -5.40 -14.22
C LYS A 49 1.21 -4.70 -14.41
N GLY A 50 1.24 -3.47 -14.91
CA GLY A 50 0.04 -2.74 -15.17
C GLY A 50 -0.61 -3.25 -16.42
N ASP A 51 0.22 -3.73 -17.34
CA ASP A 51 -0.26 -4.19 -18.63
C ASP A 51 -0.56 -5.67 -18.56
N SER A 52 0.24 -6.35 -17.78
CA SER A 52 0.13 -7.77 -17.65
C SER A 52 -0.85 -8.18 -16.53
N ASN A 53 -1.05 -9.49 -16.38
CA ASN A 53 -1.96 -10.04 -15.37
C ASN A 53 -1.36 -9.95 -13.98
N SER A 54 -0.10 -9.61 -13.95
CA SER A 54 0.66 -9.39 -12.75
C SER A 54 0.09 -8.26 -11.88
N SER A 55 -0.86 -7.49 -12.42
CA SER A 55 -1.57 -6.50 -11.65
C SER A 55 -2.40 -7.23 -10.59
N ALA A 56 -3.43 -7.94 -11.08
CA ALA A 56 -4.27 -8.84 -10.27
C ALA A 56 -3.47 -10.13 -10.07
N GLY A 57 -2.29 -9.92 -9.58
CA GLY A 57 -1.26 -10.85 -9.49
C GLY A 57 -0.47 -10.46 -8.33
N TRP A 58 0.50 -9.60 -8.53
CA TRP A 58 1.35 -9.14 -7.44
C TRP A 58 0.57 -8.33 -6.40
N LYS A 59 -0.66 -7.91 -6.76
CA LYS A 59 -1.57 -7.29 -5.81
C LYS A 59 -1.89 -8.29 -4.69
N ASN A 60 -1.87 -9.59 -5.04
CA ASN A 60 -2.21 -10.60 -4.08
C ASN A 60 -1.09 -10.70 -3.05
N SER A 61 0.12 -10.50 -3.54
CA SER A 61 1.31 -10.55 -2.75
C SER A 61 1.37 -9.31 -1.88
N ILE A 62 0.99 -8.17 -2.45
CA ILE A 62 0.98 -6.90 -1.76
C ILE A 62 0.20 -6.93 -0.45
N ARG A 63 -0.87 -7.66 -0.43
CA ARG A 63 -1.70 -7.73 0.77
C ARG A 63 -0.99 -8.49 1.89
N HIS A 64 -0.12 -9.41 1.49
CA HIS A 64 0.69 -10.18 2.44
C HIS A 64 1.69 -9.23 3.10
N ASN A 65 2.11 -8.24 2.33
CA ASN A 65 3.05 -7.21 2.77
C ASN A 65 2.37 -6.25 3.72
N LEU A 66 1.05 -6.11 3.57
CA LEU A 66 0.25 -5.30 4.49
C LEU A 66 0.04 -6.01 5.83
N SER A 67 0.59 -7.20 5.95
CA SER A 67 0.53 -7.96 7.17
C SER A 67 1.91 -7.98 7.85
N LEU A 68 2.86 -7.22 7.31
CA LEU A 68 4.21 -7.16 7.85
C LEU A 68 4.24 -6.30 9.10
N HIS A 69 4.65 -6.92 10.21
CA HIS A 69 4.77 -6.25 11.50
C HIS A 69 3.44 -5.61 11.89
N SER A 70 3.41 -4.32 11.82
CA SER A 70 2.26 -3.48 12.03
C SER A 70 2.59 -2.22 11.24
N ARG A 71 3.27 -2.45 10.11
CA ARG A 71 3.79 -1.38 9.26
C ARG A 71 2.68 -0.73 8.48
N PHE A 72 1.59 -1.40 8.36
CA PHE A 72 0.46 -0.89 7.64
C PHE A 72 -0.73 -1.07 8.53
N MET A 73 -1.75 -0.33 8.28
CA MET A 73 -2.96 -0.47 9.01
C MET A 73 -4.09 -0.27 8.06
N ARG A 74 -5.18 -0.87 8.36
CA ARG A 74 -6.27 -0.93 7.43
C ARG A 74 -7.41 -0.20 7.99
N VAL A 75 -7.99 0.55 7.16
CA VAL A 75 -8.97 1.46 7.53
C VAL A 75 -10.27 1.12 6.84
N GLN A 76 -11.35 1.33 7.49
CA GLN A 76 -12.63 1.13 6.90
C GLN A 76 -13.32 2.47 6.73
N ASN A 77 -14.31 2.50 5.88
CA ASN A 77 -15.08 3.71 5.65
C ASN A 77 -15.92 4.06 6.84
N GLU A 78 -15.99 5.33 7.12
CA GLU A 78 -16.73 5.88 8.23
C GLU A 78 -18.23 5.70 8.06
N GLY A 79 -18.66 5.29 6.89
CA GLY A 79 -20.07 5.09 6.67
C GLY A 79 -20.49 5.40 5.26
N THR A 80 -19.72 6.27 4.62
CA THR A 80 -19.97 6.70 3.24
C THR A 80 -19.69 5.57 2.19
N GLY A 81 -19.51 4.37 2.66
CA GLY A 81 -19.24 3.27 1.80
C GLY A 81 -18.88 2.07 2.60
N LYS A 82 -18.92 0.93 1.99
CA LYS A 82 -18.52 -0.30 2.62
C LYS A 82 -17.40 -0.94 1.82
N SER A 83 -16.25 -0.35 1.97
CA SER A 83 -15.06 -0.78 1.33
C SER A 83 -13.93 -0.37 2.25
N SER A 84 -12.82 -1.01 2.14
CA SER A 84 -11.71 -0.73 3.00
C SER A 84 -10.68 0.11 2.27
N TRP A 85 -9.98 0.90 3.02
CA TRP A 85 -8.89 1.66 2.52
C TRP A 85 -7.67 1.07 3.17
N TRP A 86 -6.54 1.24 2.58
CA TRP A 86 -5.34 0.67 3.13
C TRP A 86 -4.32 1.78 3.28
N ILE A 87 -3.58 1.80 4.41
CA ILE A 87 -2.53 2.82 4.66
C ILE A 87 -1.28 2.16 5.22
N ILE A 88 -0.16 2.88 5.19
CA ILE A 88 1.03 2.46 5.89
C ILE A 88 0.91 3.12 7.26
N ASN A 89 1.16 2.40 8.31
CA ASN A 89 1.00 2.90 9.67
C ASN A 89 2.16 3.82 10.03
N PRO A 90 1.89 5.10 10.18
CA PRO A 90 2.91 6.06 10.56
C PRO A 90 2.96 6.29 12.09
N ASP A 91 1.84 6.03 12.75
CA ASP A 91 1.59 6.30 14.15
C ASP A 91 0.15 5.91 14.42
N GLY A 92 -0.66 6.17 13.43
CA GLY A 92 -2.05 5.92 13.45
C GLY A 92 -2.67 6.72 12.35
N GLY A 93 -2.25 7.99 12.30
CA GLY A 93 -2.62 8.94 11.24
C GLY A 93 -4.10 9.09 10.97
N LYS A 94 -4.64 8.16 10.18
CA LYS A 94 -6.03 8.20 9.73
C LYS A 94 -6.98 7.79 10.85
N SER A 95 -6.42 7.20 11.92
CA SER A 95 -7.18 6.75 13.11
C SER A 95 -8.24 5.71 12.74
N GLY A 96 -7.97 4.98 11.66
CA GLY A 96 -8.89 3.98 11.19
C GLY A 96 -9.11 2.90 12.20
N LYS A 97 -10.34 2.85 12.73
CA LYS A 97 -10.78 1.87 13.74
C LYS A 97 -10.03 2.02 15.05
N ALA A 98 -9.45 3.19 15.25
CA ALA A 98 -8.73 3.48 16.45
C ALA A 98 -9.61 4.32 17.34
N PRO A 99 -9.97 3.82 18.52
CA PRO A 99 -10.81 4.56 19.44
C PRO A 99 -10.04 5.68 20.13
N ARG A 100 -10.20 6.86 19.62
CA ARG A 100 -9.53 8.02 20.16
C ARG A 100 -10.36 8.59 21.29
N ARG A 101 -11.62 8.69 21.02
CA ARG A 101 -12.54 9.30 21.92
C ARG A 101 -13.44 8.25 22.57
N ARG A 102 -13.02 7.73 23.71
CA ARG A 102 -13.83 6.83 24.47
C ARG A 102 -14.43 7.62 25.62
N ALA A 103 -15.67 7.99 25.45
CA ALA A 103 -16.38 8.78 26.42
C ALA A 103 -17.84 8.48 26.28
N GLY A 1 18.90 -4.11 4.79
CA GLY A 1 19.27 -3.89 3.39
C GLY A 1 18.72 -4.97 2.52
N SER A 2 17.71 -4.64 1.74
CA SER A 2 17.13 -5.60 0.83
C SER A 2 18.13 -5.82 -0.32
N SER A 3 18.36 -7.09 -0.67
CA SER A 3 19.40 -7.52 -1.60
C SER A 3 20.81 -7.31 -0.96
N SER A 4 21.16 -6.06 -0.73
CA SER A 4 22.39 -5.67 -0.07
C SER A 4 22.38 -4.15 0.08
N ARG A 5 22.59 -3.47 -1.03
CA ARG A 5 22.50 -2.02 -1.09
C ARG A 5 21.55 -1.72 -2.21
N ARG A 6 20.57 -0.90 -1.98
CA ARG A 6 19.57 -0.69 -3.00
C ARG A 6 19.25 0.79 -3.18
N ASN A 7 18.69 1.12 -4.31
CA ASN A 7 18.25 2.50 -4.56
C ASN A 7 16.73 2.58 -4.45
N ALA A 8 16.27 3.55 -3.69
CA ALA A 8 14.86 3.71 -3.30
C ALA A 8 13.97 4.26 -4.43
N TRP A 9 14.35 4.02 -5.64
CA TRP A 9 13.55 4.44 -6.76
C TRP A 9 13.44 3.33 -7.81
N GLY A 10 14.12 2.22 -7.55
CA GLY A 10 14.06 1.10 -8.49
C GLY A 10 14.12 -0.26 -7.80
N ASN A 11 14.65 -0.29 -6.60
CA ASN A 11 14.81 -1.52 -5.82
C ASN A 11 13.81 -1.57 -4.70
N LEU A 12 12.67 -1.02 -4.95
CA LEU A 12 11.63 -0.97 -3.96
C LEU A 12 10.89 -2.29 -3.96
N SER A 13 10.58 -2.76 -2.79
CA SER A 13 9.89 -3.99 -2.62
C SER A 13 8.40 -3.73 -2.63
N TYR A 14 7.58 -4.78 -2.57
CA TYR A 14 6.12 -4.64 -2.65
C TYR A 14 5.62 -3.61 -1.65
N ALA A 15 6.08 -3.75 -0.40
CA ALA A 15 5.68 -2.85 0.70
C ALA A 15 6.04 -1.40 0.41
N ASP A 16 7.24 -1.21 -0.12
CA ASP A 16 7.74 0.12 -0.46
C ASP A 16 6.86 0.73 -1.51
N LEU A 17 6.54 -0.05 -2.51
CA LEU A 17 5.73 0.38 -3.64
C LEU A 17 4.32 0.79 -3.21
N ILE A 18 3.71 0.00 -2.30
CA ILE A 18 2.37 0.32 -1.75
C ILE A 18 2.48 1.68 -1.15
N THR A 19 3.52 1.84 -0.35
CA THR A 19 3.81 3.05 0.31
C THR A 19 3.95 4.21 -0.68
N ARG A 20 4.69 4.00 -1.77
CA ARG A 20 4.97 5.03 -2.74
C ARG A 20 3.68 5.58 -3.31
N ALA A 21 2.74 4.69 -3.60
CA ALA A 21 1.44 5.09 -4.13
C ALA A 21 0.67 5.86 -3.07
N ILE A 22 0.53 5.25 -1.90
CA ILE A 22 -0.19 5.80 -0.77
C ILE A 22 0.29 7.24 -0.41
N GLU A 23 1.60 7.42 -0.38
CA GLU A 23 2.20 8.72 -0.09
C GLU A 23 2.00 9.73 -1.22
N SER A 24 1.71 9.25 -2.40
CA SER A 24 1.47 10.10 -3.53
C SER A 24 -0.05 10.31 -3.71
N SER A 25 -0.81 9.88 -2.71
CA SER A 25 -2.23 9.95 -2.74
C SER A 25 -2.71 11.08 -1.80
N PRO A 26 -4.05 11.37 -1.69
CA PRO A 26 -4.51 12.53 -0.95
C PRO A 26 -4.53 12.34 0.56
N ASP A 27 -5.33 11.42 1.06
CA ASP A 27 -5.49 11.31 2.51
C ASP A 27 -4.61 10.23 3.07
N LYS A 28 -3.81 9.60 2.21
CA LYS A 28 -2.92 8.49 2.60
C LYS A 28 -3.69 7.22 2.92
N ARG A 29 -4.99 7.23 2.70
CA ARG A 29 -5.73 6.01 2.76
C ARG A 29 -6.38 5.80 1.43
N LEU A 30 -6.15 4.63 0.85
CA LEU A 30 -6.62 4.25 -0.50
C LEU A 30 -6.95 2.78 -0.53
N THR A 31 -7.92 2.38 -1.31
CA THR A 31 -8.26 0.98 -1.47
C THR A 31 -7.13 0.30 -2.27
N LEU A 32 -7.06 -1.03 -2.28
CA LEU A 32 -5.98 -1.74 -3.01
C LEU A 32 -6.11 -1.42 -4.51
N SER A 33 -7.34 -1.22 -4.96
CA SER A 33 -7.58 -0.90 -6.35
C SER A 33 -7.00 0.46 -6.68
N GLN A 34 -7.33 1.47 -5.87
CA GLN A 34 -6.78 2.78 -6.17
C GLN A 34 -5.29 2.85 -5.88
N ILE A 35 -4.82 2.06 -4.92
CA ILE A 35 -3.38 1.97 -4.66
C ILE A 35 -2.68 1.43 -5.89
N TYR A 36 -3.29 0.42 -6.48
CA TYR A 36 -2.74 -0.20 -7.65
C TYR A 36 -2.63 0.79 -8.78
N GLU A 37 -3.68 1.54 -9.05
CA GLU A 37 -3.57 2.53 -10.09
C GLU A 37 -2.59 3.65 -9.71
N TRP A 38 -2.71 4.17 -8.47
CA TRP A 38 -1.79 5.21 -7.98
C TRP A 38 -0.34 4.80 -8.10
N MET A 39 -0.03 3.53 -7.84
CA MET A 39 1.31 3.09 -8.04
C MET A 39 1.66 3.08 -9.47
N VAL A 40 0.85 2.44 -10.33
CA VAL A 40 1.14 2.37 -11.79
C VAL A 40 1.36 3.78 -12.38
N ARG A 41 0.81 4.79 -11.72
CA ARG A 41 0.99 6.18 -12.14
C ARG A 41 2.43 6.67 -11.92
N CYS A 42 3.08 6.16 -10.89
CA CYS A 42 4.39 6.69 -10.46
C CYS A 42 5.51 5.63 -10.41
N VAL A 43 5.15 4.45 -10.00
CA VAL A 43 6.01 3.30 -9.78
C VAL A 43 6.83 2.95 -11.05
N PRO A 44 8.02 2.41 -10.87
CA PRO A 44 8.74 1.82 -11.99
C PRO A 44 8.33 0.33 -12.21
N TYR A 45 8.37 -0.44 -11.14
CA TYR A 45 8.18 -1.89 -11.15
C TYR A 45 6.78 -2.33 -11.62
N PHE A 46 5.76 -1.69 -11.11
CA PHE A 46 4.39 -2.06 -11.44
C PHE A 46 3.90 -1.56 -12.80
N LYS A 47 4.77 -0.95 -13.57
CA LYS A 47 4.43 -0.60 -14.95
C LYS A 47 4.18 -1.89 -15.74
N ASP A 48 5.12 -2.81 -15.62
CA ASP A 48 5.02 -4.12 -16.28
C ASP A 48 3.89 -4.91 -15.67
N LYS A 49 3.70 -4.72 -14.38
CA LYS A 49 2.68 -5.44 -13.65
C LYS A 49 1.33 -4.73 -13.81
N GLY A 50 1.35 -3.69 -14.64
CA GLY A 50 0.15 -3.02 -15.02
C GLY A 50 -0.44 -3.72 -16.21
N ASP A 51 0.34 -4.62 -16.75
CA ASP A 51 -0.04 -5.42 -17.88
C ASP A 51 -0.18 -6.87 -17.46
N SER A 52 -1.13 -7.57 -18.08
CA SER A 52 -1.35 -9.00 -17.88
C SER A 52 -1.84 -9.34 -16.47
N ASN A 53 -1.79 -10.63 -16.14
CA ASN A 53 -2.24 -11.18 -14.86
C ASN A 53 -1.40 -10.66 -13.71
N SER A 54 -0.26 -10.04 -14.04
CA SER A 54 0.64 -9.44 -13.11
C SER A 54 -0.07 -8.38 -12.25
N SER A 55 -1.18 -7.85 -12.77
CA SER A 55 -2.02 -6.93 -12.04
C SER A 55 -2.48 -7.63 -10.74
N ALA A 56 -3.37 -8.60 -10.88
CA ALA A 56 -3.86 -9.40 -9.74
C ALA A 56 -2.86 -10.52 -9.44
N GLY A 57 -1.62 -10.18 -9.61
CA GLY A 57 -0.52 -11.09 -9.51
C GLY A 57 0.46 -10.55 -8.52
N TRP A 58 0.89 -9.38 -8.79
CA TRP A 58 1.77 -8.70 -7.90
C TRP A 58 0.95 -7.95 -6.86
N LYS A 59 -0.22 -7.44 -7.27
CA LYS A 59 -1.13 -6.82 -6.32
C LYS A 59 -1.68 -7.80 -5.34
N ASN A 60 -1.87 -9.04 -5.77
CA ASN A 60 -2.41 -9.99 -4.84
C ASN A 60 -1.35 -10.34 -3.80
N SER A 61 -0.10 -10.26 -4.24
CA SER A 61 1.02 -10.54 -3.40
C SER A 61 1.26 -9.34 -2.44
N ILE A 62 0.96 -8.13 -2.93
CA ILE A 62 1.04 -6.89 -2.14
C ILE A 62 0.22 -7.00 -0.86
N ARG A 63 -0.91 -7.65 -0.96
CA ARG A 63 -1.88 -7.78 0.12
C ARG A 63 -1.25 -8.48 1.33
N HIS A 64 -0.33 -9.38 1.04
CA HIS A 64 0.39 -10.14 2.06
C HIS A 64 1.31 -9.20 2.85
N ASN A 65 1.80 -8.22 2.16
CA ASN A 65 2.75 -7.26 2.71
C ASN A 65 2.07 -6.29 3.66
N LEU A 66 0.80 -5.98 3.39
CA LEU A 66 0.03 -5.12 4.30
C LEU A 66 -0.21 -5.82 5.64
N SER A 67 -0.21 -7.14 5.59
CA SER A 67 -0.40 -7.95 6.76
C SER A 67 0.94 -8.40 7.39
N LEU A 68 2.03 -7.80 6.96
CA LEU A 68 3.34 -8.13 7.48
C LEU A 68 3.85 -7.05 8.41
N HIS A 69 4.21 -7.44 9.63
CA HIS A 69 4.87 -6.58 10.64
C HIS A 69 3.97 -5.47 11.20
N SER A 70 2.73 -5.39 10.71
CA SER A 70 1.76 -4.37 11.11
C SER A 70 2.29 -2.96 10.73
N ARG A 71 3.09 -2.92 9.67
CA ARG A 71 3.67 -1.67 9.17
C ARG A 71 2.72 -0.95 8.25
N PHE A 72 1.58 -1.55 8.05
CA PHE A 72 0.49 -0.98 7.28
C PHE A 72 -0.72 -1.21 8.11
N MET A 73 -1.63 -0.29 8.09
CA MET A 73 -2.82 -0.46 8.85
C MET A 73 -3.99 -0.19 7.99
N ARG A 74 -4.94 -1.02 8.10
CA ARG A 74 -6.11 -0.95 7.32
C ARG A 74 -7.15 -0.22 8.05
N VAL A 75 -7.70 0.68 7.34
CA VAL A 75 -8.55 1.65 7.87
C VAL A 75 -9.92 1.54 7.25
N GLN A 76 -10.88 1.81 8.03
CA GLN A 76 -12.22 1.79 7.58
C GLN A 76 -12.75 3.20 7.64
N ASN A 77 -13.97 3.32 7.28
CA ASN A 77 -14.64 4.59 7.29
C ASN A 77 -15.29 4.74 8.63
N GLU A 78 -15.91 5.85 8.88
CA GLU A 78 -16.52 6.06 10.15
C GLU A 78 -17.95 5.60 10.12
N GLY A 79 -18.09 4.34 9.90
CA GLY A 79 -19.36 3.71 9.89
C GLY A 79 -19.86 3.51 8.49
N THR A 80 -20.26 4.59 7.87
CA THR A 80 -20.77 4.53 6.52
C THR A 80 -19.60 4.43 5.54
N GLY A 81 -19.69 3.50 4.64
CA GLY A 81 -18.63 3.29 3.69
C GLY A 81 -18.34 1.83 3.53
N LYS A 82 -18.50 1.34 2.34
CA LYS A 82 -18.30 -0.07 2.05
C LYS A 82 -16.86 -0.31 1.62
N SER A 83 -16.27 0.69 1.01
CA SER A 83 -14.92 0.62 0.53
C SER A 83 -13.93 1.00 1.63
N SER A 84 -13.18 0.05 2.11
CA SER A 84 -12.20 0.28 3.15
C SER A 84 -10.91 0.82 2.52
N TRP A 85 -10.18 1.60 3.27
CA TRP A 85 -9.02 2.29 2.75
C TRP A 85 -7.77 1.73 3.44
N TRP A 86 -6.68 1.62 2.76
CA TRP A 86 -5.50 1.05 3.35
C TRP A 86 -4.42 2.13 3.46
N ILE A 87 -3.62 2.10 4.54
CA ILE A 87 -2.54 3.09 4.75
C ILE A 87 -1.29 2.36 5.22
N ILE A 88 -0.14 3.02 5.15
CA ILE A 88 1.04 2.47 5.77
C ILE A 88 0.99 2.96 7.20
N ASN A 89 1.24 2.11 8.16
CA ASN A 89 1.11 2.46 9.57
C ASN A 89 2.34 3.21 10.03
N PRO A 90 2.18 4.50 10.32
CA PRO A 90 3.26 5.33 10.82
C PRO A 90 3.37 5.23 12.36
N ASP A 91 2.23 4.97 12.97
CA ASP A 91 2.02 4.95 14.41
C ASP A 91 0.53 4.72 14.61
N GLY A 92 -0.24 5.50 13.87
CA GLY A 92 -1.68 5.37 13.86
C GLY A 92 -2.35 6.68 13.55
N GLY A 93 -1.87 7.35 12.52
CA GLY A 93 -2.36 8.68 12.20
C GLY A 93 -3.30 8.73 11.03
N LYS A 94 -4.45 8.08 11.18
CA LYS A 94 -5.58 8.15 10.24
C LYS A 94 -6.85 7.82 11.01
N SER A 95 -7.99 8.07 10.40
CA SER A 95 -9.32 7.87 11.00
C SER A 95 -9.72 6.38 11.06
N GLY A 96 -8.74 5.53 11.30
CA GLY A 96 -8.99 4.14 11.44
C GLY A 96 -9.10 3.81 12.88
N LYS A 97 -10.30 3.55 13.31
CA LYS A 97 -10.56 3.24 14.69
C LYS A 97 -10.11 1.83 14.99
N ALA A 98 -10.33 0.95 14.00
CA ALA A 98 -9.98 -0.46 14.05
C ALA A 98 -10.55 -1.15 15.30
N PRO A 99 -11.78 -1.65 15.23
CA PRO A 99 -12.46 -2.27 16.36
C PRO A 99 -12.08 -3.75 16.48
N ARG A 100 -10.94 -4.08 15.94
CA ARG A 100 -10.42 -5.41 15.92
C ARG A 100 -8.92 -5.36 16.06
N ARG A 101 -8.40 -6.15 16.96
CA ARG A 101 -6.98 -6.21 17.20
C ARG A 101 -6.36 -7.34 16.39
N ARG A 102 -7.19 -8.20 15.92
CA ARG A 102 -6.78 -9.29 15.06
C ARG A 102 -7.15 -8.97 13.65
N ALA A 103 -6.22 -9.11 12.77
CA ALA A 103 -6.43 -8.86 11.39
C ALA A 103 -6.39 -10.18 10.66
N GLY A 1 23.48 -6.03 8.88
CA GLY A 1 24.12 -6.48 7.65
C GLY A 1 24.73 -5.34 6.91
N SER A 2 25.33 -5.61 5.78
CA SER A 2 25.91 -4.59 4.96
C SER A 2 24.78 -3.88 4.23
N SER A 3 23.90 -4.69 3.61
CA SER A 3 22.74 -4.24 2.87
C SER A 3 23.13 -3.33 1.70
N SER A 4 22.16 -2.74 1.09
CA SER A 4 22.40 -1.83 0.04
C SER A 4 21.71 -0.52 0.36
N ARG A 5 22.35 0.55 0.03
CA ARG A 5 21.77 1.85 0.20
C ARG A 5 20.96 2.09 -1.03
N ARG A 6 19.72 1.74 -0.92
CA ARG A 6 18.87 1.65 -2.05
C ARG A 6 18.42 3.00 -2.57
N ASN A 7 18.34 3.11 -3.88
CA ASN A 7 17.67 4.24 -4.48
C ASN A 7 16.18 4.04 -4.31
N ALA A 8 15.53 4.99 -3.71
CA ALA A 8 14.12 4.87 -3.35
C ALA A 8 13.18 5.11 -4.52
N TRP A 9 13.71 5.06 -5.70
CA TRP A 9 12.92 5.18 -6.88
C TRP A 9 13.04 3.93 -7.77
N GLY A 10 13.82 2.97 -7.31
CA GLY A 10 13.99 1.76 -8.10
C GLY A 10 14.05 0.49 -7.27
N ASN A 11 14.79 0.53 -6.19
CA ASN A 11 15.02 -0.63 -5.30
C ASN A 11 13.86 -0.86 -4.34
N LEU A 12 12.72 -0.56 -4.79
CA LEU A 12 11.54 -0.59 -3.98
C LEU A 12 10.99 -1.98 -3.90
N SER A 13 10.74 -2.42 -2.69
CA SER A 13 10.16 -3.69 -2.44
C SER A 13 8.64 -3.55 -2.55
N TYR A 14 7.90 -4.62 -2.41
CA TYR A 14 6.45 -4.60 -2.60
C TYR A 14 5.78 -3.65 -1.63
N ALA A 15 6.15 -3.77 -0.35
CA ALA A 15 5.66 -2.88 0.70
C ALA A 15 5.96 -1.42 0.34
N ASP A 16 7.14 -1.21 -0.24
CA ASP A 16 7.58 0.12 -0.65
C ASP A 16 6.71 0.65 -1.77
N LEU A 17 6.43 -0.19 -2.75
CA LEU A 17 5.61 0.19 -3.92
C LEU A 17 4.24 0.70 -3.46
N ILE A 18 3.60 -0.09 -2.57
CA ILE A 18 2.28 0.26 -2.01
C ILE A 18 2.42 1.62 -1.38
N THR A 19 3.43 1.74 -0.55
CA THR A 19 3.76 2.92 0.13
C THR A 19 3.93 4.12 -0.82
N ARG A 20 4.66 3.93 -1.92
CA ARG A 20 4.95 4.99 -2.85
C ARG A 20 3.67 5.57 -3.39
N ALA A 21 2.75 4.67 -3.74
CA ALA A 21 1.46 5.11 -4.25
C ALA A 21 0.69 5.86 -3.18
N ILE A 22 0.63 5.25 -2.01
CA ILE A 22 -0.10 5.78 -0.87
C ILE A 22 0.41 7.18 -0.47
N GLU A 23 1.73 7.36 -0.43
CA GLU A 23 2.32 8.64 -0.09
C GLU A 23 2.11 9.68 -1.18
N SER A 24 1.82 9.22 -2.38
CA SER A 24 1.57 10.09 -3.49
C SER A 24 0.07 10.38 -3.64
N SER A 25 -0.72 9.84 -2.73
CA SER A 25 -2.13 9.94 -2.76
C SER A 25 -2.58 11.05 -1.78
N PRO A 26 -3.89 11.31 -1.56
CA PRO A 26 -4.30 12.43 -0.75
C PRO A 26 -4.23 12.16 0.75
N ASP A 27 -5.17 11.40 1.28
CA ASP A 27 -5.28 11.21 2.72
C ASP A 27 -4.46 10.02 3.21
N LYS A 28 -3.60 9.48 2.33
CA LYS A 28 -2.71 8.35 2.64
C LYS A 28 -3.47 7.07 2.90
N ARG A 29 -4.74 7.05 2.61
CA ARG A 29 -5.47 5.82 2.67
C ARG A 29 -6.16 5.62 1.36
N LEU A 30 -5.94 4.46 0.77
CA LEU A 30 -6.46 4.14 -0.58
C LEU A 30 -6.82 2.68 -0.64
N THR A 31 -7.82 2.33 -1.42
CA THR A 31 -8.15 0.92 -1.63
C THR A 31 -7.07 0.30 -2.50
N LEU A 32 -7.02 -1.02 -2.57
CA LEU A 32 -6.00 -1.71 -3.38
C LEU A 32 -6.20 -1.35 -4.85
N SER A 33 -7.43 -1.06 -5.22
CA SER A 33 -7.76 -0.67 -6.56
C SER A 33 -7.14 0.69 -6.88
N GLN A 34 -7.41 1.68 -6.02
CA GLN A 34 -6.83 2.97 -6.26
C GLN A 34 -5.32 2.97 -6.02
N ILE A 35 -4.83 2.11 -5.14
CA ILE A 35 -3.39 1.96 -4.96
C ILE A 35 -2.79 1.43 -6.23
N TYR A 36 -3.46 0.46 -6.86
CA TYR A 36 -2.99 -0.11 -8.10
C TYR A 36 -2.82 0.95 -9.16
N GLU A 37 -3.85 1.77 -9.34
CA GLU A 37 -3.74 2.81 -10.36
C GLU A 37 -2.70 3.86 -9.96
N TRP A 38 -2.78 4.37 -8.72
CA TRP A 38 -1.84 5.37 -8.22
C TRP A 38 -0.41 4.88 -8.27
N MET A 39 -0.23 3.59 -8.07
CA MET A 39 1.06 3.01 -8.17
C MET A 39 1.54 3.11 -9.57
N VAL A 40 0.80 2.50 -10.51
CA VAL A 40 1.17 2.46 -11.94
C VAL A 40 1.47 3.88 -12.47
N ARG A 41 0.88 4.87 -11.83
CA ARG A 41 1.14 6.25 -12.17
C ARG A 41 2.63 6.66 -11.94
N CYS A 42 3.22 6.27 -10.81
CA CYS A 42 4.55 6.77 -10.45
C CYS A 42 5.60 5.66 -10.18
N VAL A 43 5.12 4.46 -9.91
CA VAL A 43 5.93 3.30 -9.55
C VAL A 43 6.88 2.91 -10.71
N PRO A 44 8.02 2.35 -10.40
CA PRO A 44 8.88 1.76 -11.43
C PRO A 44 8.46 0.30 -11.76
N TYR A 45 8.32 -0.50 -10.72
CA TYR A 45 8.11 -1.94 -10.81
C TYR A 45 6.73 -2.30 -11.43
N PHE A 46 5.68 -1.71 -10.91
CA PHE A 46 4.32 -2.05 -11.33
C PHE A 46 3.94 -1.47 -12.70
N LYS A 47 4.88 -0.81 -13.37
CA LYS A 47 4.64 -0.34 -14.73
C LYS A 47 4.44 -1.55 -15.62
N ASP A 48 5.39 -2.47 -15.54
CA ASP A 48 5.36 -3.65 -16.38
C ASP A 48 4.25 -4.55 -15.94
N LYS A 49 4.07 -4.60 -14.65
CA LYS A 49 3.09 -5.46 -14.01
C LYS A 49 1.70 -4.88 -14.21
N GLY A 50 1.62 -3.66 -14.75
CA GLY A 50 0.36 -3.05 -15.00
C GLY A 50 -0.22 -3.55 -16.30
N ASP A 51 0.61 -4.20 -17.09
CA ASP A 51 0.22 -4.63 -18.42
C ASP A 51 -0.58 -5.95 -18.40
N SER A 52 -0.02 -6.97 -17.82
CA SER A 52 -0.66 -8.28 -17.84
C SER A 52 -1.18 -8.70 -16.45
N ASN A 53 -1.38 -10.01 -16.30
CA ASN A 53 -1.95 -10.66 -15.10
C ASN A 53 -1.19 -10.34 -13.81
N SER A 54 0.04 -9.89 -13.94
CA SER A 54 0.85 -9.45 -12.82
C SER A 54 0.21 -8.30 -12.03
N SER A 55 -0.79 -7.62 -12.60
CA SER A 55 -1.54 -6.64 -11.87
C SER A 55 -2.21 -7.36 -10.71
N ALA A 56 -3.18 -8.20 -11.03
CA ALA A 56 -3.78 -9.05 -10.05
C ALA A 56 -2.93 -10.31 -9.96
N GLY A 57 -1.74 -10.09 -9.47
CA GLY A 57 -0.72 -11.07 -9.42
C GLY A 57 0.30 -10.67 -8.43
N TRP A 58 0.73 -9.45 -8.54
CA TRP A 58 1.55 -8.92 -7.51
C TRP A 58 0.70 -8.18 -6.51
N LYS A 59 -0.53 -7.82 -6.93
CA LYS A 59 -1.50 -7.21 -6.04
C LYS A 59 -1.87 -8.18 -4.94
N ASN A 60 -1.90 -9.48 -5.28
CA ASN A 60 -2.33 -10.46 -4.29
C ASN A 60 -1.22 -10.67 -3.28
N SER A 61 0.00 -10.52 -3.74
CA SER A 61 1.16 -10.67 -2.91
C SER A 61 1.29 -9.44 -2.02
N ILE A 62 0.93 -8.28 -2.58
CA ILE A 62 0.92 -7.00 -1.88
C ILE A 62 0.09 -7.05 -0.61
N ARG A 63 -1.00 -7.78 -0.66
CA ARG A 63 -1.92 -7.85 0.47
C ARG A 63 -1.26 -8.46 1.70
N HIS A 64 -0.31 -9.36 1.47
CA HIS A 64 0.42 -10.01 2.55
C HIS A 64 1.34 -8.99 3.20
N ASN A 65 1.92 -8.13 2.37
CA ASN A 65 2.83 -7.06 2.80
C ASN A 65 2.14 -6.13 3.77
N LEU A 66 0.84 -5.94 3.56
CA LEU A 66 0.02 -5.09 4.44
C LEU A 66 -0.20 -5.68 5.84
N SER A 67 0.38 -6.81 6.11
CA SER A 67 0.30 -7.40 7.43
C SER A 67 1.69 -7.71 7.99
N LEU A 68 2.71 -7.53 7.17
CA LEU A 68 4.07 -7.89 7.56
C LEU A 68 4.67 -6.82 8.44
N HIS A 69 5.12 -7.24 9.63
CA HIS A 69 5.78 -6.37 10.63
C HIS A 69 4.84 -5.25 11.12
N SER A 70 3.55 -5.42 10.84
CA SER A 70 2.51 -4.40 11.09
C SER A 70 2.90 -3.03 10.51
N ARG A 71 3.60 -3.07 9.35
CA ARG A 71 4.07 -1.84 8.69
C ARG A 71 2.96 -1.15 7.93
N PHE A 72 1.78 -1.69 7.97
CA PHE A 72 0.62 -1.12 7.32
C PHE A 72 -0.52 -1.30 8.26
N MET A 73 -1.54 -0.51 8.10
CA MET A 73 -2.71 -0.64 8.91
C MET A 73 -3.88 -0.36 8.03
N ARG A 74 -4.99 -0.85 8.41
CA ARG A 74 -6.11 -0.83 7.53
C ARG A 74 -7.23 -0.08 8.11
N VAL A 75 -7.59 0.88 7.38
CA VAL A 75 -8.63 1.73 7.70
C VAL A 75 -9.87 1.28 6.91
N GLN A 76 -11.02 1.51 7.40
CA GLN A 76 -12.20 1.10 6.69
C GLN A 76 -12.99 2.31 6.30
N ASN A 77 -14.10 2.10 5.60
CA ASN A 77 -14.98 3.21 5.22
C ASN A 77 -15.49 3.95 6.43
N GLU A 78 -15.90 5.16 6.21
CA GLU A 78 -16.30 6.04 7.28
C GLU A 78 -17.61 5.60 7.89
N GLY A 79 -18.55 5.23 7.05
CA GLY A 79 -19.84 4.84 7.53
C GLY A 79 -20.01 3.35 7.65
N THR A 80 -20.46 2.72 6.60
CA THR A 80 -20.69 1.31 6.62
C THR A 80 -19.54 0.54 5.97
N GLY A 81 -19.40 -0.72 6.35
CA GLY A 81 -18.36 -1.56 5.82
C GLY A 81 -18.69 -2.04 4.42
N LYS A 82 -18.26 -1.28 3.46
CA LYS A 82 -18.42 -1.63 2.06
C LYS A 82 -17.06 -1.96 1.49
N SER A 83 -16.16 -1.04 1.64
CA SER A 83 -14.82 -1.14 1.19
C SER A 83 -13.90 -0.76 2.36
N SER A 84 -12.64 -0.65 2.10
CA SER A 84 -11.65 -0.32 3.10
C SER A 84 -10.49 0.37 2.43
N TRP A 85 -9.79 1.18 3.17
CA TRP A 85 -8.66 1.91 2.64
C TRP A 85 -7.43 1.32 3.28
N TRP A 86 -6.36 1.36 2.62
CA TRP A 86 -5.18 0.78 3.17
C TRP A 86 -4.14 1.87 3.32
N ILE A 87 -3.41 1.86 4.45
CA ILE A 87 -2.33 2.84 4.67
C ILE A 87 -1.09 2.12 5.16
N ILE A 88 0.05 2.78 5.08
CA ILE A 88 1.27 2.24 5.66
C ILE A 88 1.26 2.73 7.10
N ASN A 89 1.63 1.90 8.03
CA ASN A 89 1.56 2.22 9.44
C ASN A 89 2.87 2.82 9.90
N PRO A 90 2.88 4.12 10.17
CA PRO A 90 4.06 4.79 10.71
C PRO A 90 4.09 4.65 12.24
N ASP A 91 2.90 4.55 12.82
CA ASP A 91 2.64 4.49 14.23
C ASP A 91 1.13 4.35 14.36
N GLY A 92 0.43 5.11 13.53
CA GLY A 92 -1.01 5.10 13.47
C GLY A 92 -1.46 6.45 12.96
N GLY A 93 -1.11 6.72 11.70
CA GLY A 93 -1.39 8.02 11.09
C GLY A 93 -2.86 8.29 10.95
N LYS A 94 -3.55 7.44 10.23
CA LYS A 94 -4.98 7.57 10.06
C LYS A 94 -5.69 6.98 11.26
N SER A 95 -6.79 7.56 11.62
CA SER A 95 -7.56 7.08 12.70
C SER A 95 -8.59 6.10 12.16
N GLY A 96 -8.34 4.83 12.36
CA GLY A 96 -9.24 3.82 11.90
C GLY A 96 -10.25 3.50 12.96
N LYS A 97 -10.77 2.31 12.95
CA LYS A 97 -11.70 1.92 13.97
C LYS A 97 -10.96 1.31 15.14
N ALA A 98 -10.35 2.17 15.91
CA ALA A 98 -9.60 1.79 17.07
C ALA A 98 -10.18 2.47 18.30
N PRO A 99 -10.57 1.70 19.31
CA PRO A 99 -11.18 2.23 20.53
C PRO A 99 -10.15 2.78 21.53
N ARG A 100 -8.89 2.80 21.13
CA ARG A 100 -7.81 3.28 21.97
C ARG A 100 -6.88 4.15 21.16
N ARG A 101 -6.48 5.25 21.78
CA ARG A 101 -5.62 6.27 21.19
C ARG A 101 -6.32 6.96 20.02
N ARG A 102 -7.36 7.67 20.37
CA ARG A 102 -8.10 8.45 19.42
C ARG A 102 -7.59 9.87 19.46
N ALA A 103 -6.54 10.11 18.72
CA ALA A 103 -5.96 11.40 18.64
C ALA A 103 -6.52 12.10 17.43
N GLY A 1 29.11 0.53 -2.92
CA GLY A 1 28.63 -0.61 -3.69
C GLY A 1 28.11 -1.67 -2.79
N SER A 2 27.46 -2.67 -3.37
CA SER A 2 26.82 -3.75 -2.64
C SER A 2 25.78 -3.20 -1.66
N SER A 3 24.62 -2.88 -2.21
CA SER A 3 23.49 -2.30 -1.49
C SER A 3 23.77 -0.83 -1.09
N SER A 4 24.66 -0.63 -0.11
CA SER A 4 25.00 0.67 0.45
C SER A 4 23.77 1.33 1.10
N ARG A 5 22.90 1.93 0.32
CA ARG A 5 21.65 2.47 0.83
C ARG A 5 20.52 2.16 -0.11
N ARG A 6 20.82 1.34 -1.14
CA ARG A 6 19.89 0.89 -2.22
C ARG A 6 19.38 2.09 -3.05
N ASN A 7 18.83 1.82 -4.20
CA ASN A 7 18.20 2.89 -4.93
C ASN A 7 16.74 2.90 -4.64
N ALA A 8 16.24 4.06 -4.43
CA ALA A 8 14.87 4.29 -4.04
C ALA A 8 13.90 4.23 -5.21
N TRP A 9 14.15 3.33 -6.11
CA TRP A 9 13.28 3.11 -7.19
C TRP A 9 13.35 1.68 -7.65
N GLY A 10 14.54 1.23 -7.97
CA GLY A 10 14.68 -0.10 -8.50
C GLY A 10 14.79 -1.16 -7.41
N ASN A 11 15.22 -0.73 -6.24
CA ASN A 11 15.36 -1.64 -5.11
C ASN A 11 14.25 -1.48 -4.12
N LEU A 12 13.23 -0.76 -4.50
CA LEU A 12 12.06 -0.61 -3.68
C LEU A 12 11.36 -1.94 -3.62
N SER A 13 10.96 -2.33 -2.46
CA SER A 13 10.29 -3.57 -2.29
C SER A 13 8.79 -3.35 -2.43
N TYR A 14 7.99 -4.40 -2.37
CA TYR A 14 6.56 -4.29 -2.58
C TYR A 14 5.94 -3.31 -1.63
N ALA A 15 6.29 -3.44 -0.35
CA ALA A 15 5.80 -2.56 0.71
C ALA A 15 6.15 -1.09 0.40
N ASP A 16 7.35 -0.88 -0.14
CA ASP A 16 7.83 0.46 -0.51
C ASP A 16 6.99 1.03 -1.62
N LEU A 17 6.64 0.18 -2.56
CA LEU A 17 5.86 0.58 -3.72
C LEU A 17 4.45 1.02 -3.32
N ILE A 18 3.84 0.24 -2.41
CA ILE A 18 2.51 0.56 -1.88
C ILE A 18 2.63 1.94 -1.24
N THR A 19 3.68 2.11 -0.45
CA THR A 19 4.06 3.36 0.15
C THR A 19 4.19 4.50 -0.90
N ARG A 20 4.85 4.22 -2.04
CA ARG A 20 5.07 5.21 -3.10
C ARG A 20 3.75 5.79 -3.54
N ALA A 21 2.77 4.92 -3.67
CA ALA A 21 1.43 5.36 -4.05
C ALA A 21 0.73 6.06 -2.91
N ILE A 22 0.66 5.39 -1.77
CA ILE A 22 -0.09 5.85 -0.60
C ILE A 22 0.41 7.22 -0.12
N GLU A 23 1.72 7.42 -0.13
CA GLU A 23 2.28 8.68 0.31
C GLU A 23 2.13 9.76 -0.75
N SER A 24 1.79 9.36 -1.95
CA SER A 24 1.58 10.29 -3.02
C SER A 24 0.06 10.48 -3.20
N SER A 25 -0.69 10.08 -2.19
CA SER A 25 -2.09 10.15 -2.18
C SER A 25 -2.54 11.22 -1.15
N PRO A 26 -3.86 11.52 -1.00
CA PRO A 26 -4.30 12.62 -0.18
C PRO A 26 -4.29 12.35 1.33
N ASP A 27 -5.14 11.44 1.78
CA ASP A 27 -5.30 11.21 3.22
C ASP A 27 -4.47 10.03 3.66
N LYS A 28 -3.63 9.53 2.74
CA LYS A 28 -2.73 8.39 2.97
C LYS A 28 -3.51 7.10 3.17
N ARG A 29 -4.78 7.10 2.84
CA ARG A 29 -5.53 5.87 2.84
C ARG A 29 -6.22 5.73 1.53
N LEU A 30 -6.01 4.60 0.90
CA LEU A 30 -6.54 4.34 -0.45
C LEU A 30 -6.95 2.91 -0.54
N THR A 31 -7.89 2.60 -1.40
CA THR A 31 -8.28 1.23 -1.61
C THR A 31 -7.18 0.54 -2.41
N LEU A 32 -7.12 -0.78 -2.35
CA LEU A 32 -6.09 -1.55 -3.03
C LEU A 32 -6.19 -1.27 -4.53
N SER A 33 -7.40 -1.01 -4.98
CA SER A 33 -7.68 -0.69 -6.34
C SER A 33 -7.00 0.64 -6.71
N GLN A 34 -7.32 1.70 -5.96
CA GLN A 34 -6.76 2.99 -6.29
C GLN A 34 -5.27 3.05 -5.99
N ILE A 35 -4.80 2.27 -5.01
CA ILE A 35 -3.36 2.20 -4.71
C ILE A 35 -2.66 1.62 -5.90
N TYR A 36 -3.20 0.52 -6.41
CA TYR A 36 -2.58 -0.18 -7.49
C TYR A 36 -2.45 0.72 -8.68
N GLU A 37 -3.51 1.42 -9.02
CA GLU A 37 -3.43 2.35 -10.14
C GLU A 37 -2.52 3.57 -9.84
N TRP A 38 -2.66 4.18 -8.63
CA TRP A 38 -1.78 5.30 -8.22
C TRP A 38 -0.32 4.91 -8.27
N MET A 39 -0.08 3.66 -7.97
CA MET A 39 1.22 3.08 -8.08
C MET A 39 1.65 3.07 -9.51
N VAL A 40 0.88 2.39 -10.38
CA VAL A 40 1.18 2.30 -11.84
C VAL A 40 1.42 3.69 -12.46
N ARG A 41 0.87 4.71 -11.85
CA ARG A 41 1.09 6.07 -12.28
C ARG A 41 2.58 6.51 -12.12
N CYS A 42 3.20 6.18 -10.99
CA CYS A 42 4.52 6.76 -10.64
C CYS A 42 5.61 5.68 -10.37
N VAL A 43 5.19 4.47 -10.15
CA VAL A 43 6.03 3.34 -9.77
C VAL A 43 6.99 2.92 -10.93
N PRO A 44 8.12 2.36 -10.61
CA PRO A 44 8.93 1.67 -11.60
C PRO A 44 8.41 0.24 -11.89
N TYR A 45 8.52 -0.61 -10.87
CA TYR A 45 8.20 -2.05 -10.95
C TYR A 45 6.79 -2.36 -11.49
N PHE A 46 5.80 -1.75 -10.88
CA PHE A 46 4.39 -2.05 -11.23
C PHE A 46 3.90 -1.45 -12.55
N LYS A 47 4.77 -0.80 -13.29
CA LYS A 47 4.41 -0.30 -14.62
C LYS A 47 4.05 -1.50 -15.50
N ASP A 48 4.95 -2.45 -15.52
CA ASP A 48 4.80 -3.65 -16.32
C ASP A 48 3.69 -4.49 -15.75
N LYS A 49 3.58 -4.44 -14.44
CA LYS A 49 2.62 -5.24 -13.73
C LYS A 49 1.23 -4.64 -13.83
N GLY A 50 1.14 -3.44 -14.41
CA GLY A 50 -0.15 -2.87 -14.62
C GLY A 50 -0.67 -3.29 -15.97
N ASP A 51 0.24 -3.78 -16.78
CA ASP A 51 -0.03 -4.18 -18.14
C ASP A 51 -0.38 -5.66 -18.20
N SER A 52 0.46 -6.47 -17.61
CA SER A 52 0.32 -7.90 -17.65
C SER A 52 -0.67 -8.44 -16.59
N ASN A 53 -0.81 -9.78 -16.54
CA ASN A 53 -1.72 -10.47 -15.60
C ASN A 53 -1.28 -10.29 -14.17
N SER A 54 -0.05 -9.85 -14.03
CA SER A 54 0.61 -9.49 -12.81
C SER A 54 -0.20 -8.51 -11.93
N SER A 55 -1.21 -7.84 -12.51
CA SER A 55 -2.13 -7.04 -11.72
C SER A 55 -2.76 -7.98 -10.67
N ALA A 56 -3.44 -8.99 -11.18
CA ALA A 56 -4.02 -10.07 -10.40
C ALA A 56 -2.91 -11.07 -10.09
N GLY A 57 -1.82 -10.53 -9.65
CA GLY A 57 -0.64 -11.24 -9.41
C GLY A 57 0.06 -10.67 -8.23
N TRP A 58 0.65 -9.54 -8.44
CA TRP A 58 1.40 -8.87 -7.44
C TRP A 58 0.49 -8.07 -6.52
N LYS A 59 -0.72 -7.73 -6.97
CA LYS A 59 -1.67 -7.10 -6.05
C LYS A 59 -2.11 -8.08 -5.00
N ASN A 60 -2.13 -9.34 -5.39
CA ASN A 60 -2.52 -10.39 -4.48
C ASN A 60 -1.49 -10.47 -3.40
N SER A 61 -0.27 -10.48 -3.88
CA SER A 61 0.89 -10.62 -3.08
C SER A 61 1.11 -9.36 -2.21
N ILE A 62 0.77 -8.19 -2.76
CA ILE A 62 0.86 -6.92 -2.05
C ILE A 62 0.07 -6.94 -0.76
N ARG A 63 -1.06 -7.59 -0.80
CA ARG A 63 -1.96 -7.72 0.34
C ARG A 63 -1.25 -8.44 1.50
N HIS A 64 -0.33 -9.32 1.15
CA HIS A 64 0.44 -10.08 2.12
C HIS A 64 1.40 -9.14 2.82
N ASN A 65 1.97 -8.22 2.05
CA ASN A 65 2.94 -7.22 2.55
C ASN A 65 2.29 -6.30 3.56
N LEU A 66 1.02 -6.02 3.36
CA LEU A 66 0.25 -5.22 4.30
C LEU A 66 0.04 -5.95 5.61
N SER A 67 -0.05 -7.26 5.53
CA SER A 67 -0.29 -8.09 6.69
C SER A 67 1.01 -8.40 7.44
N LEU A 68 2.13 -8.05 6.86
CA LEU A 68 3.41 -8.33 7.46
C LEU A 68 3.76 -7.24 8.46
N HIS A 69 4.07 -7.67 9.68
CA HIS A 69 4.47 -6.78 10.79
C HIS A 69 3.29 -5.86 11.15
N SER A 70 3.57 -4.76 11.78
CA SER A 70 2.56 -3.79 12.10
C SER A 70 2.82 -2.51 11.31
N ARG A 71 3.47 -2.71 10.16
CA ARG A 71 3.90 -1.59 9.31
C ARG A 71 2.79 -1.02 8.47
N PHE A 72 1.67 -1.66 8.41
CA PHE A 72 0.53 -1.18 7.65
C PHE A 72 -0.68 -1.35 8.51
N MET A 73 -1.70 -0.58 8.25
CA MET A 73 -2.91 -0.71 8.97
C MET A 73 -4.05 -0.41 8.03
N ARG A 74 -5.17 -0.99 8.30
CA ARG A 74 -6.29 -0.91 7.41
C ARG A 74 -7.32 -0.11 8.06
N VAL A 75 -7.95 0.66 7.26
CA VAL A 75 -8.83 1.64 7.69
C VAL A 75 -10.20 1.41 7.07
N GLN A 76 -11.21 1.72 7.80
CA GLN A 76 -12.55 1.57 7.34
C GLN A 76 -13.15 2.93 6.98
N ASN A 77 -14.40 2.95 6.56
CA ASN A 77 -15.04 4.19 6.14
C ASN A 77 -15.44 5.06 7.31
N GLU A 78 -16.08 6.16 7.02
CA GLU A 78 -16.38 7.19 8.02
C GLU A 78 -17.63 6.82 8.83
N GLY A 79 -18.03 5.60 8.72
CA GLY A 79 -19.24 5.13 9.36
C GLY A 79 -20.23 4.78 8.31
N THR A 80 -20.21 5.57 7.29
CA THR A 80 -20.99 5.38 6.12
C THR A 80 -20.10 4.82 5.02
N GLY A 81 -20.43 3.65 4.56
CA GLY A 81 -19.67 3.04 3.50
C GLY A 81 -19.10 1.73 3.93
N LYS A 82 -19.01 0.81 3.02
CA LYS A 82 -18.52 -0.53 3.32
C LYS A 82 -17.15 -0.71 2.66
N SER A 83 -16.54 0.38 2.32
CA SER A 83 -15.26 0.35 1.69
C SER A 83 -14.16 0.26 2.76
N SER A 84 -13.02 -0.20 2.37
CA SER A 84 -11.87 -0.27 3.21
C SER A 84 -10.72 0.47 2.52
N TRP A 85 -9.98 1.22 3.27
CA TRP A 85 -8.83 1.91 2.76
C TRP A 85 -7.63 1.24 3.37
N TRP A 86 -6.52 1.36 2.75
CA TRP A 86 -5.33 0.74 3.27
C TRP A 86 -4.28 1.83 3.41
N ILE A 87 -3.51 1.79 4.51
CA ILE A 87 -2.43 2.77 4.75
C ILE A 87 -1.19 2.05 5.28
N ILE A 88 -0.05 2.72 5.23
CA ILE A 88 1.13 2.24 5.88
C ILE A 88 1.07 2.84 7.26
N ASN A 89 1.27 2.06 8.27
CA ASN A 89 1.14 2.51 9.64
C ASN A 89 2.34 3.35 10.03
N PRO A 90 2.12 4.62 10.32
CA PRO A 90 3.18 5.48 10.80
C PRO A 90 3.40 5.29 12.31
N ASP A 91 2.28 4.99 12.99
CA ASP A 91 2.19 4.81 14.45
C ASP A 91 0.71 4.71 14.81
N GLY A 92 -0.03 5.73 14.40
CA GLY A 92 -1.45 5.76 14.64
C GLY A 92 -2.06 6.97 14.01
N GLY A 93 -2.06 7.00 12.70
CA GLY A 93 -2.58 8.15 11.98
C GLY A 93 -4.06 8.01 11.70
N LYS A 94 -4.38 7.30 10.64
CA LYS A 94 -5.76 7.06 10.27
C LYS A 94 -6.35 6.06 11.25
N SER A 95 -7.56 6.29 11.70
CA SER A 95 -8.25 5.36 12.58
C SER A 95 -8.59 4.10 11.78
N GLY A 96 -8.16 2.96 12.28
CA GLY A 96 -8.32 1.72 11.56
C GLY A 96 -9.73 1.16 11.58
N LYS A 97 -9.92 0.15 12.37
CA LYS A 97 -11.20 -0.52 12.48
C LYS A 97 -12.05 0.16 13.52
N ALA A 98 -11.43 0.50 14.62
CA ALA A 98 -12.11 1.08 15.76
C ALA A 98 -12.56 2.52 15.46
N PRO A 99 -13.88 2.77 15.42
CA PRO A 99 -14.45 4.09 15.13
C PRO A 99 -14.35 5.00 16.35
N ARG A 100 -13.79 4.44 17.40
CA ARG A 100 -13.58 5.14 18.65
C ARG A 100 -12.43 6.11 18.50
N ARG A 101 -11.62 5.88 17.43
CA ARG A 101 -10.38 6.65 17.17
C ARG A 101 -9.37 6.37 18.29
N ARG A 102 -9.63 5.28 18.95
CA ARG A 102 -8.87 4.75 20.04
C ARG A 102 -8.96 3.25 19.95
N ALA A 103 -7.85 2.61 19.90
CA ALA A 103 -7.82 1.18 19.78
C ALA A 103 -7.27 0.59 21.07
N GLY A 1 25.81 -8.35 4.50
CA GLY A 1 24.58 -9.09 4.76
C GLY A 1 23.82 -9.28 3.50
N SER A 2 22.55 -8.93 3.53
CA SER A 2 21.73 -9.02 2.35
C SER A 2 22.06 -7.85 1.40
N SER A 3 21.52 -7.89 0.19
CA SER A 3 21.70 -6.84 -0.79
C SER A 3 21.27 -5.50 -0.19
N SER A 4 22.21 -4.65 0.08
CA SER A 4 21.96 -3.37 0.67
C SER A 4 22.42 -2.33 -0.30
N ARG A 5 21.87 -1.11 -0.20
CA ARG A 5 22.14 -0.01 -1.12
C ARG A 5 21.47 -0.30 -2.45
N ARG A 6 20.37 0.32 -2.66
CA ARG A 6 19.57 0.08 -3.82
C ARG A 6 19.02 1.41 -4.30
N ASN A 7 18.37 1.41 -5.43
CA ASN A 7 17.70 2.62 -5.86
C ASN A 7 16.30 2.62 -5.32
N ALA A 8 15.90 3.75 -4.84
CA ALA A 8 14.65 3.91 -4.13
C ALA A 8 13.45 4.13 -5.05
N TRP A 9 13.54 3.64 -6.23
CA TRP A 9 12.44 3.73 -7.13
C TRP A 9 12.22 2.40 -7.82
N GLY A 10 13.28 1.78 -8.26
CA GLY A 10 13.14 0.54 -8.99
C GLY A 10 13.39 -0.70 -8.18
N ASN A 11 14.14 -0.57 -7.11
CA ASN A 11 14.53 -1.75 -6.32
C ASN A 11 13.68 -1.82 -5.06
N LEU A 12 12.59 -1.10 -5.06
CA LEU A 12 11.70 -1.05 -3.92
C LEU A 12 10.99 -2.37 -3.73
N SER A 13 10.66 -2.68 -2.49
CA SER A 13 10.00 -3.91 -2.16
C SER A 13 8.50 -3.72 -2.39
N TYR A 14 7.69 -4.81 -2.29
CA TYR A 14 6.23 -4.67 -2.52
C TYR A 14 5.67 -3.61 -1.64
N ALA A 15 6.03 -3.71 -0.35
CA ALA A 15 5.55 -2.83 0.69
C ALA A 15 5.88 -1.38 0.39
N ASP A 16 7.05 -1.19 -0.16
CA ASP A 16 7.56 0.13 -0.46
C ASP A 16 6.81 0.73 -1.62
N LEU A 17 6.53 -0.09 -2.60
CA LEU A 17 5.77 0.34 -3.78
C LEU A 17 4.34 0.77 -3.38
N ILE A 18 3.69 -0.04 -2.50
CA ILE A 18 2.34 0.26 -1.96
C ILE A 18 2.43 1.63 -1.34
N THR A 19 3.46 1.77 -0.53
CA THR A 19 3.76 2.97 0.15
C THR A 19 3.91 4.17 -0.80
N ARG A 20 4.66 3.99 -1.90
CA ARG A 20 4.89 5.07 -2.86
C ARG A 20 3.57 5.57 -3.40
N ALA A 21 2.68 4.64 -3.70
CA ALA A 21 1.35 5.01 -4.21
C ALA A 21 0.52 5.72 -3.15
N ILE A 22 0.47 5.13 -1.97
CA ILE A 22 -0.27 5.66 -0.83
C ILE A 22 0.20 7.10 -0.48
N GLU A 23 1.50 7.31 -0.51
CA GLU A 23 2.10 8.61 -0.25
C GLU A 23 1.82 9.61 -1.38
N SER A 24 1.46 9.10 -2.52
CA SER A 24 1.13 9.93 -3.66
C SER A 24 -0.37 10.22 -3.70
N SER A 25 -1.06 9.76 -2.68
CA SER A 25 -2.47 9.86 -2.61
C SER A 25 -2.90 11.01 -1.68
N PRO A 26 -4.23 11.29 -1.52
CA PRO A 26 -4.67 12.45 -0.77
C PRO A 26 -4.56 12.29 0.76
N ASP A 27 -5.36 11.40 1.32
CA ASP A 27 -5.45 11.26 2.77
C ASP A 27 -4.63 10.08 3.23
N LYS A 28 -3.82 9.52 2.32
CA LYS A 28 -2.94 8.37 2.59
C LYS A 28 -3.69 7.08 2.86
N ARG A 29 -4.98 7.06 2.65
CA ARG A 29 -5.69 5.81 2.75
C ARG A 29 -6.41 5.55 1.46
N LEU A 30 -6.16 4.39 0.89
CA LEU A 30 -6.71 4.03 -0.41
C LEU A 30 -7.04 2.57 -0.42
N THR A 31 -7.96 2.20 -1.26
CA THR A 31 -8.25 0.80 -1.46
C THR A 31 -7.10 0.20 -2.30
N LEU A 32 -7.03 -1.12 -2.42
CA LEU A 32 -5.99 -1.76 -3.23
C LEU A 32 -6.16 -1.33 -4.69
N SER A 33 -7.37 -0.96 -5.04
CA SER A 33 -7.68 -0.49 -6.36
C SER A 33 -7.03 0.87 -6.60
N GLN A 34 -7.21 1.80 -5.64
CA GLN A 34 -6.61 3.11 -5.83
C GLN A 34 -5.11 3.03 -5.67
N ILE A 35 -4.63 2.12 -4.84
CA ILE A 35 -3.19 1.93 -4.69
C ILE A 35 -2.62 1.39 -5.99
N TYR A 36 -3.36 0.48 -6.62
CA TYR A 36 -2.93 -0.09 -7.88
C TYR A 36 -2.80 0.99 -8.92
N GLU A 37 -3.81 1.85 -9.05
CA GLU A 37 -3.76 2.89 -10.06
C GLU A 37 -2.67 3.92 -9.71
N TRP A 38 -2.68 4.42 -8.46
CA TRP A 38 -1.71 5.38 -7.98
C TRP A 38 -0.31 4.88 -8.10
N MET A 39 -0.15 3.58 -7.94
CA MET A 39 1.13 3.01 -8.14
C MET A 39 1.50 3.10 -9.57
N VAL A 40 0.71 2.48 -10.45
CA VAL A 40 0.98 2.44 -11.92
C VAL A 40 1.26 3.86 -12.49
N ARG A 41 0.74 4.87 -11.81
CA ARG A 41 1.00 6.26 -12.17
C ARG A 41 2.50 6.63 -12.05
N CYS A 42 3.15 6.15 -11.01
CA CYS A 42 4.54 6.57 -10.71
C CYS A 42 5.53 5.40 -10.62
N VAL A 43 5.05 4.26 -10.20
CA VAL A 43 5.85 3.08 -10.00
C VAL A 43 6.50 2.64 -11.33
N PRO A 44 7.73 2.18 -11.27
CA PRO A 44 8.38 1.63 -12.46
C PRO A 44 8.13 0.12 -12.57
N TYR A 45 8.02 -0.51 -11.44
CA TYR A 45 7.92 -1.93 -11.31
C TYR A 45 6.52 -2.41 -11.69
N PHE A 46 5.51 -1.86 -11.05
CA PHE A 46 4.11 -2.21 -11.35
C PHE A 46 3.62 -1.62 -12.65
N LYS A 47 4.50 -0.90 -13.33
CA LYS A 47 4.19 -0.38 -14.63
C LYS A 47 4.08 -1.58 -15.56
N ASP A 48 5.10 -2.42 -15.48
CA ASP A 48 5.19 -3.65 -16.27
C ASP A 48 4.08 -4.61 -15.86
N LYS A 49 3.83 -4.67 -14.57
CA LYS A 49 2.82 -5.56 -14.00
C LYS A 49 1.43 -5.02 -14.32
N GLY A 50 1.39 -3.80 -14.85
CA GLY A 50 0.15 -3.18 -15.21
C GLY A 50 -0.32 -3.68 -16.56
N ASP A 51 0.57 -4.37 -17.28
CA ASP A 51 0.24 -4.84 -18.63
C ASP A 51 0.00 -6.32 -18.64
N SER A 52 0.11 -6.94 -17.52
CA SER A 52 0.07 -8.39 -17.47
C SER A 52 -0.77 -8.93 -16.32
N ASN A 53 -0.77 -10.26 -16.16
CA ASN A 53 -1.52 -10.94 -15.09
C ASN A 53 -0.92 -10.62 -13.75
N SER A 54 0.35 -10.23 -13.79
CA SER A 54 1.14 -9.77 -12.68
C SER A 54 0.47 -8.64 -11.88
N SER A 55 -0.53 -8.00 -12.46
CA SER A 55 -1.33 -7.04 -11.77
C SER A 55 -1.95 -7.73 -10.53
N ALA A 56 -2.79 -8.71 -10.79
CA ALA A 56 -3.42 -9.55 -9.76
C ALA A 56 -2.44 -10.67 -9.36
N GLY A 57 -1.20 -10.31 -9.35
CA GLY A 57 -0.11 -11.20 -9.13
C GLY A 57 0.72 -10.63 -8.05
N TRP A 58 1.38 -9.58 -8.39
CA TRP A 58 2.18 -8.86 -7.47
C TRP A 58 1.30 -8.10 -6.50
N LYS A 59 0.11 -7.67 -6.95
CA LYS A 59 -0.84 -7.03 -6.04
C LYS A 59 -1.44 -8.03 -5.06
N ASN A 60 -1.61 -9.28 -5.50
CA ASN A 60 -2.21 -10.24 -4.58
C ASN A 60 -1.18 -10.60 -3.52
N SER A 61 0.06 -10.55 -3.95
CA SER A 61 1.18 -10.78 -3.10
C SER A 61 1.36 -9.56 -2.16
N ILE A 62 1.09 -8.36 -2.69
CA ILE A 62 1.10 -7.09 -1.91
C ILE A 62 0.21 -7.19 -0.69
N ARG A 63 -0.91 -7.83 -0.88
CA ARG A 63 -1.92 -7.99 0.16
C ARG A 63 -1.36 -8.68 1.40
N HIS A 64 -0.37 -9.53 1.20
CA HIS A 64 0.31 -10.22 2.29
C HIS A 64 1.22 -9.24 3.05
N ASN A 65 1.79 -8.32 2.30
CA ASN A 65 2.75 -7.34 2.83
C ASN A 65 2.10 -6.37 3.77
N LEU A 66 0.81 -6.14 3.57
CA LEU A 66 0.04 -5.28 4.47
C LEU A 66 -0.18 -5.96 5.83
N SER A 67 0.21 -7.22 5.94
CA SER A 67 0.04 -7.95 7.16
C SER A 67 1.34 -8.63 7.59
N LEU A 68 2.48 -8.20 7.04
CA LEU A 68 3.76 -8.85 7.39
C LEU A 68 4.25 -8.42 8.77
N HIS A 69 3.81 -7.26 9.16
CA HIS A 69 4.14 -6.65 10.41
C HIS A 69 3.13 -5.53 10.54
N SER A 70 3.10 -4.86 11.65
CA SER A 70 2.24 -3.71 11.86
C SER A 70 2.79 -2.46 11.13
N ARG A 71 3.33 -2.68 9.93
CA ARG A 71 3.93 -1.63 9.12
C ARG A 71 2.85 -0.95 8.31
N PHE A 72 1.72 -1.56 8.27
CA PHE A 72 0.59 -1.07 7.55
C PHE A 72 -0.59 -1.17 8.46
N MET A 73 -1.54 -0.33 8.29
CA MET A 73 -2.72 -0.41 9.06
C MET A 73 -3.89 -0.21 8.16
N ARG A 74 -4.82 -1.06 8.31
CA ARG A 74 -5.97 -1.05 7.47
C ARG A 74 -7.10 -0.39 8.16
N VAL A 75 -7.66 0.52 7.45
CA VAL A 75 -8.57 1.43 7.98
C VAL A 75 -9.96 1.21 7.40
N GLN A 76 -10.90 1.26 8.27
CA GLN A 76 -12.27 1.07 7.92
C GLN A 76 -12.99 2.36 8.19
N ASN A 77 -14.06 2.56 7.49
CA ASN A 77 -14.88 3.73 7.65
C ASN A 77 -15.77 3.56 8.83
N GLU A 78 -15.98 4.62 9.55
CA GLU A 78 -16.84 4.57 10.71
C GLU A 78 -18.22 5.09 10.31
N GLY A 79 -18.36 5.42 9.04
CA GLY A 79 -19.60 5.92 8.55
C GLY A 79 -19.72 5.78 7.06
N THR A 80 -19.61 6.88 6.36
CA THR A 80 -19.76 6.93 4.93
C THR A 80 -18.58 6.28 4.20
N GLY A 81 -18.84 5.20 3.53
CA GLY A 81 -17.81 4.50 2.81
C GLY A 81 -17.92 3.02 3.02
N LYS A 82 -18.28 2.29 1.99
CA LYS A 82 -18.42 0.86 2.13
C LYS A 82 -17.17 0.12 1.76
N SER A 83 -16.22 0.81 1.24
CA SER A 83 -14.95 0.27 0.91
C SER A 83 -14.01 0.50 2.10
N SER A 84 -13.00 -0.30 2.23
CA SER A 84 -12.04 -0.10 3.28
C SER A 84 -10.82 0.57 2.67
N TRP A 85 -10.11 1.33 3.45
CA TRP A 85 -8.97 2.02 2.92
C TRP A 85 -7.72 1.44 3.58
N TRP A 86 -6.63 1.43 2.91
CA TRP A 86 -5.42 0.84 3.45
C TRP A 86 -4.34 1.92 3.51
N ILE A 87 -3.52 1.90 4.58
CA ILE A 87 -2.41 2.87 4.72
C ILE A 87 -1.15 2.16 5.23
N ILE A 88 -0.01 2.83 5.15
CA ILE A 88 1.19 2.31 5.77
C ILE A 88 1.18 2.90 7.17
N ASN A 89 1.38 2.09 8.18
CA ASN A 89 1.30 2.54 9.55
C ASN A 89 2.46 3.44 9.89
N PRO A 90 2.19 4.71 10.16
CA PRO A 90 3.19 5.68 10.50
C PRO A 90 3.32 5.81 12.03
N ASP A 91 2.69 4.88 12.73
CA ASP A 91 2.60 4.81 14.21
C ASP A 91 1.56 5.78 14.75
N GLY A 92 1.57 7.01 14.25
CA GLY A 92 0.59 8.01 14.64
C GLY A 92 -0.80 7.61 14.18
N GLY A 93 -0.87 6.83 13.12
CA GLY A 93 -2.11 6.33 12.64
C GLY A 93 -2.66 7.12 11.50
N LYS A 94 -3.97 7.18 11.43
CA LYS A 94 -4.64 7.84 10.33
C LYS A 94 -6.08 8.15 10.70
N SER A 95 -6.89 7.11 10.71
CA SER A 95 -8.30 7.22 10.97
C SER A 95 -8.79 5.89 11.56
N GLY A 96 -7.94 5.27 12.35
CA GLY A 96 -8.26 3.98 12.90
C GLY A 96 -7.55 3.76 14.21
N LYS A 97 -8.04 2.86 15.00
CA LYS A 97 -7.44 2.57 16.29
C LYS A 97 -6.32 1.56 16.16
N ALA A 98 -6.31 0.83 15.04
CA ALA A 98 -5.33 -0.21 14.73
C ALA A 98 -5.49 -1.41 15.66
N PRO A 99 -6.20 -2.44 15.22
CA PRO A 99 -6.42 -3.65 16.02
C PRO A 99 -5.17 -4.52 16.05
N ARG A 100 -4.34 -4.33 17.05
CA ARG A 100 -3.14 -5.12 17.23
C ARG A 100 -3.34 -6.12 18.34
N ARG A 101 -4.55 -6.11 18.89
CA ARG A 101 -4.98 -7.00 19.95
C ARG A 101 -4.25 -6.75 21.26
N ARG A 102 -4.92 -6.06 22.16
CA ARG A 102 -4.37 -5.79 23.47
C ARG A 102 -4.44 -7.05 24.31
N ALA A 103 -3.38 -7.80 24.29
CA ALA A 103 -3.24 -9.03 25.02
C ALA A 103 -1.78 -9.34 25.07
N GLY A 1 18.16 -8.39 5.65
CA GLY A 1 17.57 -7.07 5.57
C GLY A 1 18.36 -6.20 4.64
N SER A 2 18.00 -4.95 4.54
CA SER A 2 18.66 -4.03 3.65
C SER A 2 20.00 -3.54 4.23
N SER A 3 21.04 -4.31 4.01
CA SER A 3 22.37 -3.97 4.45
C SER A 3 23.09 -3.16 3.39
N SER A 4 22.75 -3.39 2.16
CA SER A 4 23.31 -2.68 1.07
C SER A 4 22.51 -1.40 0.82
N ARG A 5 23.11 -0.44 0.17
CA ARG A 5 22.43 0.80 -0.12
C ARG A 5 21.77 0.63 -1.45
N ARG A 6 20.51 0.86 -1.48
CA ARG A 6 19.74 0.58 -2.65
C ARG A 6 19.23 1.86 -3.26
N ASN A 7 18.75 1.77 -4.47
CA ASN A 7 18.17 2.91 -5.14
C ASN A 7 16.67 2.87 -5.00
N ALA A 8 16.12 3.92 -4.43
CA ALA A 8 14.70 3.98 -4.06
C ALA A 8 13.79 4.27 -5.25
N TRP A 9 14.29 4.12 -6.44
CA TRP A 9 13.47 4.24 -7.61
C TRP A 9 13.35 2.90 -8.29
N GLY A 10 14.10 1.92 -7.80
CA GLY A 10 14.06 0.60 -8.42
C GLY A 10 14.04 -0.52 -7.43
N ASN A 11 14.85 -0.41 -6.40
CA ASN A 11 14.99 -1.46 -5.37
C ASN A 11 13.92 -1.36 -4.30
N LEU A 12 12.75 -0.99 -4.71
CA LEU A 12 11.64 -0.87 -3.82
C LEU A 12 10.97 -2.21 -3.72
N SER A 13 10.63 -2.59 -2.51
CA SER A 13 10.00 -3.85 -2.28
C SER A 13 8.51 -3.66 -2.48
N TYR A 14 7.72 -4.73 -2.38
CA TYR A 14 6.28 -4.63 -2.57
C TYR A 14 5.70 -3.66 -1.58
N ALA A 15 6.10 -3.82 -0.31
CA ALA A 15 5.68 -2.93 0.77
C ALA A 15 6.00 -1.46 0.44
N ASP A 16 7.20 -1.24 -0.12
CA ASP A 16 7.65 0.09 -0.52
C ASP A 16 6.74 0.64 -1.58
N LEU A 17 6.43 -0.18 -2.58
CA LEU A 17 5.61 0.23 -3.72
C LEU A 17 4.22 0.67 -3.27
N ILE A 18 3.61 -0.13 -2.36
CA ILE A 18 2.28 0.19 -1.81
C ILE A 18 2.38 1.53 -1.19
N THR A 19 3.40 1.66 -0.38
CA THR A 19 3.69 2.84 0.31
C THR A 19 3.85 4.05 -0.63
N ARG A 20 4.61 3.85 -1.72
CA ARG A 20 4.86 4.89 -2.72
C ARG A 20 3.55 5.46 -3.20
N ALA A 21 2.63 4.58 -3.54
CA ALA A 21 1.32 4.95 -4.02
C ALA A 21 0.51 5.65 -2.95
N ILE A 22 0.46 5.03 -1.79
CA ILE A 22 -0.30 5.53 -0.66
C ILE A 22 0.21 6.91 -0.22
N GLU A 23 1.49 7.14 -0.27
CA GLU A 23 2.03 8.42 0.12
C GLU A 23 1.86 9.48 -0.96
N SER A 24 1.55 9.06 -2.17
CA SER A 24 1.35 9.96 -3.28
C SER A 24 -0.15 10.23 -3.44
N SER A 25 -0.93 9.73 -2.50
CA SER A 25 -2.36 9.77 -2.59
C SER A 25 -2.91 11.09 -1.99
N PRO A 26 -4.27 11.28 -1.90
CA PRO A 26 -4.83 12.49 -1.33
C PRO A 26 -4.99 12.42 0.21
N ASP A 27 -5.35 11.25 0.74
CA ASP A 27 -5.65 11.17 2.18
C ASP A 27 -4.84 10.09 2.85
N LYS A 28 -3.94 9.48 2.08
CA LYS A 28 -3.03 8.42 2.56
C LYS A 28 -3.77 7.16 2.87
N ARG A 29 -4.98 7.06 2.42
CA ARG A 29 -5.71 5.85 2.54
C ARG A 29 -6.41 5.59 1.25
N LEU A 30 -6.22 4.39 0.70
CA LEU A 30 -6.77 4.01 -0.59
C LEU A 30 -7.11 2.55 -0.60
N THR A 31 -7.99 2.15 -1.46
CA THR A 31 -8.28 0.74 -1.67
C THR A 31 -7.17 0.16 -2.54
N LEU A 32 -7.14 -1.17 -2.75
CA LEU A 32 -6.13 -1.76 -3.63
C LEU A 32 -6.32 -1.27 -5.05
N SER A 33 -7.53 -0.84 -5.38
CA SER A 33 -7.80 -0.28 -6.68
C SER A 33 -7.11 1.05 -6.82
N GLN A 34 -7.32 1.95 -5.84
CA GLN A 34 -6.68 3.24 -5.95
C GLN A 34 -5.18 3.13 -5.74
N ILE A 35 -4.75 2.19 -4.92
CA ILE A 35 -3.33 1.96 -4.72
C ILE A 35 -2.71 1.51 -6.02
N TYR A 36 -3.37 0.57 -6.69
CA TYR A 36 -2.90 0.04 -7.94
C TYR A 36 -2.72 1.14 -8.97
N GLU A 37 -3.70 2.00 -9.11
CA GLU A 37 -3.57 3.08 -10.08
C GLU A 37 -2.47 4.08 -9.65
N TRP A 38 -2.51 4.51 -8.37
CA TRP A 38 -1.55 5.44 -7.82
C TRP A 38 -0.14 4.92 -7.96
N MET A 39 0.06 3.62 -7.81
CA MET A 39 1.36 3.09 -8.04
C MET A 39 1.73 3.13 -9.48
N VAL A 40 0.88 2.60 -10.39
CA VAL A 40 1.19 2.58 -11.84
C VAL A 40 1.58 3.99 -12.35
N ARG A 41 1.09 5.01 -11.65
CA ARG A 41 1.45 6.39 -11.96
C ARG A 41 2.97 6.67 -11.76
N CYS A 42 3.56 6.18 -10.67
CA CYS A 42 4.94 6.56 -10.32
C CYS A 42 5.90 5.34 -10.15
N VAL A 43 5.33 4.19 -9.92
CA VAL A 43 6.05 2.95 -9.67
C VAL A 43 6.88 2.56 -10.90
N PRO A 44 8.02 1.94 -10.70
CA PRO A 44 8.75 1.35 -11.80
C PRO A 44 8.21 -0.06 -12.15
N TYR A 45 8.14 -0.89 -11.13
CA TYR A 45 7.82 -2.29 -11.27
C TYR A 45 6.43 -2.54 -11.86
N PHE A 46 5.43 -1.92 -11.28
CA PHE A 46 4.05 -2.12 -11.71
C PHE A 46 3.66 -1.39 -12.99
N LYS A 47 4.63 -0.80 -13.68
CA LYS A 47 4.36 -0.29 -15.02
C LYS A 47 4.10 -1.48 -15.91
N ASP A 48 5.01 -2.43 -15.85
CA ASP A 48 4.93 -3.63 -16.64
C ASP A 48 3.85 -4.52 -16.10
N LYS A 49 3.75 -4.53 -14.78
CA LYS A 49 2.77 -5.36 -14.11
C LYS A 49 1.41 -4.68 -14.17
N GLY A 50 1.37 -3.52 -14.85
CA GLY A 50 0.13 -2.84 -15.07
C GLY A 50 -0.59 -3.51 -16.21
N ASP A 51 0.08 -4.43 -16.86
CA ASP A 51 -0.51 -5.22 -17.92
C ASP A 51 -0.36 -6.69 -17.58
N SER A 52 -1.25 -7.52 -18.13
CA SER A 52 -1.22 -8.98 -17.96
C SER A 52 -1.66 -9.41 -16.52
N ASN A 53 -1.53 -10.71 -16.21
CA ASN A 53 -1.93 -11.29 -14.90
C ASN A 53 -1.12 -10.75 -13.73
N SER A 54 -0.09 -10.04 -14.03
CA SER A 54 0.81 -9.46 -13.07
C SER A 54 0.11 -8.49 -12.10
N SER A 55 -0.99 -7.89 -12.54
CA SER A 55 -1.81 -7.05 -11.67
C SER A 55 -2.36 -7.92 -10.54
N ALA A 56 -3.28 -8.83 -10.93
CA ALA A 56 -3.88 -9.83 -10.02
C ALA A 56 -2.88 -10.96 -9.84
N GLY A 57 -1.69 -10.53 -9.65
CA GLY A 57 -0.55 -11.33 -9.58
C GLY A 57 0.26 -10.80 -8.49
N TRP A 58 1.22 -9.99 -8.80
CA TRP A 58 2.08 -9.42 -7.79
C TRP A 58 1.35 -8.52 -6.78
N LYS A 59 0.14 -8.03 -7.13
CA LYS A 59 -0.66 -7.33 -6.14
C LYS A 59 -1.14 -8.28 -5.04
N ASN A 60 -1.33 -9.58 -5.38
CA ASN A 60 -1.79 -10.53 -4.36
C ASN A 60 -0.72 -10.65 -3.28
N SER A 61 0.53 -10.47 -3.70
CA SER A 61 1.66 -10.52 -2.84
C SER A 61 1.65 -9.28 -1.96
N ILE A 62 1.32 -8.13 -2.56
CA ILE A 62 1.21 -6.84 -1.86
C ILE A 62 0.29 -6.94 -0.65
N ARG A 63 -0.79 -7.66 -0.82
CA ARG A 63 -1.82 -7.76 0.20
C ARG A 63 -1.27 -8.49 1.41
N HIS A 64 -0.38 -9.42 1.14
CA HIS A 64 0.29 -10.18 2.17
C HIS A 64 1.24 -9.25 2.93
N ASN A 65 1.79 -8.25 2.21
CA ASN A 65 2.76 -7.30 2.80
C ASN A 65 2.08 -6.40 3.80
N LEU A 66 0.83 -6.03 3.50
CA LEU A 66 0.06 -5.20 4.42
C LEU A 66 -0.23 -5.97 5.72
N SER A 67 -0.19 -7.27 5.64
CA SER A 67 -0.51 -8.14 6.75
C SER A 67 0.77 -8.73 7.39
N LEU A 68 1.93 -8.25 6.98
CA LEU A 68 3.19 -8.79 7.50
C LEU A 68 3.68 -8.08 8.74
N HIS A 69 3.47 -6.82 8.80
CA HIS A 69 3.97 -6.04 9.88
C HIS A 69 2.92 -5.00 10.19
N SER A 70 2.90 -4.48 11.39
CA SER A 70 1.97 -3.42 11.79
C SER A 70 2.40 -2.07 11.18
N ARG A 71 3.16 -2.15 10.10
CA ARG A 71 3.70 -1.01 9.42
C ARG A 71 2.66 -0.51 8.45
N PHE A 72 1.58 -1.23 8.37
CA PHE A 72 0.45 -0.87 7.53
C PHE A 72 -0.77 -1.02 8.40
N MET A 73 -1.71 -0.15 8.26
CA MET A 73 -2.91 -0.21 9.04
C MET A 73 -4.07 -0.03 8.10
N ARG A 74 -5.10 -0.75 8.35
CA ARG A 74 -6.23 -0.76 7.47
C ARG A 74 -7.37 -0.10 8.10
N VAL A 75 -7.90 0.78 7.36
CA VAL A 75 -8.88 1.67 7.81
C VAL A 75 -10.20 1.40 7.08
N GLN A 76 -11.28 1.65 7.74
CA GLN A 76 -12.57 1.46 7.15
C GLN A 76 -13.21 2.80 6.83
N ASN A 77 -14.46 2.78 6.40
CA ASN A 77 -15.16 4.02 6.08
C ASN A 77 -15.49 4.83 7.33
N GLU A 78 -16.13 5.96 7.11
CA GLU A 78 -16.39 6.96 8.15
C GLU A 78 -17.63 6.57 8.97
N GLY A 79 -18.00 5.34 8.89
CA GLY A 79 -19.16 4.85 9.54
C GLY A 79 -20.16 4.41 8.51
N THR A 80 -20.37 5.26 7.54
CA THR A 80 -21.22 5.00 6.43
C THR A 80 -20.43 4.39 5.27
N GLY A 81 -20.77 3.19 4.89
CA GLY A 81 -20.09 2.56 3.78
C GLY A 81 -19.65 1.16 4.12
N LYS A 82 -19.36 0.39 3.11
CA LYS A 82 -18.89 -0.99 3.29
C LYS A 82 -17.50 -1.12 2.70
N SER A 83 -16.92 -0.02 2.36
CA SER A 83 -15.63 -0.01 1.75
C SER A 83 -14.56 0.15 2.82
N SER A 84 -13.32 0.11 2.43
CA SER A 84 -12.23 0.29 3.33
C SER A 84 -11.13 1.00 2.60
N TRP A 85 -10.11 1.38 3.31
CA TRP A 85 -8.98 2.04 2.75
C TRP A 85 -7.75 1.45 3.42
N TRP A 86 -6.66 1.46 2.76
CA TRP A 86 -5.47 0.88 3.31
C TRP A 86 -4.42 1.99 3.38
N ILE A 87 -3.67 2.06 4.50
CA ILE A 87 -2.65 3.11 4.72
C ILE A 87 -1.38 2.48 5.31
N ILE A 88 -0.23 3.12 5.16
CA ILE A 88 0.98 2.61 5.79
C ILE A 88 1.04 3.24 7.19
N ASN A 89 1.10 2.41 8.21
CA ASN A 89 1.05 2.85 9.60
C ASN A 89 2.41 3.42 9.99
N PRO A 90 2.47 4.72 10.27
CA PRO A 90 3.69 5.39 10.70
C PRO A 90 3.78 5.55 12.24
N ASP A 91 2.67 5.23 12.93
CA ASP A 91 2.45 5.41 14.39
C ASP A 91 0.95 5.40 14.63
N GLY A 92 0.28 5.96 13.68
CA GLY A 92 -1.15 6.07 13.66
C GLY A 92 -1.51 7.10 12.66
N GLY A 93 -1.49 6.71 11.40
CA GLY A 93 -1.64 7.66 10.31
C GLY A 93 -3.04 8.20 10.18
N LYS A 94 -4.00 7.33 10.15
CA LYS A 94 -5.36 7.74 10.01
C LYS A 94 -6.11 7.37 11.28
N SER A 95 -7.41 7.67 11.30
CA SER A 95 -8.30 7.39 12.44
C SER A 95 -8.15 5.94 12.95
N GLY A 96 -8.35 4.97 12.08
CA GLY A 96 -8.15 3.62 12.49
C GLY A 96 -9.24 2.70 12.05
N LYS A 97 -9.89 2.07 13.03
CA LYS A 97 -10.88 1.00 12.85
C LYS A 97 -10.12 -0.23 12.31
N ALA A 98 -8.85 -0.25 12.66
CA ALA A 98 -7.94 -1.27 12.27
C ALA A 98 -7.95 -2.37 13.31
N PRO A 99 -7.94 -3.63 12.89
CA PRO A 99 -7.89 -4.73 13.82
C PRO A 99 -6.51 -4.87 14.42
N ARG A 100 -6.35 -4.32 15.58
CA ARG A 100 -5.11 -4.36 16.29
C ARG A 100 -5.39 -4.83 17.69
N ARG A 101 -4.39 -5.27 18.36
CA ARG A 101 -4.55 -5.84 19.67
C ARG A 101 -4.45 -4.77 20.75
N ARG A 102 -5.51 -4.58 21.49
CA ARG A 102 -5.44 -3.74 22.66
C ARG A 102 -4.93 -4.55 23.82
N ALA A 103 -3.67 -4.45 23.99
CA ALA A 103 -2.97 -5.04 25.07
C ALA A 103 -2.06 -3.98 25.59
N GLY A 1 21.68 -11.20 5.04
CA GLY A 1 22.48 -11.79 3.99
C GLY A 1 23.45 -10.80 3.45
N SER A 2 24.51 -11.28 2.84
CA SER A 2 25.54 -10.43 2.31
C SER A 2 25.02 -9.65 1.09
N SER A 3 24.61 -8.45 1.36
CA SER A 3 24.09 -7.55 0.40
C SER A 3 24.65 -6.17 0.69
N SER A 4 24.97 -5.43 -0.33
CA SER A 4 25.49 -4.10 -0.15
C SER A 4 24.33 -3.11 -0.01
N ARG A 5 23.66 -2.86 -1.11
CA ARG A 5 22.53 -1.95 -1.13
C ARG A 5 21.76 -2.15 -2.40
N ARG A 6 20.72 -1.39 -2.57
CA ARG A 6 19.91 -1.45 -3.75
C ARG A 6 19.37 -0.05 -3.99
N ASN A 7 18.78 0.15 -5.13
CA ASN A 7 18.30 1.46 -5.48
C ASN A 7 16.80 1.63 -5.26
N ALA A 8 16.46 2.64 -4.47
CA ALA A 8 15.08 2.92 -4.01
C ALA A 8 14.20 3.56 -5.09
N TRP A 9 14.56 3.41 -6.32
CA TRP A 9 13.73 3.89 -7.40
C TRP A 9 13.42 2.74 -8.35
N GLY A 10 13.88 1.55 -8.01
CA GLY A 10 13.59 0.40 -8.84
C GLY A 10 13.50 -0.88 -8.07
N ASN A 11 14.42 -1.07 -7.17
CA ASN A 11 14.52 -2.31 -6.39
C ASN A 11 13.63 -2.31 -5.17
N LEU A 12 12.68 -1.41 -5.15
CA LEU A 12 11.75 -1.29 -4.04
C LEU A 12 10.93 -2.54 -3.90
N SER A 13 10.72 -2.95 -2.69
CA SER A 13 9.99 -4.15 -2.45
C SER A 13 8.51 -3.85 -2.60
N TYR A 14 7.68 -4.89 -2.57
CA TYR A 14 6.26 -4.75 -2.80
C TYR A 14 5.65 -3.77 -1.81
N ALA A 15 6.00 -3.94 -0.54
CA ALA A 15 5.55 -3.07 0.54
C ALA A 15 5.95 -1.62 0.29
N ASP A 16 7.16 -1.45 -0.20
CA ASP A 16 7.72 -0.14 -0.46
C ASP A 16 6.95 0.52 -1.59
N LEU A 17 6.60 -0.26 -2.60
CA LEU A 17 5.85 0.22 -3.75
C LEU A 17 4.46 0.70 -3.32
N ILE A 18 3.81 -0.08 -2.44
CA ILE A 18 2.48 0.28 -1.90
C ILE A 18 2.62 1.64 -1.27
N THR A 19 3.64 1.76 -0.43
CA THR A 19 3.96 2.97 0.23
C THR A 19 4.17 4.14 -0.75
N ARG A 20 4.95 3.89 -1.83
CA ARG A 20 5.26 4.94 -2.80
C ARG A 20 3.98 5.52 -3.40
N ALA A 21 3.03 4.64 -3.65
CA ALA A 21 1.75 5.05 -4.21
C ALA A 21 0.90 5.78 -3.19
N ILE A 22 0.74 5.15 -2.02
CA ILE A 22 -0.04 5.69 -0.91
C ILE A 22 0.42 7.10 -0.53
N GLU A 23 1.73 7.30 -0.47
CA GLU A 23 2.30 8.59 -0.16
C GLU A 23 2.13 9.60 -1.30
N SER A 24 1.76 9.13 -2.45
CA SER A 24 1.54 9.97 -3.60
C SER A 24 0.03 10.20 -3.76
N SER A 25 -0.72 9.73 -2.78
CA SER A 25 -2.14 9.79 -2.79
C SER A 25 -2.59 10.93 -1.86
N PRO A 26 -3.91 11.24 -1.74
CA PRO A 26 -4.35 12.39 -0.99
C PRO A 26 -4.32 12.18 0.53
N ASP A 27 -5.19 11.33 1.05
CA ASP A 27 -5.32 11.17 2.49
C ASP A 27 -4.52 9.99 3.00
N LYS A 28 -3.64 9.47 2.13
CA LYS A 28 -2.76 8.33 2.46
C LYS A 28 -3.52 7.06 2.74
N ARG A 29 -4.79 7.08 2.50
CA ARG A 29 -5.51 5.89 2.62
C ARG A 29 -6.21 5.65 1.33
N LEU A 30 -6.01 4.47 0.77
CA LEU A 30 -6.56 4.07 -0.52
C LEU A 30 -6.85 2.60 -0.49
N THR A 31 -7.83 2.17 -1.24
CA THR A 31 -8.12 0.75 -1.38
C THR A 31 -7.05 0.14 -2.30
N LEU A 32 -7.01 -1.18 -2.44
CA LEU A 32 -6.02 -1.82 -3.32
C LEU A 32 -6.28 -1.40 -4.76
N SER A 33 -7.50 -1.00 -5.04
CA SER A 33 -7.86 -0.53 -6.34
C SER A 33 -7.24 0.83 -6.60
N GLN A 34 -7.43 1.76 -5.66
CA GLN A 34 -6.84 3.08 -5.86
C GLN A 34 -5.34 2.98 -5.74
N ILE A 35 -4.86 2.11 -4.87
CA ILE A 35 -3.42 1.90 -4.72
C ILE A 35 -2.85 1.41 -6.02
N TYR A 36 -3.56 0.49 -6.67
CA TYR A 36 -3.12 -0.07 -7.92
C TYR A 36 -2.99 1.02 -8.96
N GLU A 37 -4.00 1.86 -9.09
CA GLU A 37 -3.92 2.91 -10.08
C GLU A 37 -2.84 3.93 -9.69
N TRP A 38 -2.86 4.40 -8.43
CA TRP A 38 -1.89 5.35 -7.92
C TRP A 38 -0.47 4.85 -8.08
N MET A 39 -0.25 3.56 -7.88
CA MET A 39 1.07 3.04 -8.09
C MET A 39 1.43 3.07 -9.51
N VAL A 40 0.60 2.52 -10.40
CA VAL A 40 0.91 2.47 -11.84
C VAL A 40 1.16 3.91 -12.39
N ARG A 41 0.65 4.90 -11.68
CA ARG A 41 0.91 6.29 -12.03
C ARG A 41 2.39 6.69 -11.77
N CYS A 42 2.99 6.17 -10.72
CA CYS A 42 4.30 6.65 -10.28
C CYS A 42 5.39 5.55 -10.19
N VAL A 43 4.98 4.34 -9.85
CA VAL A 43 5.83 3.18 -9.61
C VAL A 43 6.69 2.84 -10.86
N PRO A 44 7.87 2.32 -10.69
CA PRO A 44 8.63 1.81 -11.81
C PRO A 44 8.26 0.35 -12.15
N TYR A 45 8.07 -0.45 -11.12
CA TYR A 45 7.89 -1.89 -11.22
C TYR A 45 6.49 -2.25 -11.75
N PHE A 46 5.46 -1.68 -11.15
CA PHE A 46 4.09 -2.01 -11.54
C PHE A 46 3.60 -1.31 -12.82
N LYS A 47 4.50 -0.69 -13.54
CA LYS A 47 4.15 -0.21 -14.88
C LYS A 47 3.99 -1.44 -15.74
N ASP A 48 5.00 -2.28 -15.66
CA ASP A 48 5.12 -3.54 -16.37
C ASP A 48 3.98 -4.45 -15.94
N LYS A 49 3.82 -4.54 -14.64
CA LYS A 49 2.85 -5.42 -14.04
C LYS A 49 1.45 -4.82 -14.18
N GLY A 50 1.39 -3.57 -14.59
CA GLY A 50 0.14 -2.89 -14.77
C GLY A 50 -0.35 -3.04 -16.17
N ASP A 51 0.48 -3.68 -17.00
CA ASP A 51 0.17 -3.87 -18.40
C ASP A 51 0.18 -5.37 -18.71
N SER A 52 0.02 -6.17 -17.67
CA SER A 52 0.05 -7.61 -17.82
C SER A 52 -0.80 -8.31 -16.74
N ASN A 53 -0.82 -9.64 -16.77
CA ASN A 53 -1.58 -10.48 -15.82
C ASN A 53 -0.97 -10.42 -14.42
N SER A 54 0.22 -9.88 -14.36
CA SER A 54 0.97 -9.66 -13.16
C SER A 54 0.30 -8.62 -12.24
N SER A 55 -0.76 -7.99 -12.75
CA SER A 55 -1.60 -7.12 -11.98
C SER A 55 -2.22 -7.95 -10.85
N ALA A 56 -3.10 -8.91 -11.24
CA ALA A 56 -3.72 -9.90 -10.35
C ALA A 56 -2.70 -11.01 -10.11
N GLY A 57 -1.52 -10.55 -9.93
CA GLY A 57 -0.37 -11.31 -9.82
C GLY A 57 0.34 -10.78 -8.65
N TRP A 58 1.27 -9.92 -8.90
CA TRP A 58 2.08 -9.32 -7.86
C TRP A 58 1.24 -8.53 -6.85
N LYS A 59 0.06 -8.02 -7.28
CA LYS A 59 -0.81 -7.35 -6.32
C LYS A 59 -1.31 -8.31 -5.27
N ASN A 60 -1.46 -9.59 -5.63
CA ASN A 60 -1.96 -10.57 -4.67
C ASN A 60 -0.95 -10.72 -3.53
N SER A 61 0.33 -10.55 -3.88
CA SER A 61 1.41 -10.64 -2.94
C SER A 61 1.41 -9.39 -2.07
N ILE A 62 1.12 -8.23 -2.69
CA ILE A 62 1.05 -6.93 -1.99
C ILE A 62 0.09 -6.99 -0.82
N ARG A 63 -0.98 -7.73 -0.99
CA ARG A 63 -2.07 -7.81 -0.02
C ARG A 63 -1.56 -8.45 1.26
N HIS A 64 -0.64 -9.36 1.09
CA HIS A 64 0.01 -10.05 2.17
C HIS A 64 0.99 -9.08 2.85
N ASN A 65 1.58 -8.19 2.06
CA ASN A 65 2.61 -7.26 2.55
C ASN A 65 2.02 -6.26 3.49
N LEU A 66 0.74 -5.97 3.32
CA LEU A 66 0.02 -5.07 4.21
C LEU A 66 -0.11 -5.65 5.62
N SER A 67 0.16 -6.92 5.77
CA SER A 67 0.11 -7.56 7.04
C SER A 67 1.52 -7.96 7.49
N LEU A 68 2.52 -7.43 6.82
CA LEU A 68 3.90 -7.72 7.15
C LEU A 68 4.55 -6.54 7.83
N HIS A 69 5.38 -6.86 8.84
CA HIS A 69 6.15 -5.88 9.65
C HIS A 69 5.24 -4.96 10.47
N SER A 70 3.92 -5.18 10.40
CA SER A 70 2.91 -4.30 10.98
C SER A 70 3.11 -2.88 10.43
N ARG A 71 3.64 -2.82 9.22
CA ARG A 71 4.04 -1.57 8.58
C ARG A 71 2.85 -0.90 7.89
N PHE A 72 1.70 -1.49 7.98
CA PHE A 72 0.51 -0.93 7.36
C PHE A 72 -0.63 -1.04 8.33
N MET A 73 -1.63 -0.22 8.17
CA MET A 73 -2.81 -0.31 8.98
C MET A 73 -3.99 -0.06 8.09
N ARG A 74 -5.01 -0.81 8.30
CA ARG A 74 -6.17 -0.75 7.45
C ARG A 74 -7.24 0.01 8.11
N VAL A 75 -7.79 0.84 7.33
CA VAL A 75 -8.73 1.78 7.73
C VAL A 75 -10.11 1.46 7.14
N GLN A 76 -11.13 1.80 7.86
CA GLN A 76 -12.48 1.51 7.46
C GLN A 76 -13.23 2.81 7.17
N ASN A 77 -14.53 2.71 6.98
CA ASN A 77 -15.33 3.86 6.66
C ASN A 77 -16.13 4.34 7.84
N GLU A 78 -16.60 5.57 7.73
CA GLU A 78 -17.45 6.18 8.73
C GLU A 78 -18.89 5.71 8.48
N GLY A 79 -19.10 5.22 7.27
CA GLY A 79 -20.38 4.69 6.91
C GLY A 79 -20.40 3.20 7.12
N THR A 80 -20.63 2.46 6.06
CA THR A 80 -20.68 1.02 6.14
C THR A 80 -19.27 0.44 6.10
N GLY A 81 -18.68 0.53 4.95
CA GLY A 81 -17.37 0.01 4.72
C GLY A 81 -17.28 -0.55 3.34
N LYS A 82 -17.70 0.24 2.37
CA LYS A 82 -17.71 -0.19 0.99
C LYS A 82 -16.34 0.05 0.35
N SER A 83 -15.58 0.93 0.96
CA SER A 83 -14.28 1.23 0.48
C SER A 83 -13.32 1.38 1.65
N SER A 84 -12.89 0.26 2.18
CA SER A 84 -11.95 0.25 3.25
C SER A 84 -10.61 0.71 2.69
N TRP A 85 -9.98 1.62 3.35
CA TRP A 85 -8.81 2.22 2.83
C TRP A 85 -7.61 1.58 3.48
N TRP A 86 -6.52 1.52 2.80
CA TRP A 86 -5.35 0.94 3.35
C TRP A 86 -4.26 2.01 3.44
N ILE A 87 -3.50 2.04 4.54
CA ILE A 87 -2.40 3.02 4.71
C ILE A 87 -1.16 2.30 5.23
N ILE A 88 -0.01 2.95 5.14
CA ILE A 88 1.20 2.43 5.74
C ILE A 88 1.19 2.95 7.18
N ASN A 89 1.39 2.09 8.14
CA ASN A 89 1.28 2.42 9.57
C ASN A 89 2.56 3.07 10.05
N PRO A 90 2.53 4.35 10.32
CA PRO A 90 3.67 5.04 10.87
C PRO A 90 3.74 4.87 12.37
N ASP A 91 2.83 5.52 13.02
CA ASP A 91 2.71 5.54 14.44
C ASP A 91 1.23 5.55 14.74
N GLY A 92 0.47 4.95 13.83
CA GLY A 92 -0.99 5.01 13.91
C GLY A 92 -1.50 6.34 13.40
N GLY A 93 -0.70 6.96 12.55
CA GLY A 93 -0.98 8.30 12.05
C GLY A 93 -2.01 8.34 10.93
N LYS A 94 -3.23 8.06 11.29
CA LYS A 94 -4.40 8.15 10.42
C LYS A 94 -5.59 7.75 11.26
N SER A 95 -5.32 6.86 12.25
CA SER A 95 -6.29 6.33 13.24
C SER A 95 -7.33 5.41 12.60
N GLY A 96 -7.82 5.79 11.45
CA GLY A 96 -8.78 5.01 10.77
C GLY A 96 -10.14 5.64 10.87
N LYS A 97 -10.19 6.71 11.67
CA LYS A 97 -11.40 7.49 11.93
C LYS A 97 -12.45 6.65 12.67
N ALA A 98 -11.98 5.60 13.30
CA ALA A 98 -12.81 4.69 14.01
C ALA A 98 -12.27 4.49 15.42
N PRO A 99 -12.82 5.18 16.40
CA PRO A 99 -12.41 5.05 17.81
C PRO A 99 -13.05 3.84 18.50
N ARG A 100 -13.52 2.89 17.73
CA ARG A 100 -14.18 1.72 18.27
C ARG A 100 -13.19 0.60 18.46
N ARG A 101 -12.86 0.34 19.72
CA ARG A 101 -11.96 -0.75 20.15
C ARG A 101 -10.51 -0.53 19.77
N ARG A 102 -10.27 -0.55 18.53
CA ARG A 102 -8.94 -0.46 17.98
C ARG A 102 -8.90 0.48 16.80
N ALA A 103 -8.14 1.52 16.93
CA ALA A 103 -7.89 2.41 15.85
C ALA A 103 -6.48 2.11 15.36
N GLY A 1 25.98 -3.90 9.74
CA GLY A 1 25.04 -3.85 8.61
C GLY A 1 23.84 -3.01 8.95
N SER A 2 22.77 -3.14 8.14
CA SER A 2 21.51 -2.40 8.33
C SER A 2 21.77 -0.89 8.33
N SER A 3 22.61 -0.47 7.43
CA SER A 3 22.96 0.92 7.29
C SER A 3 23.16 1.27 5.83
N SER A 4 22.64 0.44 4.97
CA SER A 4 22.84 0.58 3.56
C SER A 4 21.84 1.54 2.97
N ARG A 5 22.28 2.30 2.02
CA ARG A 5 21.43 3.20 1.33
C ARG A 5 20.88 2.43 0.15
N ARG A 6 19.92 2.96 -0.51
CA ARG A 6 19.36 2.28 -1.64
C ARG A 6 18.82 3.28 -2.61
N ASN A 7 18.45 2.82 -3.76
CA ASN A 7 17.88 3.68 -4.74
C ASN A 7 16.38 3.71 -4.55
N ALA A 8 15.90 4.77 -3.96
CA ALA A 8 14.49 4.88 -3.57
C ALA A 8 13.56 5.15 -4.77
N TRP A 9 14.02 4.80 -5.94
CA TRP A 9 13.26 4.96 -7.16
C TRP A 9 13.15 3.64 -7.87
N GLY A 10 13.97 2.69 -7.47
CA GLY A 10 13.97 1.40 -8.09
C GLY A 10 14.14 0.30 -7.08
N ASN A 11 14.94 0.56 -6.08
CA ASN A 11 15.26 -0.40 -5.05
C ASN A 11 14.25 -0.28 -3.94
N LEU A 12 13.07 -0.66 -4.24
CA LEU A 12 11.98 -0.63 -3.33
C LEU A 12 11.42 -2.02 -3.18
N SER A 13 10.90 -2.33 -2.04
CA SER A 13 10.29 -3.60 -1.81
C SER A 13 8.82 -3.47 -2.15
N TYR A 14 8.06 -4.55 -2.10
CA TYR A 14 6.64 -4.48 -2.41
C TYR A 14 5.93 -3.56 -1.47
N ALA A 15 6.28 -3.66 -0.19
CA ALA A 15 5.75 -2.78 0.86
C ALA A 15 6.04 -1.31 0.53
N ASP A 16 7.25 -1.06 0.04
CA ASP A 16 7.66 0.29 -0.31
C ASP A 16 6.85 0.80 -1.47
N LEU A 17 6.60 -0.05 -2.46
CA LEU A 17 5.81 0.31 -3.65
C LEU A 17 4.37 0.74 -3.26
N ILE A 18 3.74 -0.07 -2.38
CA ILE A 18 2.38 0.24 -1.85
C ILE A 18 2.46 1.60 -1.25
N THR A 19 3.47 1.75 -0.43
CA THR A 19 3.76 2.93 0.26
C THR A 19 3.91 4.14 -0.69
N ARG A 20 4.68 3.97 -1.77
CA ARG A 20 4.95 5.05 -2.72
C ARG A 20 3.67 5.59 -3.26
N ALA A 21 2.76 4.68 -3.58
CA ALA A 21 1.46 5.10 -4.08
C ALA A 21 0.67 5.82 -2.99
N ILE A 22 0.56 5.17 -1.85
CA ILE A 22 -0.22 5.67 -0.72
C ILE A 22 0.26 7.07 -0.27
N GLU A 23 1.56 7.27 -0.25
CA GLU A 23 2.11 8.54 0.18
C GLU A 23 1.92 9.63 -0.86
N SER A 24 1.67 9.24 -2.08
CA SER A 24 1.47 10.20 -3.13
C SER A 24 -0.03 10.51 -3.31
N SER A 25 -0.83 9.94 -2.41
CA SER A 25 -2.24 10.02 -2.46
C SER A 25 -2.73 11.13 -1.49
N PRO A 26 -4.07 11.37 -1.34
CA PRO A 26 -4.55 12.50 -0.56
C PRO A 26 -4.51 12.30 0.96
N ASP A 27 -5.34 11.42 1.47
CA ASP A 27 -5.48 11.24 2.93
C ASP A 27 -4.66 10.04 3.39
N LYS A 28 -3.82 9.52 2.48
CA LYS A 28 -2.92 8.39 2.76
C LYS A 28 -3.68 7.11 3.02
N ARG A 29 -4.95 7.06 2.68
CA ARG A 29 -5.66 5.80 2.74
C ARG A 29 -6.31 5.56 1.41
N LEU A 30 -6.02 4.40 0.82
CA LEU A 30 -6.50 4.09 -0.55
C LEU A 30 -6.86 2.63 -0.65
N THR A 31 -7.81 2.31 -1.49
CA THR A 31 -8.16 0.92 -1.75
C THR A 31 -7.10 0.32 -2.66
N LEU A 32 -7.06 -0.98 -2.82
CA LEU A 32 -6.06 -1.60 -3.68
C LEU A 32 -6.25 -1.23 -5.12
N SER A 33 -7.48 -0.92 -5.49
CA SER A 33 -7.74 -0.49 -6.82
C SER A 33 -7.12 0.89 -7.04
N GLN A 34 -7.39 1.81 -6.12
CA GLN A 34 -6.80 3.12 -6.28
C GLN A 34 -5.28 3.12 -6.01
N ILE A 35 -4.82 2.22 -5.13
CA ILE A 35 -3.38 2.05 -4.90
C ILE A 35 -2.73 1.57 -6.19
N TYR A 36 -3.34 0.57 -6.80
CA TYR A 36 -2.85 0.02 -8.06
C TYR A 36 -2.69 1.11 -9.10
N GLU A 37 -3.69 1.94 -9.28
CA GLU A 37 -3.55 3.01 -10.25
C GLU A 37 -2.51 4.06 -9.83
N TRP A 38 -2.60 4.53 -8.57
CA TRP A 38 -1.65 5.50 -8.02
C TRP A 38 -0.22 5.04 -8.15
N MET A 39 0.03 3.75 -7.94
CA MET A 39 1.36 3.25 -8.14
C MET A 39 1.74 3.25 -9.58
N VAL A 40 0.92 2.64 -10.47
CA VAL A 40 1.23 2.54 -11.93
C VAL A 40 1.57 3.93 -12.51
N ARG A 41 1.08 4.98 -11.87
CA ARG A 41 1.39 6.33 -12.30
C ARG A 41 2.92 6.65 -12.17
N CYS A 42 3.55 6.19 -11.08
CA CYS A 42 4.93 6.59 -10.77
C CYS A 42 5.89 5.40 -10.59
N VAL A 43 5.38 4.29 -10.11
CA VAL A 43 6.13 3.07 -9.81
C VAL A 43 6.93 2.58 -11.04
N PRO A 44 8.13 2.07 -10.84
CA PRO A 44 8.88 1.48 -11.93
C PRO A 44 8.43 0.03 -12.21
N TYR A 45 8.30 -0.72 -11.14
CA TYR A 45 8.04 -2.15 -11.18
C TYR A 45 6.65 -2.48 -11.74
N PHE A 46 5.63 -1.82 -11.23
CA PHE A 46 4.25 -2.13 -11.60
C PHE A 46 3.82 -1.58 -12.95
N LYS A 47 4.72 -0.96 -13.67
CA LYS A 47 4.41 -0.53 -15.03
C LYS A 47 4.07 -1.75 -15.89
N ASP A 48 4.95 -2.75 -15.86
CA ASP A 48 4.75 -3.98 -16.64
C ASP A 48 3.58 -4.73 -16.07
N LYS A 49 3.48 -4.67 -14.76
CA LYS A 49 2.47 -5.39 -14.01
C LYS A 49 1.11 -4.75 -14.20
N GLY A 50 1.11 -3.54 -14.78
CA GLY A 50 -0.11 -2.88 -15.08
C GLY A 50 -0.72 -3.49 -16.33
N ASP A 51 0.13 -3.99 -17.19
CA ASP A 51 -0.32 -4.56 -18.44
C ASP A 51 -0.62 -6.03 -18.26
N SER A 52 0.31 -6.71 -17.64
CA SER A 52 0.24 -8.14 -17.44
C SER A 52 -0.80 -8.52 -16.36
N ASN A 53 -1.02 -9.84 -16.19
CA ASN A 53 -1.98 -10.39 -15.19
C ASN A 53 -1.52 -10.13 -13.77
N SER A 54 -0.28 -9.67 -13.66
CA SER A 54 0.40 -9.34 -12.47
C SER A 54 -0.31 -8.26 -11.60
N SER A 55 -1.38 -7.63 -12.13
CA SER A 55 -2.22 -6.77 -11.32
C SER A 55 -2.83 -7.67 -10.23
N ALA A 56 -3.56 -8.71 -10.69
CA ALA A 56 -4.16 -9.75 -9.86
C ALA A 56 -3.07 -10.77 -9.54
N GLY A 57 -1.93 -10.23 -9.27
CA GLY A 57 -0.73 -10.93 -9.08
C GLY A 57 -0.02 -10.27 -7.96
N TRP A 58 0.73 -9.28 -8.26
CA TRP A 58 1.48 -8.58 -7.25
C TRP A 58 0.59 -7.84 -6.26
N LYS A 59 -0.67 -7.50 -6.62
CA LYS A 59 -1.61 -6.96 -5.63
C LYS A 59 -2.00 -8.01 -4.62
N ASN A 60 -2.03 -9.28 -5.06
CA ASN A 60 -2.45 -10.34 -4.17
C ASN A 60 -1.35 -10.59 -3.16
N SER A 61 -0.14 -10.46 -3.65
CA SER A 61 1.02 -10.58 -2.92
C SER A 61 1.18 -9.35 -1.98
N ILE A 62 0.84 -8.16 -2.49
CA ILE A 62 0.89 -6.91 -1.73
C ILE A 62 0.07 -7.00 -0.45
N ARG A 63 -1.06 -7.70 -0.53
CA ARG A 63 -1.95 -7.84 0.61
C ARG A 63 -1.26 -8.50 1.78
N HIS A 64 -0.31 -9.37 1.47
CA HIS A 64 0.46 -10.05 2.48
C HIS A 64 1.41 -9.06 3.13
N ASN A 65 2.02 -8.20 2.30
CA ASN A 65 3.00 -7.18 2.76
C ASN A 65 2.39 -6.23 3.80
N LEU A 66 1.10 -5.92 3.65
CA LEU A 66 0.38 -5.09 4.62
C LEU A 66 0.26 -5.80 5.97
N SER A 67 0.20 -7.09 5.91
CA SER A 67 0.03 -7.91 7.09
C SER A 67 1.36 -8.57 7.52
N LEU A 68 2.44 -8.20 6.85
CA LEU A 68 3.76 -8.74 7.20
C LEU A 68 4.46 -7.80 8.13
N HIS A 69 3.95 -6.61 8.20
CA HIS A 69 4.59 -5.58 8.94
C HIS A 69 3.58 -4.91 9.83
N SER A 70 4.07 -4.18 10.79
CA SER A 70 3.26 -3.34 11.64
C SER A 70 3.35 -1.93 11.04
N ARG A 71 4.04 -1.87 9.90
CA ARG A 71 4.28 -0.66 9.14
C ARG A 71 3.10 -0.37 8.23
N PHE A 72 2.03 -1.07 8.40
CA PHE A 72 0.81 -0.86 7.61
C PHE A 72 -0.36 -1.07 8.53
N MET A 73 -1.48 -0.50 8.19
CA MET A 73 -2.69 -0.71 8.94
C MET A 73 -3.85 -0.47 8.01
N ARG A 74 -4.97 -1.01 8.34
CA ARG A 74 -6.11 -0.91 7.48
C ARG A 74 -7.16 -0.10 8.12
N VAL A 75 -7.83 0.60 7.28
CA VAL A 75 -8.84 1.49 7.64
C VAL A 75 -10.07 1.10 6.84
N GLN A 76 -11.21 1.22 7.40
CA GLN A 76 -12.35 0.76 6.70
C GLN A 76 -13.44 1.78 6.64
N ASN A 77 -14.50 1.43 5.97
CA ASN A 77 -15.62 2.30 5.79
C ASN A 77 -16.54 2.15 6.98
N GLU A 78 -17.11 3.23 7.42
CA GLU A 78 -17.99 3.20 8.57
C GLU A 78 -19.35 2.63 8.21
N GLY A 79 -19.82 2.99 7.04
CA GLY A 79 -21.11 2.54 6.61
C GLY A 79 -21.18 2.35 5.13
N THR A 80 -21.05 3.43 4.42
CA THR A 80 -21.19 3.43 3.01
C THR A 80 -19.89 3.09 2.29
N GLY A 81 -19.85 1.91 1.72
CA GLY A 81 -18.72 1.47 0.98
C GLY A 81 -18.37 0.05 1.33
N LYS A 82 -17.63 -0.58 0.46
CA LYS A 82 -17.15 -1.92 0.71
C LYS A 82 -15.63 -1.93 0.66
N SER A 83 -15.09 -1.18 -0.27
CA SER A 83 -13.69 -1.10 -0.48
C SER A 83 -13.00 -0.30 0.63
N SER A 84 -12.34 -1.01 1.49
CA SER A 84 -11.64 -0.44 2.59
C SER A 84 -10.38 0.28 2.12
N TRP A 85 -9.82 1.10 2.96
CA TRP A 85 -8.68 1.87 2.60
C TRP A 85 -7.48 1.26 3.26
N TRP A 86 -6.39 1.27 2.61
CA TRP A 86 -5.21 0.69 3.15
C TRP A 86 -4.21 1.80 3.33
N ILE A 87 -3.47 1.79 4.45
CA ILE A 87 -2.44 2.81 4.70
C ILE A 87 -1.15 2.17 5.19
N ILE A 88 -0.07 2.90 5.10
CA ILE A 88 1.17 2.50 5.71
C ILE A 88 1.11 3.12 7.09
N ASN A 89 1.28 2.35 8.12
CA ASN A 89 1.12 2.84 9.48
C ASN A 89 2.26 3.77 9.85
N PRO A 90 1.94 5.06 10.04
CA PRO A 90 2.91 6.07 10.44
C PRO A 90 2.92 6.20 11.95
N ASP A 91 2.26 5.22 12.59
CA ASP A 91 2.18 5.02 14.00
C ASP A 91 1.13 5.85 14.69
N GLY A 92 0.74 6.92 14.03
CA GLY A 92 -0.31 7.76 14.53
C GLY A 92 -0.78 8.72 13.48
N GLY A 93 -1.27 8.19 12.40
CA GLY A 93 -1.76 9.03 11.33
C GLY A 93 -3.26 8.90 11.16
N LYS A 94 -3.69 7.82 10.53
CA LYS A 94 -5.11 7.59 10.30
C LYS A 94 -5.67 6.78 11.43
N SER A 95 -6.88 7.09 11.83
CA SER A 95 -7.57 6.27 12.77
C SER A 95 -8.16 5.10 12.03
N GLY A 96 -7.93 3.93 12.53
CA GLY A 96 -8.41 2.75 11.91
C GLY A 96 -8.16 1.58 12.81
N LYS A 97 -7.74 0.48 12.24
CA LYS A 97 -7.48 -0.68 13.04
C LYS A 97 -6.08 -0.67 13.60
N ALA A 98 -5.97 -0.04 14.74
CA ALA A 98 -4.79 0.08 15.53
C ALA A 98 -5.19 0.80 16.80
N PRO A 99 -5.12 0.13 17.97
CA PRO A 99 -5.52 0.74 19.25
C PRO A 99 -4.49 1.76 19.72
N ARG A 100 -4.36 2.82 18.96
CA ARG A 100 -3.40 3.85 19.22
C ARG A 100 -4.04 5.21 19.09
N ARG A 101 -3.39 6.16 19.70
CA ARG A 101 -3.74 7.53 19.66
C ARG A 101 -2.45 8.31 19.88
N ARG A 102 -1.87 8.72 18.78
CA ARG A 102 -0.63 9.46 18.78
C ARG A 102 -0.64 10.48 17.67
N ALA A 103 -0.27 11.67 17.99
CA ALA A 103 -0.13 12.72 17.03
C ALA A 103 1.36 12.91 16.79
N GLY A 1 23.10 -0.25 7.52
CA GLY A 1 23.32 -0.66 8.91
C GLY A 1 22.08 -1.24 9.52
N SER A 2 21.45 -0.51 10.42
CA SER A 2 20.24 -0.95 11.08
C SER A 2 19.05 -0.98 10.11
N SER A 3 19.12 -0.13 9.12
CA SER A 3 18.18 -0.14 8.05
C SER A 3 18.96 -0.47 6.79
N SER A 4 18.37 -1.23 5.91
CA SER A 4 19.01 -1.61 4.70
C SER A 4 18.91 -0.49 3.68
N ARG A 5 20.03 -0.09 3.17
CA ARG A 5 20.07 0.94 2.18
C ARG A 5 19.77 0.36 0.81
N ARG A 6 19.19 1.15 -0.02
CA ARG A 6 18.81 0.76 -1.33
C ARG A 6 18.58 2.03 -2.14
N ASN A 7 18.31 1.91 -3.40
CA ASN A 7 17.88 3.06 -4.13
C ASN A 7 16.38 3.09 -4.12
N ALA A 8 15.82 4.22 -3.84
CA ALA A 8 14.39 4.35 -3.67
C ALA A 8 13.66 4.49 -5.00
N TRP A 9 14.31 4.16 -6.06
CA TRP A 9 13.67 4.30 -7.35
C TRP A 9 13.69 3.00 -8.15
N GLY A 10 14.40 1.99 -7.65
CA GLY A 10 14.41 0.71 -8.35
C GLY A 10 14.73 -0.48 -7.47
N ASN A 11 14.69 -0.29 -6.17
CA ASN A 11 14.97 -1.38 -5.21
C ASN A 11 13.84 -1.38 -4.20
N LEU A 12 12.69 -0.98 -4.66
CA LEU A 12 11.53 -0.86 -3.81
C LEU A 12 10.83 -2.20 -3.73
N SER A 13 10.58 -2.64 -2.52
CA SER A 13 9.91 -3.89 -2.33
C SER A 13 8.40 -3.65 -2.49
N TYR A 14 7.59 -4.73 -2.49
CA TYR A 14 6.13 -4.59 -2.67
C TYR A 14 5.57 -3.59 -1.68
N ALA A 15 5.93 -3.76 -0.41
CA ALA A 15 5.53 -2.86 0.68
C ALA A 15 5.88 -1.38 0.36
N ASP A 16 7.08 -1.18 -0.16
CA ASP A 16 7.56 0.16 -0.50
C ASP A 16 6.72 0.74 -1.61
N LEU A 17 6.40 -0.08 -2.60
CA LEU A 17 5.61 0.34 -3.76
C LEU A 17 4.22 0.82 -3.32
N ILE A 18 3.57 0.02 -2.43
CA ILE A 18 2.25 0.36 -1.88
C ILE A 18 2.37 1.73 -1.28
N THR A 19 3.41 1.85 -0.47
CA THR A 19 3.74 3.04 0.20
C THR A 19 3.88 4.24 -0.78
N ARG A 20 4.63 4.04 -1.87
CA ARG A 20 4.90 5.07 -2.87
C ARG A 20 3.60 5.66 -3.36
N ALA A 21 2.66 4.77 -3.68
CA ALA A 21 1.37 5.19 -4.18
C ALA A 21 0.57 5.92 -3.12
N ILE A 22 0.45 5.30 -1.96
CA ILE A 22 -0.28 5.84 -0.80
C ILE A 22 0.21 7.27 -0.44
N GLU A 23 1.52 7.47 -0.44
CA GLU A 23 2.12 8.74 -0.13
C GLU A 23 1.95 9.78 -1.24
N SER A 24 1.53 9.32 -2.38
CA SER A 24 1.27 10.17 -3.49
C SER A 24 -0.25 10.39 -3.64
N SER A 25 -0.98 9.92 -2.65
CA SER A 25 -2.40 10.00 -2.63
C SER A 25 -2.83 11.14 -1.66
N PRO A 26 -4.15 11.41 -1.45
CA PRO A 26 -4.55 12.58 -0.69
C PRO A 26 -4.50 12.39 0.84
N ASP A 27 -5.26 11.44 1.34
CA ASP A 27 -5.42 11.28 2.79
C ASP A 27 -4.62 10.10 3.29
N LYS A 28 -3.79 9.55 2.40
CA LYS A 28 -2.91 8.41 2.71
C LYS A 28 -3.68 7.12 2.96
N ARG A 29 -4.96 7.14 2.78
CA ARG A 29 -5.70 5.91 2.85
C ARG A 29 -6.38 5.72 1.54
N LEU A 30 -6.15 4.56 0.94
CA LEU A 30 -6.70 4.23 -0.36
C LEU A 30 -7.01 2.78 -0.38
N THR A 31 -7.92 2.38 -1.20
CA THR A 31 -8.16 0.98 -1.40
C THR A 31 -7.02 0.46 -2.27
N LEU A 32 -6.90 -0.82 -2.38
CA LEU A 32 -5.84 -1.43 -3.16
C LEU A 32 -6.06 -1.12 -4.63
N SER A 33 -7.29 -0.85 -4.97
CA SER A 33 -7.66 -0.44 -6.29
C SER A 33 -7.06 0.94 -6.59
N GLN A 34 -7.28 1.90 -5.67
CA GLN A 34 -6.71 3.23 -5.86
C GLN A 34 -5.20 3.17 -5.76
N ILE A 35 -4.68 2.30 -4.90
CA ILE A 35 -3.25 2.15 -4.75
C ILE A 35 -2.66 1.60 -6.03
N TYR A 36 -3.33 0.63 -6.61
CA TYR A 36 -2.91 0.00 -7.84
C TYR A 36 -2.77 1.04 -8.94
N GLU A 37 -3.78 1.88 -9.11
CA GLU A 37 -3.70 2.90 -10.14
C GLU A 37 -2.65 3.97 -9.80
N TRP A 38 -2.70 4.49 -8.55
CA TRP A 38 -1.74 5.48 -8.08
C TRP A 38 -0.33 4.98 -8.18
N MET A 39 -0.17 3.69 -8.01
CA MET A 39 1.10 3.09 -8.16
C MET A 39 1.54 3.18 -9.57
N VAL A 40 0.76 2.58 -10.50
CA VAL A 40 1.11 2.55 -11.95
C VAL A 40 1.44 3.97 -12.48
N ARG A 41 0.87 4.97 -11.83
CA ARG A 41 1.17 6.36 -12.16
C ARG A 41 2.68 6.72 -11.92
N CYS A 42 3.23 6.26 -10.79
CA CYS A 42 4.56 6.73 -10.33
C CYS A 42 5.60 5.58 -10.11
N VAL A 43 5.11 4.39 -9.94
CA VAL A 43 5.90 3.23 -9.64
C VAL A 43 6.78 2.86 -10.84
N PRO A 44 7.95 2.30 -10.61
CA PRO A 44 8.74 1.72 -11.69
C PRO A 44 8.31 0.27 -12.01
N TYR A 45 8.18 -0.52 -10.96
CA TYR A 45 7.94 -1.94 -11.06
C TYR A 45 6.54 -2.27 -11.59
N PHE A 46 5.53 -1.67 -10.99
CA PHE A 46 4.13 -1.93 -11.38
C PHE A 46 3.70 -1.25 -12.67
N LYS A 47 4.63 -0.78 -13.46
CA LYS A 47 4.29 -0.33 -14.79
C LYS A 47 3.91 -1.56 -15.62
N ASP A 48 4.80 -2.54 -15.60
CA ASP A 48 4.59 -3.78 -16.35
C ASP A 48 3.51 -4.57 -15.68
N LYS A 49 3.58 -4.56 -14.36
CA LYS A 49 2.67 -5.32 -13.52
C LYS A 49 1.35 -4.56 -13.41
N GLY A 50 1.29 -3.40 -14.07
CA GLY A 50 0.10 -2.62 -14.08
C GLY A 50 -0.71 -2.96 -15.28
N ASP A 51 -0.12 -3.75 -16.16
CA ASP A 51 -0.77 -4.16 -17.37
C ASP A 51 -1.09 -5.65 -17.36
N SER A 52 -0.06 -6.46 -17.34
CA SER A 52 -0.20 -7.88 -17.53
C SER A 52 -0.54 -8.67 -16.25
N ASN A 53 -0.42 -10.00 -16.36
CA ASN A 53 -0.83 -11.01 -15.35
C ASN A 53 -0.38 -10.70 -13.93
N SER A 54 0.80 -10.11 -13.80
CA SER A 54 1.35 -9.71 -12.54
C SER A 54 0.53 -8.63 -11.81
N SER A 55 -0.51 -8.13 -12.45
CA SER A 55 -1.47 -7.29 -11.79
C SER A 55 -2.06 -8.11 -10.63
N ALA A 56 -2.74 -9.19 -10.98
CA ALA A 56 -3.32 -10.13 -10.03
C ALA A 56 -2.22 -11.11 -9.58
N GLY A 57 -1.03 -10.60 -9.56
CA GLY A 57 0.12 -11.38 -9.34
C GLY A 57 0.95 -10.80 -8.24
N TRP A 58 1.37 -9.60 -8.42
CA TRP A 58 2.11 -8.95 -7.42
C TRP A 58 1.19 -8.14 -6.54
N LYS A 59 0.04 -7.71 -7.07
CA LYS A 59 -0.92 -7.03 -6.22
C LYS A 59 -1.56 -8.02 -5.30
N ASN A 60 -1.69 -9.28 -5.75
CA ASN A 60 -2.28 -10.25 -4.88
C ASN A 60 -1.29 -10.59 -3.76
N SER A 61 -0.01 -10.43 -4.07
CA SER A 61 1.04 -10.68 -3.13
C SER A 61 1.17 -9.46 -2.18
N ILE A 62 0.95 -8.25 -2.73
CA ILE A 62 0.97 -6.99 -1.96
C ILE A 62 0.00 -7.04 -0.80
N ARG A 63 -1.13 -7.69 -1.03
CA ARG A 63 -2.20 -7.78 -0.06
C ARG A 63 -1.69 -8.45 1.21
N HIS A 64 -0.79 -9.39 0.97
CA HIS A 64 -0.17 -10.16 1.99
C HIS A 64 0.84 -9.29 2.75
N ASN A 65 1.47 -8.35 2.03
CA ASN A 65 2.51 -7.48 2.61
C ASN A 65 1.91 -6.55 3.64
N LEU A 66 0.67 -6.15 3.39
CA LEU A 66 -0.07 -5.34 4.35
C LEU A 66 -0.35 -6.13 5.64
N SER A 67 -0.43 -7.43 5.51
CA SER A 67 -0.70 -8.31 6.63
C SER A 67 0.63 -8.86 7.19
N LEU A 68 1.73 -8.37 6.70
CA LEU A 68 3.03 -8.85 7.14
C LEU A 68 3.62 -7.88 8.10
N HIS A 69 3.72 -6.69 7.64
CA HIS A 69 4.40 -5.66 8.33
C HIS A 69 3.42 -4.91 9.21
N SER A 70 3.89 -4.46 10.34
CA SER A 70 3.11 -3.62 11.21
C SER A 70 3.27 -2.17 10.71
N ARG A 71 4.00 -2.07 9.59
CA ARG A 71 4.28 -0.82 8.89
C ARG A 71 3.10 -0.43 8.04
N PHE A 72 2.01 -1.12 8.16
CA PHE A 72 0.79 -0.80 7.43
C PHE A 72 -0.34 -0.98 8.39
N MET A 73 -1.39 -0.25 8.20
CA MET A 73 -2.54 -0.41 9.01
C MET A 73 -3.75 -0.19 8.16
N ARG A 74 -4.73 -0.98 8.39
CA ARG A 74 -5.94 -0.94 7.63
C ARG A 74 -6.95 -0.13 8.33
N VAL A 75 -7.59 0.66 7.57
CA VAL A 75 -8.45 1.64 8.05
C VAL A 75 -9.88 1.38 7.57
N GLN A 76 -10.82 1.73 8.39
CA GLN A 76 -12.22 1.53 8.08
C GLN A 76 -12.74 2.69 7.27
N ASN A 77 -13.93 2.52 6.73
CA ASN A 77 -14.56 3.58 6.00
C ASN A 77 -15.30 4.45 6.96
N GLU A 78 -15.80 5.56 6.47
CA GLU A 78 -16.59 6.49 7.25
C GLU A 78 -17.96 5.91 7.64
N GLY A 79 -18.22 4.75 7.14
CA GLY A 79 -19.36 4.00 7.54
C GLY A 79 -18.92 2.93 8.50
N THR A 80 -18.80 1.71 8.02
CA THR A 80 -18.32 0.62 8.83
C THR A 80 -17.19 -0.13 8.10
N GLY A 81 -17.57 -1.06 7.25
CA GLY A 81 -16.63 -1.86 6.52
C GLY A 81 -17.16 -2.14 5.14
N LYS A 82 -17.07 -1.15 4.29
CA LYS A 82 -17.57 -1.25 2.96
C LYS A 82 -16.47 -1.73 2.02
N SER A 83 -15.49 -0.87 1.79
CA SER A 83 -14.40 -1.18 0.90
C SER A 83 -13.08 -1.15 1.68
N SER A 84 -13.13 -0.41 2.80
CA SER A 84 -11.99 -0.11 3.66
C SER A 84 -10.98 0.78 2.93
N TRP A 85 -9.96 1.21 3.62
CA TRP A 85 -8.88 1.96 3.01
C TRP A 85 -7.61 1.41 3.61
N TRP A 86 -6.54 1.46 2.90
CA TRP A 86 -5.31 0.90 3.39
C TRP A 86 -4.29 2.02 3.51
N ILE A 87 -3.48 2.00 4.60
CA ILE A 87 -2.40 2.99 4.76
C ILE A 87 -1.12 2.32 5.24
N ILE A 88 -0.01 3.04 5.18
CA ILE A 88 1.24 2.61 5.76
C ILE A 88 1.21 3.17 7.20
N ASN A 89 1.57 2.38 8.16
CA ASN A 89 1.50 2.76 9.56
C ASN A 89 2.80 3.41 10.00
N PRO A 90 2.76 4.70 10.30
CA PRO A 90 3.93 5.41 10.82
C PRO A 90 4.13 5.12 12.32
N ASP A 91 3.01 4.85 12.99
CA ASP A 91 2.89 4.59 14.43
C ASP A 91 1.42 4.61 14.77
N GLY A 92 0.78 5.64 14.26
CA GLY A 92 -0.65 5.82 14.40
C GLY A 92 -1.11 6.91 13.47
N GLY A 93 -1.37 6.54 12.22
CA GLY A 93 -1.76 7.52 11.23
C GLY A 93 -3.24 7.73 11.21
N LYS A 94 -3.89 7.18 10.22
CA LYS A 94 -5.33 7.23 10.13
C LYS A 94 -5.89 6.27 11.15
N SER A 95 -7.07 6.53 11.65
CA SER A 95 -7.66 5.68 12.66
C SER A 95 -8.13 4.37 12.04
N GLY A 96 -7.42 3.32 12.35
CA GLY A 96 -7.73 2.02 11.85
C GLY A 96 -7.18 0.99 12.77
N LYS A 97 -7.06 -0.23 12.29
CA LYS A 97 -6.59 -1.39 13.05
C LYS A 97 -7.47 -1.58 14.28
N ALA A 98 -8.61 -2.15 14.08
CA ALA A 98 -9.55 -2.33 15.14
C ALA A 98 -10.04 -3.76 15.22
N PRO A 99 -9.67 -4.48 16.30
CA PRO A 99 -10.17 -5.83 16.58
C PRO A 99 -11.53 -5.77 17.27
N ARG A 100 -12.03 -4.56 17.39
CA ARG A 100 -13.30 -4.25 17.99
C ARG A 100 -14.38 -4.57 16.94
N ARG A 101 -15.44 -5.20 17.37
CA ARG A 101 -16.49 -5.63 16.45
C ARG A 101 -17.60 -4.60 16.40
N ARG A 102 -18.52 -4.79 15.50
CA ARG A 102 -19.66 -3.94 15.41
C ARG A 102 -20.76 -4.50 16.28
N ALA A 103 -21.09 -3.79 17.31
CA ALA A 103 -22.11 -4.21 18.21
C ALA A 103 -23.04 -3.06 18.48
N GLY A 1 20.06 -10.31 -3.74
CA GLY A 1 19.84 -8.93 -4.12
C GLY A 1 20.26 -8.00 -3.02
N SER A 2 19.95 -6.73 -3.14
CA SER A 2 20.32 -5.77 -2.17
C SER A 2 19.17 -5.57 -1.18
N SER A 3 19.32 -6.10 0.02
CA SER A 3 18.29 -5.97 1.00
C SER A 3 18.79 -5.24 2.23
N SER A 4 20.07 -5.28 2.50
CA SER A 4 20.62 -4.59 3.63
C SER A 4 20.69 -3.11 3.31
N ARG A 5 21.07 -2.81 2.09
CA ARG A 5 21.05 -1.47 1.61
C ARG A 5 20.42 -1.51 0.25
N ARG A 6 19.89 -0.40 -0.18
CA ARG A 6 19.22 -0.31 -1.46
C ARG A 6 18.86 1.13 -1.73
N ASN A 7 18.33 1.39 -2.90
CA ASN A 7 17.90 2.73 -3.21
C ASN A 7 16.43 2.87 -3.05
N ALA A 8 15.93 3.98 -3.51
CA ALA A 8 14.56 4.28 -3.37
C ALA A 8 13.89 4.54 -4.72
N TRP A 9 14.47 4.08 -5.82
CA TRP A 9 13.84 4.30 -7.11
C TRP A 9 13.75 3.03 -7.95
N GLY A 10 14.49 2.00 -7.61
CA GLY A 10 14.39 0.77 -8.35
C GLY A 10 14.54 -0.43 -7.46
N ASN A 11 14.64 -0.19 -6.18
CA ASN A 11 14.86 -1.26 -5.23
C ASN A 11 13.82 -1.20 -4.13
N LEU A 12 12.66 -0.71 -4.47
CA LEU A 12 11.57 -0.67 -3.51
C LEU A 12 11.00 -2.05 -3.36
N SER A 13 10.75 -2.44 -2.15
CA SER A 13 10.15 -3.70 -1.89
C SER A 13 8.65 -3.54 -2.11
N TYR A 14 7.88 -4.62 -2.00
CA TYR A 14 6.45 -4.55 -2.24
C TYR A 14 5.83 -3.52 -1.33
N ALA A 15 6.19 -3.58 -0.06
CA ALA A 15 5.72 -2.67 0.96
C ALA A 15 6.01 -1.21 0.60
N ASP A 16 7.17 -1.00 0.02
CA ASP A 16 7.63 0.32 -0.35
C ASP A 16 6.84 0.84 -1.52
N LEU A 17 6.53 -0.04 -2.44
CA LEU A 17 5.76 0.34 -3.64
C LEU A 17 4.33 0.72 -3.24
N ILE A 18 3.75 -0.05 -2.30
CA ILE A 18 2.40 0.25 -1.77
C ILE A 18 2.47 1.65 -1.22
N THR A 19 3.52 1.88 -0.43
CA THR A 19 3.81 3.14 0.15
C THR A 19 3.90 4.26 -0.92
N ARG A 20 4.66 3.99 -2.00
CA ARG A 20 4.86 4.96 -3.08
C ARG A 20 3.53 5.45 -3.61
N ALA A 21 2.59 4.52 -3.78
CA ALA A 21 1.25 4.88 -4.24
C ALA A 21 0.50 5.65 -3.19
N ILE A 22 0.42 5.07 -2.01
CA ILE A 22 -0.32 5.61 -0.88
C ILE A 22 0.13 7.05 -0.54
N GLU A 23 1.42 7.30 -0.57
CA GLU A 23 1.98 8.59 -0.29
C GLU A 23 1.70 9.59 -1.39
N SER A 24 1.43 9.10 -2.57
CA SER A 24 1.14 9.94 -3.69
C SER A 24 -0.37 10.11 -3.84
N SER A 25 -1.09 9.59 -2.86
CA SER A 25 -2.49 9.62 -2.84
C SER A 25 -2.93 10.74 -1.86
N PRO A 26 -4.24 10.99 -1.64
CA PRO A 26 -4.67 12.12 -0.85
C PRO A 26 -4.58 11.89 0.67
N ASP A 27 -5.43 11.02 1.17
CA ASP A 27 -5.54 10.81 2.62
C ASP A 27 -4.60 9.75 3.10
N LYS A 28 -3.75 9.23 2.22
CA LYS A 28 -2.80 8.16 2.56
C LYS A 28 -3.52 6.87 2.92
N ARG A 29 -4.76 6.78 2.56
CA ARG A 29 -5.51 5.58 2.70
C ARG A 29 -6.23 5.36 1.41
N LEU A 30 -6.07 4.19 0.83
CA LEU A 30 -6.66 3.84 -0.46
C LEU A 30 -6.98 2.40 -0.45
N THR A 31 -7.91 1.99 -1.23
CA THR A 31 -8.20 0.58 -1.37
C THR A 31 -7.07 -0.02 -2.21
N LEU A 32 -6.98 -1.35 -2.26
CA LEU A 32 -5.91 -2.00 -3.02
C LEU A 32 -6.07 -1.69 -4.52
N SER A 33 -7.29 -1.34 -4.90
CA SER A 33 -7.61 -0.97 -6.24
C SER A 33 -7.00 0.38 -6.54
N GLN A 34 -7.27 1.37 -5.68
CA GLN A 34 -6.71 2.69 -5.92
C GLN A 34 -5.22 2.62 -5.80
N ILE A 35 -4.74 1.82 -4.87
CA ILE A 35 -3.30 1.63 -4.69
C ILE A 35 -2.68 1.13 -5.97
N TYR A 36 -3.32 0.13 -6.60
CA TYR A 36 -2.82 -0.44 -7.85
C TYR A 36 -2.69 0.65 -8.91
N GLU A 37 -3.72 1.44 -9.09
CA GLU A 37 -3.64 2.46 -10.10
C GLU A 37 -2.65 3.59 -9.70
N TRP A 38 -2.74 4.03 -8.45
CA TRP A 38 -1.87 5.07 -7.94
C TRP A 38 -0.41 4.69 -8.01
N MET A 39 -0.09 3.41 -7.83
CA MET A 39 1.26 3.00 -8.02
C MET A 39 1.63 3.05 -9.45
N VAL A 40 0.82 2.43 -10.35
CA VAL A 40 1.12 2.42 -11.80
C VAL A 40 1.38 3.85 -12.33
N ARG A 41 0.81 4.84 -11.66
CA ARG A 41 1.04 6.24 -12.02
C ARG A 41 2.54 6.68 -11.85
N CYS A 42 3.17 6.27 -10.74
CA CYS A 42 4.52 6.78 -10.40
C CYS A 42 5.59 5.68 -10.20
N VAL A 43 5.13 4.48 -10.00
CA VAL A 43 5.97 3.32 -9.72
C VAL A 43 6.86 2.96 -10.94
N PRO A 44 8.04 2.47 -10.70
CA PRO A 44 8.86 1.92 -11.77
C PRO A 44 8.53 0.42 -12.05
N TYR A 45 8.38 -0.34 -10.98
CA TYR A 45 8.25 -1.80 -11.04
C TYR A 45 6.86 -2.26 -11.48
N PHE A 46 5.83 -1.64 -10.94
CA PHE A 46 4.45 -2.03 -11.27
C PHE A 46 3.97 -1.51 -12.60
N LYS A 47 4.83 -0.88 -13.35
CA LYS A 47 4.53 -0.50 -14.72
C LYS A 47 4.25 -1.76 -15.53
N ASP A 48 5.18 -2.70 -15.41
CA ASP A 48 5.07 -3.99 -16.07
C ASP A 48 3.90 -4.71 -15.54
N LYS A 49 3.77 -4.63 -14.24
CA LYS A 49 2.78 -5.36 -13.51
C LYS A 49 1.43 -4.68 -13.62
N GLY A 50 1.36 -3.61 -14.41
CA GLY A 50 0.11 -2.99 -14.70
C GLY A 50 -0.63 -3.83 -15.72
N ASP A 51 0.15 -4.57 -16.51
CA ASP A 51 -0.38 -5.43 -17.54
C ASP A 51 -0.15 -6.87 -17.14
N SER A 52 -0.76 -7.80 -17.89
CA SER A 52 -0.65 -9.24 -17.64
C SER A 52 -1.31 -9.65 -16.30
N ASN A 53 -1.14 -10.91 -15.89
CA ASN A 53 -1.68 -11.40 -14.60
C ASN A 53 -0.89 -10.83 -13.45
N SER A 54 0.19 -10.16 -13.78
CA SER A 54 1.06 -9.51 -12.88
C SER A 54 0.33 -8.45 -12.07
N SER A 55 -0.75 -7.91 -12.65
CA SER A 55 -1.58 -6.96 -11.96
C SER A 55 -2.12 -7.63 -10.70
N ALA A 56 -3.04 -8.56 -10.89
CA ALA A 56 -3.61 -9.37 -9.80
C ALA A 56 -2.62 -10.51 -9.47
N GLY A 57 -1.37 -10.16 -9.45
CA GLY A 57 -0.30 -11.09 -9.29
C GLY A 57 0.69 -10.56 -8.31
N TRP A 58 1.13 -9.39 -8.56
CA TRP A 58 1.98 -8.71 -7.66
C TRP A 58 1.12 -7.94 -6.65
N LYS A 59 -0.04 -7.44 -7.10
CA LYS A 59 -0.94 -6.68 -6.22
C LYS A 59 -1.58 -7.61 -5.21
N ASN A 60 -1.79 -8.86 -5.59
CA ASN A 60 -2.46 -9.77 -4.68
C ASN A 60 -1.49 -10.18 -3.59
N SER A 61 -0.23 -10.21 -3.97
CA SER A 61 0.84 -10.54 -3.14
C SER A 61 1.15 -9.36 -2.20
N ILE A 62 0.88 -8.14 -2.69
CA ILE A 62 1.01 -6.92 -1.90
C ILE A 62 0.22 -7.00 -0.62
N ARG A 63 -0.96 -7.59 -0.70
CA ARG A 63 -1.90 -7.70 0.41
C ARG A 63 -1.27 -8.41 1.61
N HIS A 64 -0.35 -9.31 1.32
CA HIS A 64 0.35 -10.07 2.35
C HIS A 64 1.29 -9.15 3.13
N ASN A 65 1.92 -8.23 2.42
CA ASN A 65 2.90 -7.29 2.99
C ASN A 65 2.26 -6.39 4.02
N LEU A 66 1.00 -6.05 3.78
CA LEU A 66 0.22 -5.22 4.70
C LEU A 66 -0.01 -5.93 6.05
N SER A 67 0.15 -7.24 6.04
CA SER A 67 -0.08 -8.03 7.22
C SER A 67 1.25 -8.50 7.83
N LEU A 68 2.34 -8.29 7.10
CA LEU A 68 3.63 -8.83 7.51
C LEU A 68 4.25 -8.03 8.63
N HIS A 69 4.16 -6.75 8.51
CA HIS A 69 4.76 -5.89 9.49
C HIS A 69 3.71 -4.90 9.93
N SER A 70 3.84 -4.40 11.14
CA SER A 70 2.98 -3.38 11.71
C SER A 70 3.26 -2.01 11.04
N ARG A 71 3.99 -2.06 9.93
CA ARG A 71 4.31 -0.91 9.12
C ARG A 71 3.11 -0.57 8.23
N PHE A 72 2.06 -1.32 8.32
CA PHE A 72 0.85 -1.04 7.57
C PHE A 72 -0.30 -1.22 8.50
N MET A 73 -1.38 -0.54 8.23
CA MET A 73 -2.55 -0.68 9.03
C MET A 73 -3.74 -0.45 8.14
N ARG A 74 -4.85 -0.93 8.55
CA ARG A 74 -6.03 -0.88 7.75
C ARG A 74 -7.07 -0.05 8.39
N VAL A 75 -7.61 0.76 7.55
CA VAL A 75 -8.58 1.70 7.87
C VAL A 75 -9.93 1.26 7.30
N GLN A 76 -10.97 1.60 7.98
CA GLN A 76 -12.30 1.24 7.56
C GLN A 76 -12.99 2.47 7.03
N ASN A 77 -14.22 2.32 6.67
CA ASN A 77 -15.02 3.46 6.33
C ASN A 77 -15.55 4.02 7.61
N GLU A 78 -15.30 5.30 7.84
CA GLU A 78 -15.75 5.97 9.06
C GLU A 78 -17.24 5.84 9.16
N GLY A 79 -17.90 6.27 8.13
CA GLY A 79 -19.30 6.13 8.03
C GLY A 79 -19.67 5.27 6.86
N THR A 80 -19.27 5.70 5.69
CA THR A 80 -19.58 4.99 4.47
C THR A 80 -18.65 5.46 3.35
N GLY A 81 -18.24 4.55 2.50
CA GLY A 81 -17.34 4.87 1.43
C GLY A 81 -17.55 3.90 0.30
N LYS A 82 -16.49 3.51 -0.36
CA LYS A 82 -16.60 2.54 -1.43
C LYS A 82 -16.15 1.18 -0.88
N SER A 83 -15.04 1.21 -0.16
CA SER A 83 -14.47 0.04 0.44
C SER A 83 -13.49 0.51 1.52
N SER A 84 -13.02 -0.42 2.32
CA SER A 84 -12.02 -0.14 3.34
C SER A 84 -10.74 0.40 2.70
N TRP A 85 -10.02 1.24 3.42
CA TRP A 85 -8.86 1.86 2.87
C TRP A 85 -7.64 1.25 3.54
N TRP A 86 -6.55 1.22 2.86
CA TRP A 86 -5.37 0.63 3.42
C TRP A 86 -4.29 1.70 3.46
N ILE A 87 -3.48 1.73 4.55
CA ILE A 87 -2.40 2.74 4.69
C ILE A 87 -1.10 2.09 5.17
N ILE A 88 0.01 2.80 5.04
CA ILE A 88 1.25 2.34 5.63
C ILE A 88 1.26 3.00 7.00
N ASN A 89 1.52 2.27 8.01
CA ASN A 89 1.48 2.76 9.37
C ASN A 89 2.82 3.37 9.73
N PRO A 90 2.86 4.69 9.88
CA PRO A 90 4.08 5.37 10.25
C PRO A 90 4.30 5.34 11.77
N ASP A 91 3.19 5.23 12.50
CA ASP A 91 3.13 5.26 13.94
C ASP A 91 1.68 5.22 14.36
N GLY A 92 0.87 5.94 13.60
CA GLY A 92 -0.55 5.98 13.83
C GLY A 92 -1.13 7.19 13.16
N GLY A 93 -0.99 7.24 11.85
CA GLY A 93 -1.48 8.38 11.09
C GLY A 93 -2.98 8.37 10.98
N LYS A 94 -3.51 7.44 10.22
CA LYS A 94 -4.93 7.29 10.08
C LYS A 94 -5.45 6.44 11.21
N SER A 95 -6.73 6.51 11.46
CA SER A 95 -7.33 5.67 12.44
C SER A 95 -8.11 4.59 11.70
N GLY A 96 -8.03 3.38 12.17
CA GLY A 96 -8.68 2.30 11.52
C GLY A 96 -8.99 1.20 12.48
N LYS A 97 -8.74 -0.02 12.07
CA LYS A 97 -8.96 -1.16 12.93
C LYS A 97 -7.90 -1.20 14.01
N ALA A 98 -8.27 -0.84 15.20
CA ALA A 98 -7.37 -0.91 16.31
C ALA A 98 -7.86 -1.98 17.29
N PRO A 99 -7.35 -3.21 17.14
CA PRO A 99 -7.70 -4.30 18.01
C PRO A 99 -6.86 -4.29 19.28
N ARG A 100 -5.77 -3.55 19.24
CA ARG A 100 -4.88 -3.41 20.36
C ARG A 100 -5.48 -2.33 21.26
N ARG A 101 -5.56 -2.59 22.53
CA ARG A 101 -6.26 -1.69 23.43
C ARG A 101 -5.30 -0.67 24.03
N ARG A 102 -5.22 0.52 23.40
CA ARG A 102 -4.36 1.64 23.85
C ARG A 102 -2.87 1.24 23.76
N ALA A 103 -2.63 0.30 22.87
CA ALA A 103 -1.33 -0.28 22.62
C ALA A 103 -0.83 -1.04 23.84
N GLY A 1 18.56 -10.30 3.39
CA GLY A 1 17.81 -9.25 2.69
C GLY A 1 18.73 -8.37 1.90
N SER A 2 18.37 -7.09 1.79
CA SER A 2 19.15 -6.10 1.09
C SER A 2 20.58 -6.02 1.66
N SER A 3 21.51 -6.53 0.90
CA SER A 3 22.90 -6.55 1.31
C SER A 3 23.63 -5.32 0.77
N SER A 4 22.85 -4.44 0.19
CA SER A 4 23.31 -3.20 -0.32
C SER A 4 22.33 -2.12 0.17
N ARG A 5 22.64 -0.86 -0.03
CA ARG A 5 21.81 0.23 0.47
C ARG A 5 20.60 0.49 -0.40
N ARG A 6 20.66 -0.08 -1.60
CA ARG A 6 19.66 -0.03 -2.67
C ARG A 6 19.43 1.40 -3.18
N ASN A 7 18.73 1.50 -4.27
CA ASN A 7 18.24 2.77 -4.73
C ASN A 7 16.74 2.78 -4.55
N ALA A 8 16.24 3.77 -3.89
CA ALA A 8 14.84 3.87 -3.48
C ALA A 8 13.89 4.23 -4.62
N TRP A 9 14.21 3.85 -5.81
CA TRP A 9 13.30 4.02 -6.89
C TRP A 9 12.99 2.66 -7.52
N GLY A 10 14.02 1.85 -7.71
CA GLY A 10 13.82 0.59 -8.41
C GLY A 10 14.15 -0.63 -7.58
N ASN A 11 14.55 -0.40 -6.35
CA ASN A 11 14.91 -1.51 -5.45
C ASN A 11 13.92 -1.60 -4.34
N LEU A 12 12.81 -0.97 -4.55
CA LEU A 12 11.75 -0.91 -3.59
C LEU A 12 11.11 -2.27 -3.45
N SER A 13 10.71 -2.61 -2.26
CA SER A 13 10.09 -3.87 -2.01
C SER A 13 8.60 -3.70 -2.28
N TYR A 14 7.83 -4.78 -2.22
CA TYR A 14 6.40 -4.73 -2.47
C TYR A 14 5.75 -3.73 -1.53
N ALA A 15 6.12 -3.83 -0.25
CA ALA A 15 5.64 -2.92 0.82
C ALA A 15 5.97 -1.47 0.48
N ASP A 16 7.19 -1.25 0.00
CA ASP A 16 7.65 0.09 -0.38
C ASP A 16 6.81 0.62 -1.52
N LEU A 17 6.54 -0.23 -2.51
CA LEU A 17 5.74 0.15 -3.69
C LEU A 17 4.33 0.60 -3.28
N ILE A 18 3.71 -0.17 -2.36
CA ILE A 18 2.37 0.17 -1.82
C ILE A 18 2.46 1.55 -1.25
N THR A 19 3.46 1.71 -0.43
CA THR A 19 3.75 2.90 0.25
C THR A 19 3.93 4.09 -0.72
N ARG A 20 4.71 3.85 -1.77
CA ARG A 20 5.00 4.89 -2.76
C ARG A 20 3.71 5.44 -3.30
N ALA A 21 2.78 4.54 -3.61
CA ALA A 21 1.49 4.94 -4.11
C ALA A 21 0.70 5.70 -3.05
N ILE A 22 0.59 5.09 -1.88
CA ILE A 22 -0.19 5.61 -0.76
C ILE A 22 0.27 7.03 -0.36
N GLU A 23 1.57 7.25 -0.35
CA GLU A 23 2.12 8.54 0.02
C GLU A 23 1.92 9.56 -1.09
N SER A 24 1.69 9.10 -2.29
CA SER A 24 1.47 9.98 -3.42
C SER A 24 -0.04 10.17 -3.62
N SER A 25 -0.82 9.68 -2.68
CA SER A 25 -2.23 9.74 -2.74
C SER A 25 -2.76 10.93 -1.92
N PRO A 26 -4.10 11.19 -1.86
CA PRO A 26 -4.61 12.38 -1.22
C PRO A 26 -4.61 12.31 0.32
N ASP A 27 -5.41 11.42 0.87
CA ASP A 27 -5.56 11.37 2.33
C ASP A 27 -4.76 10.21 2.92
N LYS A 28 -3.81 9.69 2.14
CA LYS A 28 -2.91 8.58 2.56
C LYS A 28 -3.67 7.28 2.89
N ARG A 29 -4.91 7.20 2.50
CA ARG A 29 -5.64 5.97 2.63
C ARG A 29 -6.32 5.68 1.33
N LEU A 30 -6.10 4.49 0.81
CA LEU A 30 -6.63 4.09 -0.48
C LEU A 30 -7.02 2.67 -0.45
N THR A 31 -7.96 2.30 -1.24
CA THR A 31 -8.31 0.91 -1.42
C THR A 31 -7.19 0.26 -2.25
N LEU A 32 -7.19 -1.06 -2.37
CA LEU A 32 -6.14 -1.73 -3.14
C LEU A 32 -6.28 -1.34 -4.61
N SER A 33 -7.48 -0.93 -4.99
CA SER A 33 -7.77 -0.48 -6.33
C SER A 33 -7.12 0.87 -6.57
N GLN A 34 -7.29 1.81 -5.64
CA GLN A 34 -6.66 3.10 -5.82
C GLN A 34 -5.17 3.00 -5.67
N ILE A 35 -4.72 2.10 -4.83
CA ILE A 35 -3.30 1.85 -4.67
C ILE A 35 -2.74 1.33 -5.98
N TYR A 36 -3.48 0.41 -6.59
CA TYR A 36 -3.11 -0.20 -7.86
C TYR A 36 -2.91 0.88 -8.93
N GLU A 37 -3.87 1.78 -9.04
CA GLU A 37 -3.75 2.82 -10.03
C GLU A 37 -2.65 3.81 -9.65
N TRP A 38 -2.67 4.30 -8.39
CA TRP A 38 -1.67 5.24 -7.89
C TRP A 38 -0.27 4.73 -8.06
N MET A 39 -0.06 3.44 -7.84
CA MET A 39 1.24 2.91 -8.05
C MET A 39 1.58 2.91 -9.48
N VAL A 40 0.76 2.31 -10.36
CA VAL A 40 1.07 2.24 -11.81
C VAL A 40 1.36 3.65 -12.37
N ARG A 41 0.84 4.68 -11.71
CA ARG A 41 1.12 6.08 -12.10
C ARG A 41 2.61 6.45 -11.93
N CYS A 42 3.23 6.04 -10.83
CA CYS A 42 4.59 6.53 -10.51
C CYS A 42 5.62 5.39 -10.31
N VAL A 43 5.14 4.22 -9.94
CA VAL A 43 5.97 3.05 -9.67
C VAL A 43 6.74 2.66 -10.94
N PRO A 44 7.94 2.17 -10.81
CA PRO A 44 8.67 1.67 -11.97
C PRO A 44 8.35 0.21 -12.27
N TYR A 45 8.17 -0.53 -11.21
CA TYR A 45 8.02 -1.96 -11.27
C TYR A 45 6.66 -2.37 -11.81
N PHE A 46 5.62 -1.77 -11.29
CA PHE A 46 4.27 -2.17 -11.66
C PHE A 46 3.82 -1.50 -12.96
N LYS A 47 4.73 -0.84 -13.67
CA LYS A 47 4.37 -0.27 -14.96
C LYS A 47 4.05 -1.40 -15.93
N ASP A 48 4.97 -2.31 -16.05
CA ASP A 48 4.82 -3.41 -16.99
C ASP A 48 3.85 -4.42 -16.43
N LYS A 49 3.86 -4.51 -15.12
CA LYS A 49 3.00 -5.43 -14.40
C LYS A 49 1.58 -4.86 -14.38
N GLY A 50 1.43 -3.62 -14.88
CA GLY A 50 0.14 -3.02 -14.98
C GLY A 50 -0.45 -3.25 -16.33
N ASP A 51 0.28 -4.00 -17.14
CA ASP A 51 -0.14 -4.34 -18.50
C ASP A 51 -0.35 -5.84 -18.57
N SER A 52 0.54 -6.57 -17.95
CA SER A 52 0.49 -8.02 -17.91
C SER A 52 -0.43 -8.53 -16.78
N ASN A 53 -0.50 -9.86 -16.60
CA ASN A 53 -1.35 -10.48 -15.56
C ASN A 53 -0.76 -10.36 -14.17
N SER A 54 0.46 -9.87 -14.13
CA SER A 54 1.17 -9.49 -12.95
C SER A 54 0.43 -8.40 -12.16
N SER A 55 -0.62 -7.85 -12.76
CA SER A 55 -1.51 -6.95 -12.11
C SER A 55 -2.09 -7.66 -10.89
N ALA A 56 -2.94 -8.64 -11.15
CA ALA A 56 -3.53 -9.52 -10.14
C ALA A 56 -2.49 -10.60 -9.77
N GLY A 57 -1.27 -10.14 -9.67
CA GLY A 57 -0.13 -10.97 -9.52
C GLY A 57 0.74 -10.40 -8.44
N TRP A 58 1.15 -9.22 -8.63
CA TRP A 58 1.92 -8.57 -7.62
C TRP A 58 1.01 -7.84 -6.68
N LYS A 59 -0.19 -7.47 -7.15
CA LYS A 59 -1.18 -6.83 -6.28
C LYS A 59 -1.69 -7.83 -5.27
N ASN A 60 -1.73 -9.10 -5.68
CA ASN A 60 -2.29 -10.09 -4.80
C ASN A 60 -1.27 -10.40 -3.70
N SER A 61 0.00 -10.32 -4.09
CA SER A 61 1.11 -10.55 -3.23
C SER A 61 1.27 -9.36 -2.27
N ILE A 62 0.91 -8.17 -2.75
CA ILE A 62 0.95 -6.93 -1.99
C ILE A 62 0.18 -7.05 -0.68
N ARG A 63 -0.93 -7.74 -0.74
CA ARG A 63 -1.83 -7.88 0.40
C ARG A 63 -1.14 -8.59 1.56
N HIS A 64 -0.19 -9.47 1.23
CA HIS A 64 0.58 -10.21 2.23
C HIS A 64 1.42 -9.23 3.02
N ASN A 65 1.90 -8.22 2.31
CA ASN A 65 2.81 -7.21 2.86
C ASN A 65 2.11 -6.26 3.79
N LEU A 66 0.82 -6.00 3.54
CA LEU A 66 0.04 -5.15 4.45
C LEU A 66 -0.23 -5.92 5.74
N SER A 67 -0.16 -7.22 5.65
CA SER A 67 -0.40 -8.08 6.77
C SER A 67 0.96 -8.49 7.42
N LEU A 68 2.04 -7.85 7.01
CA LEU A 68 3.34 -8.12 7.60
C LEU A 68 3.70 -7.02 8.56
N HIS A 69 3.78 -7.38 9.85
CA HIS A 69 4.12 -6.45 10.92
C HIS A 69 3.05 -5.37 11.08
N SER A 70 3.32 -4.40 11.89
CA SER A 70 2.43 -3.28 12.07
C SER A 70 2.90 -2.12 11.19
N ARG A 71 3.42 -2.47 10.01
CA ARG A 71 3.92 -1.48 9.06
C ARG A 71 2.82 -0.79 8.36
N PHE A 72 1.73 -1.43 8.21
CA PHE A 72 0.59 -0.84 7.55
C PHE A 72 -0.56 -0.91 8.50
N MET A 73 -1.50 -0.04 8.33
CA MET A 73 -2.66 -0.07 9.15
C MET A 73 -3.83 0.15 8.27
N ARG A 74 -4.85 -0.56 8.55
CA ARG A 74 -5.99 -0.57 7.72
C ARG A 74 -7.10 0.18 8.35
N VAL A 75 -7.76 0.88 7.51
CA VAL A 75 -8.76 1.77 7.89
C VAL A 75 -10.07 1.31 7.27
N GLN A 76 -11.11 1.45 7.98
CA GLN A 76 -12.40 1.04 7.52
C GLN A 76 -13.14 2.23 6.95
N ASN A 77 -14.16 1.99 6.18
CA ASN A 77 -14.94 3.07 5.62
C ASN A 77 -15.87 3.58 6.69
N GLU A 78 -15.79 4.85 6.96
CA GLU A 78 -16.54 5.51 8.02
C GLU A 78 -18.04 5.54 7.72
N GLY A 79 -18.40 5.49 6.46
CA GLY A 79 -19.78 5.54 6.09
C GLY A 79 -20.29 4.23 5.58
N THR A 80 -20.88 4.26 4.40
CA THR A 80 -21.52 3.11 3.80
C THR A 80 -20.59 2.37 2.82
N GLY A 81 -19.30 2.49 3.00
CA GLY A 81 -18.37 1.82 2.15
C GLY A 81 -18.04 0.43 2.66
N LYS A 82 -17.67 -0.44 1.76
CA LYS A 82 -17.33 -1.81 2.11
C LYS A 82 -16.01 -2.21 1.46
N SER A 83 -15.22 -1.23 1.09
CA SER A 83 -13.97 -1.49 0.43
C SER A 83 -12.79 -1.18 1.35
N SER A 84 -13.08 -0.44 2.44
CA SER A 84 -12.07 0.00 3.41
C SER A 84 -11.02 0.91 2.74
N TRP A 85 -10.00 1.28 3.47
CA TRP A 85 -8.89 2.03 2.94
C TRP A 85 -7.65 1.46 3.57
N TRP A 86 -6.56 1.51 2.91
CA TRP A 86 -5.34 0.96 3.44
C TRP A 86 -4.29 2.07 3.49
N ILE A 87 -3.51 2.13 4.60
CA ILE A 87 -2.48 3.19 4.79
C ILE A 87 -1.22 2.53 5.37
N ILE A 88 -0.06 3.18 5.27
CA ILE A 88 1.13 2.63 5.90
C ILE A 88 1.21 3.22 7.31
N ASN A 89 1.37 2.39 8.31
CA ASN A 89 1.35 2.82 9.71
C ASN A 89 2.66 3.47 10.08
N PRO A 90 2.64 4.74 10.38
CA PRO A 90 3.83 5.43 10.84
C PRO A 90 3.97 5.34 12.38
N ASP A 91 2.82 5.25 13.05
CA ASP A 91 2.66 5.28 14.51
C ASP A 91 1.18 5.41 14.80
N GLY A 92 0.61 6.45 14.25
CA GLY A 92 -0.79 6.70 14.34
C GLY A 92 -1.21 7.42 13.10
N GLY A 93 -1.50 6.67 12.06
CA GLY A 93 -1.81 7.27 10.79
C GLY A 93 -3.22 7.77 10.72
N LYS A 94 -4.02 7.11 9.94
CA LYS A 94 -5.39 7.52 9.76
C LYS A 94 -6.21 6.93 10.87
N SER A 95 -7.34 7.53 11.16
CA SER A 95 -8.16 7.10 12.24
C SER A 95 -9.05 5.93 11.81
N GLY A 96 -8.46 4.77 11.72
CA GLY A 96 -9.18 3.58 11.36
C GLY A 96 -9.19 2.65 12.52
N LYS A 97 -8.13 1.89 12.64
CA LYS A 97 -7.97 1.05 13.79
C LYS A 97 -7.42 1.89 14.92
N ALA A 98 -8.32 2.45 15.65
CA ALA A 98 -8.01 3.32 16.75
C ALA A 98 -8.92 3.00 17.90
N PRO A 99 -8.38 2.87 19.13
CA PRO A 99 -9.17 2.56 20.34
C PRO A 99 -10.03 3.77 20.78
N ARG A 100 -10.01 4.80 19.98
CA ARG A 100 -10.82 5.96 20.18
C ARG A 100 -12.23 5.63 19.75
N ARG A 101 -12.32 4.76 18.77
CA ARG A 101 -13.60 4.30 18.31
C ARG A 101 -14.04 3.24 19.28
N ARG A 102 -15.22 3.39 19.79
CA ARG A 102 -15.73 2.53 20.80
C ARG A 102 -17.11 2.05 20.42
N ALA A 103 -17.23 0.74 20.28
CA ALA A 103 -18.44 0.04 19.86
C ALA A 103 -18.75 0.36 18.40
N GLY A 1 30.05 -4.22 6.03
CA GLY A 1 30.80 -3.23 5.26
C GLY A 1 29.89 -2.47 4.31
N SER A 2 29.90 -2.86 3.05
CA SER A 2 29.07 -2.21 2.08
C SER A 2 27.75 -2.95 1.90
N SER A 3 26.79 -2.64 2.76
CA SER A 3 25.48 -3.27 2.67
C SER A 3 24.52 -2.38 1.88
N SER A 4 24.97 -1.17 1.55
CA SER A 4 24.20 -0.19 0.79
C SER A 4 22.93 0.28 1.56
N ARG A 5 22.13 1.10 0.91
CA ARG A 5 20.86 1.55 1.49
C ARG A 5 19.80 1.50 0.40
N ARG A 6 20.12 0.72 -0.64
CA ARG A 6 19.35 0.46 -1.88
C ARG A 6 19.06 1.74 -2.69
N ASN A 7 18.77 1.59 -3.96
CA ASN A 7 18.31 2.70 -4.76
C ASN A 7 16.80 2.74 -4.67
N ALA A 8 16.30 3.80 -4.08
CA ALA A 8 14.88 3.95 -3.73
C ALA A 8 13.97 4.18 -4.92
N TRP A 9 14.47 4.03 -6.10
CA TRP A 9 13.62 4.14 -7.26
C TRP A 9 13.35 2.77 -7.85
N GLY A 10 14.13 1.77 -7.45
CA GLY A 10 13.98 0.47 -8.08
C GLY A 10 13.98 -0.68 -7.10
N ASN A 11 14.77 -0.55 -6.06
CA ASN A 11 14.92 -1.59 -5.04
C ASN A 11 13.79 -1.58 -4.03
N LEU A 12 12.71 -0.98 -4.40
CA LEU A 12 11.56 -0.89 -3.56
C LEU A 12 10.88 -2.23 -3.52
N SER A 13 10.66 -2.72 -2.34
CA SER A 13 10.00 -3.97 -2.15
C SER A 13 8.51 -3.75 -2.32
N TYR A 14 7.69 -4.82 -2.25
CA TYR A 14 6.24 -4.67 -2.43
C TYR A 14 5.69 -3.62 -1.49
N ALA A 15 6.07 -3.74 -0.21
CA ALA A 15 5.66 -2.81 0.84
C ALA A 15 6.03 -1.35 0.50
N ASP A 16 7.21 -1.18 -0.06
CA ASP A 16 7.71 0.14 -0.41
C ASP A 16 6.91 0.73 -1.53
N LEU A 17 6.59 -0.07 -2.51
CA LEU A 17 5.83 0.37 -3.67
C LEU A 17 4.43 0.84 -3.25
N ILE A 18 3.77 0.02 -2.39
CA ILE A 18 2.44 0.35 -1.85
C ILE A 18 2.55 1.70 -1.22
N THR A 19 3.58 1.83 -0.40
CA THR A 19 3.86 3.02 0.29
C THR A 19 3.98 4.23 -0.65
N ARG A 20 4.75 4.07 -1.74
CA ARG A 20 4.99 5.16 -2.68
C ARG A 20 3.66 5.69 -3.19
N ALA A 21 2.78 4.76 -3.56
CA ALA A 21 1.45 5.13 -4.05
C ALA A 21 0.62 5.80 -2.97
N ILE A 22 0.64 5.22 -1.79
CA ILE A 22 -0.12 5.70 -0.66
C ILE A 22 0.34 7.11 -0.25
N GLU A 23 1.61 7.36 -0.25
CA GLU A 23 2.12 8.67 0.14
C GLU A 23 1.89 9.71 -0.96
N SER A 24 1.77 9.24 -2.18
CA SER A 24 1.52 10.12 -3.30
C SER A 24 0.01 10.26 -3.53
N SER A 25 -0.79 9.76 -2.60
CA SER A 25 -2.22 9.76 -2.76
C SER A 25 -2.83 11.04 -2.13
N PRO A 26 -4.20 11.21 -2.13
CA PRO A 26 -4.81 12.38 -1.59
C PRO A 26 -4.98 12.33 -0.06
N ASP A 27 -5.46 11.20 0.45
CA ASP A 27 -5.79 11.12 1.88
C ASP A 27 -4.91 10.11 2.59
N LYS A 28 -3.99 9.47 1.84
CA LYS A 28 -3.02 8.48 2.39
C LYS A 28 -3.72 7.19 2.78
N ARG A 29 -4.98 7.07 2.44
CA ARG A 29 -5.68 5.83 2.56
C ARG A 29 -6.34 5.58 1.23
N LEU A 30 -6.09 4.42 0.68
CA LEU A 30 -6.60 4.05 -0.66
C LEU A 30 -7.02 2.61 -0.65
N THR A 31 -7.93 2.24 -1.51
CA THR A 31 -8.28 0.84 -1.67
C THR A 31 -7.17 0.17 -2.45
N LEU A 32 -7.15 -1.14 -2.47
CA LEU A 32 -6.08 -1.86 -3.15
C LEU A 32 -6.12 -1.53 -4.64
N SER A 33 -7.32 -1.34 -5.16
CA SER A 33 -7.49 -1.03 -6.56
C SER A 33 -6.93 0.36 -6.86
N GLN A 34 -7.28 1.35 -6.02
CA GLN A 34 -6.74 2.65 -6.28
C GLN A 34 -5.25 2.75 -5.95
N ILE A 35 -4.75 1.95 -5.00
CA ILE A 35 -3.29 1.91 -4.74
C ILE A 35 -2.60 1.40 -5.96
N TYR A 36 -3.19 0.37 -6.54
CA TYR A 36 -2.66 -0.24 -7.73
C TYR A 36 -2.51 0.78 -8.84
N GLU A 37 -3.57 1.54 -9.09
CA GLU A 37 -3.48 2.56 -10.13
C GLU A 37 -2.56 3.72 -9.73
N TRP A 38 -2.70 4.22 -8.48
CA TRP A 38 -1.82 5.29 -7.95
C TRP A 38 -0.38 4.89 -8.07
N MET A 39 -0.11 3.62 -7.92
CA MET A 39 1.20 3.11 -8.07
C MET A 39 1.62 3.25 -9.49
N VAL A 40 0.89 2.57 -10.41
CA VAL A 40 1.18 2.54 -11.86
C VAL A 40 1.39 3.97 -12.42
N ARG A 41 0.83 4.95 -11.76
CA ARG A 41 1.02 6.35 -12.11
C ARG A 41 2.51 6.79 -11.99
N CYS A 42 3.21 6.35 -10.95
CA CYS A 42 4.57 6.83 -10.67
C CYS A 42 5.62 5.67 -10.53
N VAL A 43 5.17 4.53 -10.04
CA VAL A 43 5.99 3.35 -9.75
C VAL A 43 6.77 2.90 -11.00
N PRO A 44 7.94 2.33 -10.82
CA PRO A 44 8.65 1.69 -11.93
C PRO A 44 8.15 0.25 -12.14
N TYR A 45 8.23 -0.52 -11.07
CA TYR A 45 7.99 -1.95 -11.02
C TYR A 45 6.60 -2.33 -11.56
N PHE A 46 5.57 -1.64 -11.11
CA PHE A 46 4.19 -1.96 -11.49
C PHE A 46 3.75 -1.39 -12.82
N LYS A 47 4.66 -0.90 -13.61
CA LYS A 47 4.33 -0.54 -14.99
C LYS A 47 4.08 -1.85 -15.74
N ASP A 48 5.03 -2.76 -15.62
CA ASP A 48 4.92 -4.07 -16.25
C ASP A 48 3.84 -4.88 -15.56
N LYS A 49 3.76 -4.70 -14.26
CA LYS A 49 2.79 -5.44 -13.45
C LYS A 49 1.45 -4.74 -13.53
N GLY A 50 1.39 -3.69 -14.33
CA GLY A 50 0.16 -3.01 -14.56
C GLY A 50 -0.49 -3.58 -15.79
N ASP A 51 0.19 -4.56 -16.37
CA ASP A 51 -0.27 -5.20 -17.57
C ASP A 51 -0.38 -6.70 -17.33
N SER A 52 -1.46 -7.31 -17.82
CA SER A 52 -1.67 -8.76 -17.77
C SER A 52 -1.87 -9.29 -16.33
N ASN A 53 -1.70 -10.61 -16.15
CA ASN A 53 -1.96 -11.30 -14.85
C ASN A 53 -1.16 -10.74 -13.68
N SER A 54 -0.06 -10.09 -13.99
CA SER A 54 0.80 -9.44 -13.04
C SER A 54 0.02 -8.44 -12.17
N SER A 55 -1.08 -7.90 -12.71
CA SER A 55 -1.96 -6.99 -12.02
C SER A 55 -2.47 -7.67 -10.73
N ALA A 56 -3.29 -8.70 -10.92
CA ALA A 56 -3.85 -9.48 -9.83
C ALA A 56 -2.84 -10.55 -9.43
N GLY A 57 -1.61 -10.19 -9.56
CA GLY A 57 -0.50 -11.05 -9.36
C GLY A 57 0.34 -10.46 -8.30
N TRP A 58 0.96 -9.39 -8.64
CA TRP A 58 1.76 -8.67 -7.73
C TRP A 58 0.89 -7.90 -6.74
N LYS A 59 -0.32 -7.50 -7.17
CA LYS A 59 -1.23 -6.87 -6.22
C LYS A 59 -1.82 -7.89 -5.29
N ASN A 60 -2.03 -9.13 -5.75
CA ASN A 60 -2.61 -10.10 -4.84
C ASN A 60 -1.57 -10.46 -3.80
N SER A 61 -0.32 -10.40 -4.21
CA SER A 61 0.80 -10.65 -3.36
C SER A 61 0.97 -9.45 -2.37
N ILE A 62 0.74 -8.22 -2.85
CA ILE A 62 0.82 -6.99 -2.05
C ILE A 62 -0.05 -7.07 -0.80
N ARG A 63 -1.22 -7.65 -0.96
CA ARG A 63 -2.23 -7.75 0.09
C ARG A 63 -1.69 -8.50 1.30
N HIS A 64 -0.78 -9.40 1.02
CA HIS A 64 -0.12 -10.21 2.01
C HIS A 64 0.87 -9.36 2.80
N ASN A 65 1.54 -8.44 2.10
CA ASN A 65 2.57 -7.57 2.69
C ASN A 65 1.98 -6.60 3.69
N LEU A 66 0.77 -6.14 3.42
CA LEU A 66 0.07 -5.28 4.38
C LEU A 66 -0.26 -6.07 5.64
N SER A 67 -0.33 -7.37 5.50
CA SER A 67 -0.68 -8.24 6.57
C SER A 67 0.60 -8.83 7.23
N LEU A 68 1.75 -8.30 6.84
CA LEU A 68 3.02 -8.77 7.36
C LEU A 68 3.62 -7.75 8.29
N HIS A 69 3.00 -6.61 8.34
CA HIS A 69 3.57 -5.50 9.02
C HIS A 69 2.56 -4.81 9.90
N SER A 70 3.06 -4.26 10.98
CA SER A 70 2.29 -3.36 11.82
C SER A 70 2.62 -1.94 11.31
N ARG A 71 3.52 -1.92 10.32
CA ARG A 71 3.96 -0.73 9.62
C ARG A 71 2.89 -0.30 8.63
N PHE A 72 1.87 -1.08 8.50
CA PHE A 72 0.74 -0.77 7.63
C PHE A 72 -0.50 -0.94 8.45
N MET A 73 -1.50 -0.13 8.22
CA MET A 73 -2.72 -0.29 8.96
C MET A 73 -3.86 -0.06 8.04
N ARG A 74 -4.93 -0.66 8.34
CA ARG A 74 -6.07 -0.64 7.51
C ARG A 74 -7.15 0.10 8.16
N VAL A 75 -7.63 1.00 7.43
CA VAL A 75 -8.62 1.90 7.82
C VAL A 75 -9.98 1.40 7.32
N GLN A 76 -10.98 1.66 8.10
CA GLN A 76 -12.31 1.21 7.82
C GLN A 76 -13.05 2.30 7.08
N ASN A 77 -14.17 1.94 6.51
CA ASN A 77 -15.08 2.92 5.90
C ASN A 77 -15.77 3.67 6.97
N GLU A 78 -16.55 4.67 6.58
CA GLU A 78 -17.27 5.51 7.51
C GLU A 78 -18.24 4.69 8.36
N GLY A 79 -18.73 3.60 7.81
CA GLY A 79 -19.67 2.79 8.54
C GLY A 79 -19.97 1.48 7.88
N THR A 80 -20.43 1.55 6.65
CA THR A 80 -20.86 0.37 5.87
C THR A 80 -19.77 -0.71 5.76
N GLY A 81 -18.51 -0.31 5.71
CA GLY A 81 -17.44 -1.25 5.59
C GLY A 81 -17.39 -1.87 4.21
N LYS A 82 -17.04 -1.07 3.24
CA LYS A 82 -17.01 -1.50 1.87
C LYS A 82 -15.62 -1.28 1.31
N SER A 83 -14.95 -2.34 0.93
CA SER A 83 -13.61 -2.32 0.28
C SER A 83 -12.45 -1.95 1.25
N SER A 84 -12.69 -1.05 2.20
CA SER A 84 -11.69 -0.56 3.17
C SER A 84 -10.71 0.40 2.50
N TRP A 85 -9.84 0.97 3.29
CA TRP A 85 -8.77 1.76 2.76
C TRP A 85 -7.53 1.22 3.39
N TRP A 86 -6.45 1.31 2.72
CA TRP A 86 -5.22 0.77 3.21
C TRP A 86 -4.21 1.93 3.28
N ILE A 87 -3.47 2.02 4.39
CA ILE A 87 -2.45 3.08 4.60
C ILE A 87 -1.16 2.44 5.12
N ILE A 88 -0.05 3.14 5.02
CA ILE A 88 1.13 2.67 5.70
C ILE A 88 1.08 3.35 7.05
N ASN A 89 1.30 2.62 8.10
CA ASN A 89 1.22 3.14 9.45
C ASN A 89 2.53 3.82 9.82
N PRO A 90 2.51 5.12 9.95
CA PRO A 90 3.68 5.86 10.36
C PRO A 90 3.78 5.97 11.88
N ASP A 91 2.62 5.87 12.54
CA ASP A 91 2.44 6.12 13.96
C ASP A 91 0.95 6.05 14.24
N GLY A 92 0.23 6.90 13.55
CA GLY A 92 -1.20 6.96 13.67
C GLY A 92 -1.73 8.10 12.85
N GLY A 93 -1.45 8.03 11.55
CA GLY A 93 -1.84 9.09 10.64
C GLY A 93 -3.30 9.07 10.35
N LYS A 94 -3.79 7.92 10.00
CA LYS A 94 -5.19 7.77 9.73
C LYS A 94 -5.79 7.04 10.91
N SER A 95 -7.06 7.18 11.11
CA SER A 95 -7.71 6.56 12.21
C SER A 95 -8.73 5.54 11.74
N GLY A 96 -8.80 4.44 12.46
CA GLY A 96 -9.74 3.41 12.15
C GLY A 96 -10.95 3.51 13.06
N LYS A 97 -11.84 2.56 12.98
CA LYS A 97 -13.02 2.55 13.83
C LYS A 97 -12.86 1.50 14.90
N ALA A 98 -11.77 0.77 14.83
CA ALA A 98 -11.48 -0.26 15.77
C ALA A 98 -10.47 0.25 16.80
N PRO A 99 -10.76 0.10 18.11
CA PRO A 99 -9.84 0.51 19.16
C PRO A 99 -8.56 -0.30 19.13
N ARG A 100 -7.49 0.31 18.67
CA ARG A 100 -6.23 -0.37 18.56
C ARG A 100 -5.31 -0.08 19.70
N ARG A 101 -5.55 -0.82 20.74
CA ARG A 101 -4.78 -0.84 21.96
C ARG A 101 -5.13 -2.11 22.65
N ARG A 102 -4.44 -2.45 23.68
CA ARG A 102 -4.67 -3.71 24.31
C ARG A 102 -5.75 -3.67 25.35
N ALA A 103 -6.43 -4.75 25.43
CA ALA A 103 -7.47 -4.99 26.36
C ALA A 103 -7.24 -6.37 26.86
N GLY A 1 20.84 -10.24 5.36
CA GLY A 1 22.21 -10.21 4.85
C GLY A 1 22.82 -8.83 4.94
N SER A 2 23.11 -8.25 3.82
CA SER A 2 23.67 -6.93 3.80
C SER A 2 22.60 -5.92 3.43
N SER A 3 22.54 -4.83 4.15
CA SER A 3 21.64 -3.78 3.81
C SER A 3 22.26 -2.92 2.72
N SER A 4 22.02 -3.35 1.50
CA SER A 4 22.55 -2.74 0.31
C SER A 4 21.96 -1.33 0.14
N ARG A 5 22.59 -0.51 -0.65
CA ARG A 5 22.06 0.80 -0.93
C ARG A 5 21.15 0.64 -2.12
N ARG A 6 19.92 0.40 -1.83
CA ARG A 6 18.98 0.21 -2.86
C ARG A 6 18.56 1.57 -3.39
N ASN A 7 18.30 1.65 -4.64
CA ASN A 7 17.82 2.88 -5.19
C ASN A 7 16.33 3.00 -4.93
N ALA A 8 15.97 4.00 -4.15
CA ALA A 8 14.60 4.19 -3.65
C ALA A 8 13.61 4.69 -4.71
N TRP A 9 13.96 4.48 -5.94
CA TRP A 9 13.12 4.87 -7.04
C TRP A 9 12.90 3.70 -7.97
N GLY A 10 13.43 2.54 -7.61
CA GLY A 10 13.27 1.37 -8.45
C GLY A 10 13.48 0.07 -7.72
N ASN A 11 14.45 0.05 -6.83
CA ASN A 11 14.84 -1.16 -6.10
C ASN A 11 13.99 -1.31 -4.83
N LEU A 12 12.75 -0.93 -4.94
CA LEU A 12 11.81 -0.94 -3.84
C LEU A 12 11.12 -2.27 -3.73
N SER A 13 10.75 -2.64 -2.52
CA SER A 13 10.08 -3.88 -2.28
C SER A 13 8.58 -3.65 -2.50
N TYR A 14 7.76 -4.69 -2.39
CA TYR A 14 6.33 -4.58 -2.64
C TYR A 14 5.72 -3.60 -1.69
N ALA A 15 6.04 -3.76 -0.40
CA ALA A 15 5.59 -2.88 0.66
C ALA A 15 5.95 -1.42 0.37
N ASP A 16 7.19 -1.22 -0.05
CA ASP A 16 7.70 0.11 -0.34
C ASP A 16 6.94 0.75 -1.50
N LEU A 17 6.58 -0.06 -2.48
CA LEU A 17 5.83 0.41 -3.65
C LEU A 17 4.41 0.84 -3.25
N ILE A 18 3.78 0.04 -2.38
CA ILE A 18 2.43 0.35 -1.86
C ILE A 18 2.51 1.73 -1.25
N THR A 19 3.55 1.90 -0.43
CA THR A 19 3.87 3.15 0.19
C THR A 19 3.98 4.30 -0.84
N ARG A 20 4.74 4.06 -1.92
CA ARG A 20 4.97 5.06 -2.96
C ARG A 20 3.65 5.61 -3.48
N ALA A 21 2.72 4.71 -3.73
CA ALA A 21 1.40 5.11 -4.21
C ALA A 21 0.62 5.84 -3.14
N ILE A 22 0.54 5.22 -2.00
CA ILE A 22 -0.24 5.73 -0.87
C ILE A 22 0.20 7.15 -0.47
N GLU A 23 1.49 7.39 -0.49
CA GLU A 23 2.02 8.67 -0.10
C GLU A 23 1.89 9.70 -1.22
N SER A 24 1.51 9.27 -2.40
CA SER A 24 1.27 10.17 -3.51
C SER A 24 -0.24 10.43 -3.64
N SER A 25 -0.98 9.84 -2.73
CA SER A 25 -2.40 9.89 -2.74
C SER A 25 -2.93 11.00 -1.79
N PRO A 26 -4.27 11.24 -1.69
CA PRO A 26 -4.79 12.41 -0.98
C PRO A 26 -4.92 12.24 0.53
N ASP A 27 -5.40 11.11 0.98
CA ASP A 27 -5.65 10.91 2.41
C ASP A 27 -4.76 9.88 2.98
N LYS A 28 -3.79 9.41 2.18
CA LYS A 28 -2.84 8.36 2.57
C LYS A 28 -3.56 7.04 2.91
N ARG A 29 -4.82 6.95 2.59
CA ARG A 29 -5.53 5.72 2.71
C ARG A 29 -6.25 5.52 1.42
N LEU A 30 -6.04 4.37 0.82
CA LEU A 30 -6.59 4.05 -0.50
C LEU A 30 -6.93 2.58 -0.54
N THR A 31 -7.88 2.21 -1.36
CA THR A 31 -8.21 0.81 -1.56
C THR A 31 -7.10 0.19 -2.41
N LEU A 32 -7.03 -1.13 -2.48
CA LEU A 32 -5.97 -1.80 -3.24
C LEU A 32 -6.13 -1.49 -4.71
N SER A 33 -7.36 -1.26 -5.11
CA SER A 33 -7.67 -0.95 -6.47
C SER A 33 -7.10 0.44 -6.81
N GLN A 34 -7.39 1.43 -5.95
CA GLN A 34 -6.86 2.74 -6.23
C GLN A 34 -5.36 2.81 -5.97
N ILE A 35 -4.84 1.99 -5.04
CA ILE A 35 -3.38 1.93 -4.83
C ILE A 35 -2.74 1.41 -6.08
N TYR A 36 -3.37 0.42 -6.71
CA TYR A 36 -2.84 -0.16 -7.91
C TYR A 36 -2.74 0.88 -9.01
N GLU A 37 -3.81 1.64 -9.22
CA GLU A 37 -3.72 2.67 -10.26
C GLU A 37 -2.73 3.78 -9.87
N TRP A 38 -2.83 4.29 -8.63
CA TRP A 38 -1.95 5.33 -8.12
C TRP A 38 -0.50 4.91 -8.17
N MET A 39 -0.26 3.62 -7.99
CA MET A 39 1.06 3.10 -8.10
C MET A 39 1.52 3.20 -9.50
N VAL A 40 0.80 2.56 -10.43
CA VAL A 40 1.15 2.52 -11.88
C VAL A 40 1.47 3.92 -12.40
N ARG A 41 0.82 4.93 -11.83
CA ARG A 41 1.09 6.32 -12.16
C ARG A 41 2.60 6.71 -12.01
N CYS A 42 3.22 6.32 -10.89
CA CYS A 42 4.59 6.79 -10.57
C CYS A 42 5.59 5.63 -10.34
N VAL A 43 5.08 4.46 -10.06
CA VAL A 43 5.87 3.29 -9.74
C VAL A 43 6.69 2.84 -10.95
N PRO A 44 7.89 2.35 -10.75
CA PRO A 44 8.66 1.73 -11.82
C PRO A 44 8.33 0.23 -11.99
N TYR A 45 8.18 -0.43 -10.88
CA TYR A 45 8.02 -1.88 -10.83
C TYR A 45 6.63 -2.31 -11.35
N PHE A 46 5.60 -1.65 -10.87
CA PHE A 46 4.23 -1.97 -11.29
C PHE A 46 3.84 -1.37 -12.63
N LYS A 47 4.81 -0.82 -13.34
CA LYS A 47 4.56 -0.43 -14.73
C LYS A 47 4.39 -1.71 -15.50
N ASP A 48 5.36 -2.58 -15.28
CA ASP A 48 5.43 -3.88 -15.91
C ASP A 48 4.23 -4.70 -15.45
N LYS A 49 4.00 -4.65 -14.14
CA LYS A 49 2.91 -5.42 -13.52
C LYS A 49 1.57 -4.70 -13.74
N GLY A 50 1.63 -3.60 -14.49
CA GLY A 50 0.45 -2.88 -14.83
C GLY A 50 -0.12 -3.47 -16.09
N ASP A 51 0.59 -4.43 -16.62
CA ASP A 51 0.19 -5.15 -17.79
C ASP A 51 0.25 -6.63 -17.45
N SER A 52 -0.63 -7.43 -18.05
CA SER A 52 -0.69 -8.87 -17.86
C SER A 52 -1.23 -9.28 -16.47
N ASN A 53 -1.23 -10.60 -16.20
CA ASN A 53 -1.81 -11.18 -14.95
C ASN A 53 -1.09 -10.71 -13.69
N SER A 54 0.06 -10.09 -13.90
CA SER A 54 0.88 -9.52 -12.88
C SER A 54 0.12 -8.49 -12.04
N SER A 55 -0.95 -7.94 -12.61
CA SER A 55 -1.85 -7.06 -11.88
C SER A 55 -2.38 -7.81 -10.65
N ALA A 56 -3.13 -8.88 -10.91
CA ALA A 56 -3.72 -9.74 -9.88
C ALA A 56 -2.67 -10.76 -9.43
N GLY A 57 -1.45 -10.33 -9.49
CA GLY A 57 -0.31 -11.15 -9.30
C GLY A 57 0.53 -10.53 -8.23
N TRP A 58 1.04 -9.41 -8.54
CA TRP A 58 1.82 -8.68 -7.61
C TRP A 58 0.92 -7.94 -6.63
N LYS A 59 -0.29 -7.57 -7.07
CA LYS A 59 -1.23 -6.96 -6.15
C LYS A 59 -1.77 -7.99 -5.20
N ASN A 60 -1.89 -9.25 -5.63
CA ASN A 60 -2.41 -10.25 -4.71
C ASN A 60 -1.34 -10.57 -3.67
N SER A 61 -0.10 -10.47 -4.10
CA SER A 61 1.04 -10.69 -3.28
C SER A 61 1.21 -9.50 -2.30
N ILE A 62 0.95 -8.29 -2.80
CA ILE A 62 1.02 -7.04 -2.02
C ILE A 62 0.14 -7.11 -0.77
N ARG A 63 -0.99 -7.75 -0.92
CA ARG A 63 -1.98 -7.88 0.13
C ARG A 63 -1.41 -8.59 1.35
N HIS A 64 -0.45 -9.47 1.09
CA HIS A 64 0.22 -10.19 2.16
C HIS A 64 1.09 -9.21 2.91
N ASN A 65 1.78 -8.36 2.15
CA ASN A 65 2.75 -7.37 2.67
C ASN A 65 2.11 -6.41 3.67
N LEU A 66 0.86 -6.06 3.43
CA LEU A 66 0.11 -5.19 4.36
C LEU A 66 -0.20 -5.93 5.67
N SER A 67 -0.24 -7.22 5.59
CA SER A 67 -0.60 -8.05 6.72
C SER A 67 0.65 -8.68 7.34
N LEU A 68 1.82 -8.35 6.80
CA LEU A 68 3.08 -8.94 7.28
C LEU A 68 3.73 -8.04 8.28
N HIS A 69 3.34 -6.80 8.30
CA HIS A 69 4.08 -5.82 9.06
C HIS A 69 3.16 -4.95 9.88
N SER A 70 3.70 -4.40 10.95
CA SER A 70 3.01 -3.40 11.76
C SER A 70 3.27 -2.03 11.12
N ARG A 71 4.11 -2.07 10.09
CA ARG A 71 4.47 -0.93 9.27
C ARG A 71 3.26 -0.45 8.47
N PHE A 72 2.25 -1.26 8.36
CA PHE A 72 1.03 -0.91 7.63
C PHE A 72 -0.14 -1.04 8.55
N MET A 73 -1.19 -0.31 8.28
CA MET A 73 -2.38 -0.44 9.04
C MET A 73 -3.55 -0.25 8.15
N ARG A 74 -4.61 -0.85 8.51
CA ARG A 74 -5.76 -0.89 7.69
C ARG A 74 -6.84 -0.15 8.35
N VAL A 75 -7.46 0.62 7.54
CA VAL A 75 -8.43 1.55 7.92
C VAL A 75 -9.74 1.19 7.21
N GLN A 76 -10.85 1.59 7.75
CA GLN A 76 -12.10 1.22 7.17
C GLN A 76 -12.91 2.41 6.72
N ASN A 77 -14.07 2.15 6.18
CA ASN A 77 -14.88 3.19 5.61
C ASN A 77 -15.71 3.88 6.65
N GLU A 78 -15.64 5.18 6.62
CA GLU A 78 -16.39 6.06 7.51
C GLU A 78 -17.84 6.10 7.03
N GLY A 79 -17.98 5.79 5.77
CA GLY A 79 -19.23 5.81 5.09
C GLY A 79 -18.96 5.93 3.63
N THR A 80 -18.04 6.82 3.32
CA THR A 80 -17.53 6.98 2.00
C THR A 80 -16.60 5.80 1.68
N GLY A 81 -16.69 5.30 0.48
CA GLY A 81 -15.92 4.15 0.08
C GLY A 81 -16.75 2.90 0.25
N LYS A 82 -16.52 1.92 -0.58
CA LYS A 82 -17.30 0.70 -0.51
C LYS A 82 -16.40 -0.54 -0.38
N SER A 83 -15.41 -0.42 0.46
CA SER A 83 -14.50 -1.48 0.77
C SER A 83 -13.86 -1.24 2.16
N SER A 84 -12.75 -0.54 2.15
CA SER A 84 -11.95 -0.17 3.31
C SER A 84 -10.90 0.75 2.73
N TRP A 85 -9.90 1.13 3.49
CA TRP A 85 -8.80 1.89 2.93
C TRP A 85 -7.54 1.31 3.52
N TRP A 86 -6.49 1.35 2.80
CA TRP A 86 -5.29 0.74 3.29
C TRP A 86 -4.21 1.82 3.36
N ILE A 87 -3.41 1.82 4.45
CA ILE A 87 -2.36 2.83 4.63
C ILE A 87 -1.06 2.18 5.12
N ILE A 88 0.04 2.90 5.04
CA ILE A 88 1.24 2.48 5.69
C ILE A 88 1.22 3.24 7.00
N ASN A 89 1.49 2.60 8.10
CA ASN A 89 1.44 3.23 9.42
C ASN A 89 2.63 4.19 9.52
N PRO A 90 2.38 5.49 9.47
CA PRO A 90 3.44 6.49 9.43
C PRO A 90 4.06 6.73 10.80
N ASP A 91 3.22 6.92 11.78
CA ASP A 91 3.59 7.23 13.13
C ASP A 91 2.36 7.01 13.99
N GLY A 92 1.27 7.59 13.55
CA GLY A 92 0.01 7.44 14.18
C GLY A 92 -0.88 8.58 13.79
N GLY A 93 -0.74 9.01 12.54
CA GLY A 93 -1.44 10.17 12.07
C GLY A 93 -2.64 9.87 11.22
N LYS A 94 -3.00 8.61 11.08
CA LYS A 94 -4.19 8.27 10.35
C LYS A 94 -5.13 7.60 11.31
N SER A 95 -6.21 8.24 11.60
CA SER A 95 -7.18 7.68 12.49
C SER A 95 -8.08 6.73 11.72
N GLY A 96 -7.93 5.48 11.99
CA GLY A 96 -8.69 4.47 11.36
C GLY A 96 -9.20 3.49 12.35
N LYS A 97 -10.13 2.70 11.97
CA LYS A 97 -10.68 1.73 12.87
C LYS A 97 -10.06 0.38 12.61
N ALA A 98 -9.05 0.06 13.38
CA ALA A 98 -8.39 -1.21 13.27
C ALA A 98 -8.94 -2.13 14.35
N PRO A 99 -9.76 -3.12 13.99
CA PRO A 99 -10.42 -4.02 14.97
C PRO A 99 -9.42 -4.98 15.63
N ARG A 100 -8.22 -5.03 15.05
CA ARG A 100 -7.14 -5.87 15.52
C ARG A 100 -7.49 -7.35 15.36
N ARG A 101 -7.64 -7.75 14.12
CA ARG A 101 -7.91 -9.12 13.78
C ARG A 101 -6.62 -9.90 13.95
N ARG A 102 -6.65 -10.82 14.88
CA ARG A 102 -5.49 -11.57 15.35
C ARG A 102 -4.57 -10.62 16.15
N ALA A 103 -4.82 -10.58 17.44
CA ALA A 103 -4.08 -9.79 18.38
C ALA A 103 -4.38 -10.33 19.76
N GLY A 1 22.07 -7.96 0.47
CA GLY A 1 23.03 -7.01 -0.08
C GLY A 1 22.83 -5.66 0.53
N SER A 2 22.65 -4.67 -0.29
CA SER A 2 22.45 -3.34 0.18
C SER A 2 20.94 -3.07 0.23
N SER A 3 20.35 -3.37 1.38
CA SER A 3 18.93 -3.21 1.58
C SER A 3 18.65 -1.99 2.47
N SER A 4 19.63 -1.60 3.27
CA SER A 4 19.50 -0.45 4.16
C SER A 4 19.89 0.84 3.42
N ARG A 5 20.39 0.65 2.24
CA ARG A 5 20.71 1.71 1.33
C ARG A 5 20.32 1.19 0.00
N ARG A 6 19.38 1.80 -0.62
CA ARG A 6 18.86 1.25 -1.82
C ARG A 6 18.56 2.35 -2.78
N ASN A 7 18.25 1.98 -4.00
CA ASN A 7 17.75 2.92 -4.95
C ASN A 7 16.29 3.09 -4.64
N ALA A 8 15.93 4.22 -4.10
CA ALA A 8 14.57 4.47 -3.63
C ALA A 8 13.60 4.78 -4.78
N TRP A 9 13.80 4.07 -5.83
CA TRP A 9 13.00 4.15 -6.99
C TRP A 9 12.90 2.76 -7.59
N GLY A 10 14.05 2.12 -7.76
CA GLY A 10 14.09 0.84 -8.43
C GLY A 10 14.62 -0.27 -7.57
N ASN A 11 14.60 -0.09 -6.28
CA ASN A 11 15.00 -1.13 -5.34
C ASN A 11 14.01 -1.11 -4.21
N LEU A 12 12.83 -0.66 -4.53
CA LEU A 12 11.76 -0.61 -3.60
C LEU A 12 11.05 -1.92 -3.65
N SER A 13 10.77 -2.48 -2.52
CA SER A 13 10.11 -3.73 -2.44
C SER A 13 8.60 -3.49 -2.53
N TYR A 14 7.83 -4.56 -2.55
CA TYR A 14 6.38 -4.47 -2.77
C TYR A 14 5.71 -3.55 -1.77
N ALA A 15 6.05 -3.71 -0.50
CA ALA A 15 5.51 -2.89 0.58
C ALA A 15 5.84 -1.41 0.37
N ASP A 16 7.01 -1.17 -0.15
CA ASP A 16 7.51 0.16 -0.38
C ASP A 16 6.79 0.80 -1.53
N LEU A 17 6.46 0.00 -2.53
CA LEU A 17 5.74 0.48 -3.70
C LEU A 17 4.34 0.91 -3.30
N ILE A 18 3.67 0.06 -2.45
CA ILE A 18 2.32 0.38 -1.95
C ILE A 18 2.41 1.72 -1.29
N THR A 19 3.43 1.84 -0.46
CA THR A 19 3.74 3.03 0.24
C THR A 19 3.88 4.24 -0.72
N ARG A 20 4.65 4.07 -1.81
CA ARG A 20 4.89 5.15 -2.79
C ARG A 20 3.56 5.69 -3.29
N ALA A 21 2.66 4.78 -3.61
CA ALA A 21 1.33 5.14 -4.09
C ALA A 21 0.54 5.85 -3.01
N ILE A 22 0.46 5.22 -1.86
CA ILE A 22 -0.30 5.71 -0.72
C ILE A 22 0.16 7.12 -0.31
N GLU A 23 1.45 7.35 -0.35
CA GLU A 23 2.00 8.62 0.04
C GLU A 23 1.86 9.67 -1.05
N SER A 24 1.39 9.26 -2.21
CA SER A 24 1.14 10.20 -3.30
C SER A 24 -0.36 10.49 -3.35
N SER A 25 -1.07 9.96 -2.40
CA SER A 25 -2.49 10.03 -2.38
C SER A 25 -2.96 11.10 -1.36
N PRO A 26 -4.30 11.32 -1.16
CA PRO A 26 -4.79 12.42 -0.34
C PRO A 26 -4.72 12.15 1.16
N ASP A 27 -5.59 11.26 1.64
CA ASP A 27 -5.66 10.97 3.08
C ASP A 27 -4.76 9.84 3.46
N LYS A 28 -3.88 9.40 2.56
CA LYS A 28 -2.95 8.29 2.82
C LYS A 28 -3.69 6.97 3.06
N ARG A 29 -4.96 6.92 2.77
CA ARG A 29 -5.69 5.67 2.84
C ARG A 29 -6.33 5.47 1.50
N LEU A 30 -6.09 4.34 0.91
CA LEU A 30 -6.58 4.05 -0.45
C LEU A 30 -6.95 2.59 -0.55
N THR A 31 -7.88 2.27 -1.40
CA THR A 31 -8.24 0.89 -1.65
C THR A 31 -7.14 0.25 -2.49
N LEU A 32 -7.10 -1.07 -2.57
CA LEU A 32 -6.06 -1.76 -3.35
C LEU A 32 -6.18 -1.40 -4.80
N SER A 33 -7.38 -1.09 -5.22
CA SER A 33 -7.65 -0.71 -6.58
C SER A 33 -7.06 0.68 -6.87
N GLN A 34 -7.37 1.65 -6.01
CA GLN A 34 -6.80 2.96 -6.24
C GLN A 34 -5.31 2.98 -5.96
N ILE A 35 -4.83 2.13 -5.05
CA ILE A 35 -3.40 1.99 -4.82
C ILE A 35 -2.76 1.48 -6.08
N TYR A 36 -3.37 0.45 -6.68
CA TYR A 36 -2.87 -0.15 -7.90
C TYR A 36 -2.66 0.89 -8.98
N GLU A 37 -3.66 1.75 -9.19
CA GLU A 37 -3.50 2.77 -10.22
C GLU A 37 -2.50 3.88 -9.80
N TRP A 38 -2.61 4.37 -8.55
CA TRP A 38 -1.68 5.38 -8.04
C TRP A 38 -0.25 4.89 -8.08
N MET A 39 -0.08 3.61 -7.87
CA MET A 39 1.17 2.98 -7.93
C MET A 39 1.66 3.00 -9.34
N VAL A 40 0.86 2.49 -10.30
CA VAL A 40 1.23 2.48 -11.73
C VAL A 40 1.63 3.91 -12.21
N ARG A 41 1.10 4.91 -11.54
CA ARG A 41 1.47 6.30 -11.82
C ARG A 41 2.96 6.62 -11.50
N CYS A 42 3.47 6.11 -10.38
CA CYS A 42 4.78 6.55 -9.86
C CYS A 42 5.80 5.39 -9.72
N VAL A 43 5.33 4.20 -9.83
CA VAL A 43 6.11 2.99 -9.70
C VAL A 43 6.90 2.72 -11.01
N PRO A 44 8.05 2.08 -10.91
CA PRO A 44 8.72 1.52 -12.08
C PRO A 44 8.22 0.09 -12.39
N TYR A 45 8.31 -0.76 -11.39
CA TYR A 45 7.99 -2.19 -11.46
C TYR A 45 6.58 -2.47 -11.98
N PHE A 46 5.58 -1.90 -11.33
CA PHE A 46 4.19 -2.15 -11.69
C PHE A 46 3.75 -1.54 -13.01
N LYS A 47 4.65 -0.88 -13.73
CA LYS A 47 4.34 -0.40 -15.07
C LYS A 47 4.02 -1.58 -15.96
N ASP A 48 4.91 -2.56 -15.95
CA ASP A 48 4.74 -3.75 -16.81
C ASP A 48 3.60 -4.56 -16.32
N LYS A 49 3.46 -4.57 -15.02
CA LYS A 49 2.46 -5.35 -14.35
C LYS A 49 1.10 -4.72 -14.56
N GLY A 50 1.10 -3.45 -14.98
CA GLY A 50 -0.11 -2.74 -15.26
C GLY A 50 -0.68 -3.17 -16.59
N ASP A 51 0.15 -3.78 -17.41
CA ASP A 51 -0.26 -4.22 -18.74
C ASP A 51 -0.18 -5.71 -18.83
N SER A 52 -0.14 -6.34 -17.69
CA SER A 52 0.04 -7.75 -17.63
C SER A 52 -0.88 -8.37 -16.59
N ASN A 53 -0.84 -9.70 -16.50
CA ASN A 53 -1.66 -10.45 -15.55
C ASN A 53 -1.10 -10.29 -14.15
N SER A 54 0.14 -9.86 -14.09
CA SER A 54 0.88 -9.55 -12.90
C SER A 54 0.20 -8.49 -12.03
N SER A 55 -0.78 -7.77 -12.59
CA SER A 55 -1.59 -6.85 -11.83
C SER A 55 -2.29 -7.64 -10.72
N ALA A 56 -3.16 -8.54 -11.13
CA ALA A 56 -3.83 -9.49 -10.24
C ALA A 56 -2.88 -10.66 -10.04
N GLY A 57 -1.69 -10.29 -9.67
CA GLY A 57 -0.60 -11.17 -9.52
C GLY A 57 0.21 -10.71 -8.34
N TRP A 58 0.85 -9.59 -8.53
CA TRP A 58 1.64 -8.99 -7.51
C TRP A 58 0.79 -8.18 -6.56
N LYS A 59 -0.43 -7.81 -6.98
CA LYS A 59 -1.38 -7.20 -6.05
C LYS A 59 -1.75 -8.20 -4.99
N ASN A 60 -1.88 -9.44 -5.42
CA ASN A 60 -2.29 -10.51 -4.53
C ASN A 60 -1.23 -10.65 -3.49
N SER A 61 -0.03 -10.64 -3.98
CA SER A 61 1.15 -10.79 -3.22
C SER A 61 1.33 -9.54 -2.30
N ILE A 62 1.01 -8.36 -2.84
CA ILE A 62 1.04 -7.10 -2.11
C ILE A 62 0.20 -7.14 -0.85
N ARG A 63 -0.93 -7.82 -0.93
CA ARG A 63 -1.86 -7.90 0.18
C ARG A 63 -1.22 -8.60 1.38
N HIS A 64 -0.29 -9.48 1.09
CA HIS A 64 0.46 -10.19 2.11
C HIS A 64 1.41 -9.21 2.79
N ASN A 65 1.92 -8.27 2.03
CA ASN A 65 2.85 -7.25 2.51
C ASN A 65 2.18 -6.33 3.51
N LEU A 66 0.88 -6.07 3.32
CA LEU A 66 0.12 -5.25 4.27
C LEU A 66 -0.14 -6.01 5.58
N SER A 67 0.09 -7.29 5.56
CA SER A 67 -0.14 -8.13 6.70
C SER A 67 1.18 -8.47 7.40
N LEU A 68 2.27 -7.92 6.90
CA LEU A 68 3.59 -8.16 7.45
C LEU A 68 3.99 -7.04 8.34
N HIS A 69 4.42 -7.39 9.57
CA HIS A 69 4.83 -6.42 10.58
C HIS A 69 3.65 -5.52 10.97
N SER A 70 3.92 -4.48 11.69
CA SER A 70 2.93 -3.51 12.05
C SER A 70 3.18 -2.26 11.23
N ARG A 71 3.71 -2.46 10.04
CA ARG A 71 4.12 -1.38 9.18
C ARG A 71 2.95 -0.82 8.38
N PHE A 72 1.81 -1.43 8.46
CA PHE A 72 0.63 -0.97 7.74
C PHE A 72 -0.54 -1.07 8.67
N MET A 73 -1.54 -0.31 8.41
CA MET A 73 -2.75 -0.38 9.16
C MET A 73 -3.87 -0.20 8.21
N ARG A 74 -4.94 -0.85 8.48
CA ARG A 74 -6.01 -0.93 7.55
C ARG A 74 -7.23 -0.35 8.12
N VAL A 75 -7.77 0.51 7.36
CA VAL A 75 -8.82 1.34 7.76
C VAL A 75 -10.13 0.82 7.15
N GLN A 76 -11.17 0.96 7.89
CA GLN A 76 -12.46 0.46 7.48
C GLN A 76 -13.27 1.56 6.81
N ASN A 77 -14.43 1.18 6.37
CA ASN A 77 -15.36 2.13 5.81
C ASN A 77 -16.52 2.28 6.75
N GLU A 78 -16.90 3.51 7.05
CA GLU A 78 -18.01 3.79 7.95
C GLU A 78 -19.31 3.28 7.35
N GLY A 79 -19.49 3.50 6.07
CA GLY A 79 -20.67 3.06 5.40
C GLY A 79 -20.76 3.65 4.01
N THR A 80 -19.94 3.16 3.13
CA THR A 80 -19.91 3.61 1.76
C THR A 80 -19.61 2.36 0.89
N GLY A 81 -19.96 1.22 1.46
CA GLY A 81 -19.62 -0.05 0.91
C GLY A 81 -18.41 -0.56 1.65
N LYS A 82 -18.02 -1.79 1.45
CA LYS A 82 -16.86 -2.29 2.11
C LYS A 82 -15.74 -2.52 1.11
N SER A 83 -15.02 -1.47 0.86
CA SER A 83 -13.89 -1.54 -0.02
C SER A 83 -12.63 -1.55 0.84
N SER A 84 -12.74 -0.83 1.98
CA SER A 84 -11.67 -0.63 2.95
C SER A 84 -10.51 0.18 2.39
N TRP A 85 -9.94 1.02 3.21
CA TRP A 85 -8.82 1.79 2.78
C TRP A 85 -7.62 1.19 3.43
N TRP A 86 -6.52 1.25 2.79
CA TRP A 86 -5.35 0.66 3.32
C TRP A 86 -4.27 1.75 3.41
N ILE A 87 -3.50 1.77 4.52
CA ILE A 87 -2.45 2.78 4.72
C ILE A 87 -1.18 2.11 5.26
N ILE A 88 -0.05 2.81 5.20
CA ILE A 88 1.16 2.35 5.85
C ILE A 88 1.10 2.95 7.26
N ASN A 89 1.39 2.15 8.26
CA ASN A 89 1.26 2.54 9.66
C ASN A 89 2.53 3.24 10.09
N PRO A 90 2.48 4.55 10.32
CA PRO A 90 3.63 5.30 10.79
C PRO A 90 3.76 5.21 12.32
N ASP A 91 2.61 5.00 12.96
CA ASP A 91 2.44 4.99 14.40
C ASP A 91 0.97 4.76 14.70
N GLY A 92 0.18 5.53 14.02
CA GLY A 92 -1.26 5.47 14.12
C GLY A 92 -1.81 6.61 13.32
N GLY A 93 -1.80 6.44 12.02
CA GLY A 93 -2.13 7.52 11.11
C GLY A 93 -3.60 7.88 11.10
N LYS A 94 -4.36 7.15 10.35
CA LYS A 94 -5.78 7.43 10.16
C LYS A 94 -6.60 6.71 11.21
N SER A 95 -7.85 7.10 11.32
CA SER A 95 -8.79 6.48 12.23
C SER A 95 -9.16 5.09 11.68
N GLY A 96 -8.36 4.10 12.02
CA GLY A 96 -8.59 2.77 11.51
C GLY A 96 -9.11 1.84 12.56
N LYS A 97 -9.32 2.37 13.77
CA LYS A 97 -9.85 1.63 14.93
C LYS A 97 -8.83 0.66 15.53
N ALA A 98 -8.26 -0.18 14.71
CA ALA A 98 -7.28 -1.13 15.15
C ALA A 98 -5.88 -0.52 15.04
N PRO A 99 -5.06 -0.64 16.11
CA PRO A 99 -3.69 -0.15 16.08
C PRO A 99 -2.79 -0.95 15.14
N ARG A 100 -3.18 -2.22 14.89
CA ARG A 100 -2.46 -3.13 14.00
C ARG A 100 -1.01 -3.29 14.40
N ARG A 101 -0.80 -3.39 15.69
CA ARG A 101 0.51 -3.58 16.22
C ARG A 101 0.63 -5.04 16.63
N ARG A 102 1.79 -5.46 17.00
CA ARG A 102 1.97 -6.83 17.37
C ARG A 102 2.10 -6.97 18.86
N ALA A 103 0.95 -7.12 19.49
CA ALA A 103 0.83 -7.30 20.90
C ALA A 103 -0.50 -7.96 21.16
N GLY A 1 22.62 -2.02 -3.07
CA GLY A 1 22.78 -3.46 -3.30
C GLY A 1 23.58 -4.08 -2.20
N SER A 2 24.76 -4.56 -2.51
CA SER A 2 25.64 -5.08 -1.50
C SER A 2 26.29 -3.87 -0.79
N SER A 3 26.97 -4.11 0.32
CA SER A 3 27.59 -3.04 1.10
C SER A 3 26.51 -2.07 1.60
N SER A 4 25.37 -2.66 2.00
CA SER A 4 24.19 -1.96 2.51
C SER A 4 23.47 -1.14 1.41
N ARG A 5 22.26 -0.64 1.75
CA ARG A 5 21.44 0.23 0.88
C ARG A 5 20.83 -0.53 -0.30
N ARG A 6 19.82 0.06 -0.87
CA ARG A 6 19.18 -0.50 -2.04
C ARG A 6 18.80 0.66 -2.95
N ASN A 7 18.54 0.37 -4.20
CA ASN A 7 18.03 1.38 -5.12
C ASN A 7 16.60 1.64 -4.82
N ALA A 8 16.32 2.79 -4.31
CA ALA A 8 15.01 3.15 -3.81
C ALA A 8 14.01 3.49 -4.91
N TRP A 9 14.13 2.79 -5.97
CA TRP A 9 13.25 2.91 -7.06
C TRP A 9 12.99 1.53 -7.63
N GLY A 10 14.03 0.88 -8.04
CA GLY A 10 13.89 -0.41 -8.69
C GLY A 10 14.03 -1.57 -7.74
N ASN A 11 14.64 -1.33 -6.59
CA ASN A 11 14.92 -2.39 -5.63
C ASN A 11 13.93 -2.26 -4.47
N LEU A 12 12.86 -1.56 -4.69
CA LEU A 12 11.84 -1.41 -3.69
C LEU A 12 11.07 -2.70 -3.58
N SER A 13 10.67 -3.02 -2.39
CA SER A 13 9.92 -4.20 -2.16
C SER A 13 8.45 -3.87 -2.38
N TYR A 14 7.58 -4.86 -2.28
CA TYR A 14 6.17 -4.66 -2.56
C TYR A 14 5.61 -3.64 -1.59
N ALA A 15 5.95 -3.81 -0.32
CA ALA A 15 5.58 -2.91 0.78
C ALA A 15 5.94 -1.45 0.43
N ASP A 16 7.13 -1.28 -0.12
CA ASP A 16 7.62 0.03 -0.52
C ASP A 16 6.78 0.61 -1.60
N LEU A 17 6.48 -0.19 -2.60
CA LEU A 17 5.71 0.25 -3.75
C LEU A 17 4.30 0.73 -3.34
N ILE A 18 3.66 -0.05 -2.45
CA ILE A 18 2.32 0.32 -1.92
C ILE A 18 2.47 1.67 -1.27
N THR A 19 3.49 1.76 -0.43
CA THR A 19 3.82 2.95 0.26
C THR A 19 4.02 4.13 -0.70
N ARG A 20 4.79 3.90 -1.78
CA ARG A 20 5.08 4.92 -2.77
C ARG A 20 3.79 5.52 -3.33
N ALA A 21 2.84 4.65 -3.64
CA ALA A 21 1.56 5.06 -4.17
C ALA A 21 0.73 5.78 -3.12
N ILE A 22 0.62 5.16 -1.96
CA ILE A 22 -0.14 5.68 -0.84
C ILE A 22 0.33 7.11 -0.45
N GLU A 23 1.63 7.30 -0.40
CA GLU A 23 2.23 8.58 -0.09
C GLU A 23 2.06 9.62 -1.18
N SER A 24 1.67 9.19 -2.35
CA SER A 24 1.42 10.08 -3.46
C SER A 24 -0.08 10.32 -3.58
N SER A 25 -0.83 9.87 -2.59
CA SER A 25 -2.24 9.94 -2.59
C SER A 25 -2.73 11.04 -1.60
N PRO A 26 -4.07 11.30 -1.45
CA PRO A 26 -4.55 12.42 -0.67
C PRO A 26 -4.50 12.19 0.85
N ASP A 27 -5.35 11.33 1.36
CA ASP A 27 -5.46 11.13 2.81
C ASP A 27 -4.64 9.93 3.21
N LYS A 28 -3.81 9.45 2.28
CA LYS A 28 -2.91 8.31 2.50
C LYS A 28 -3.68 7.01 2.75
N ARG A 29 -4.95 6.98 2.47
CA ARG A 29 -5.67 5.73 2.53
C ARG A 29 -6.32 5.50 1.22
N LEU A 30 -6.06 4.35 0.66
CA LEU A 30 -6.55 4.01 -0.69
C LEU A 30 -6.94 2.55 -0.75
N THR A 31 -7.89 2.23 -1.60
CA THR A 31 -8.25 0.84 -1.85
C THR A 31 -7.18 0.21 -2.75
N LEU A 32 -7.12 -1.12 -2.84
CA LEU A 32 -6.10 -1.75 -3.68
C LEU A 32 -6.29 -1.38 -5.14
N SER A 33 -7.51 -1.07 -5.51
CA SER A 33 -7.83 -0.65 -6.85
C SER A 33 -7.18 0.70 -7.12
N GLN A 34 -7.44 1.66 -6.23
CA GLN A 34 -6.84 2.94 -6.42
C GLN A 34 -5.33 2.90 -6.17
N ILE A 35 -4.87 1.97 -5.32
CA ILE A 35 -3.44 1.77 -5.16
C ILE A 35 -2.83 1.26 -6.47
N TYR A 36 -3.54 0.35 -7.20
CA TYR A 36 -3.04 -0.12 -8.50
C TYR A 36 -2.78 1.07 -9.37
N GLU A 37 -3.78 1.94 -9.48
CA GLU A 37 -3.63 3.08 -10.39
C GLU A 37 -2.58 4.07 -9.90
N TRP A 38 -2.67 4.49 -8.63
CA TRP A 38 -1.74 5.43 -8.03
C TRP A 38 -0.32 4.92 -8.12
N MET A 39 -0.16 3.61 -8.02
CA MET A 39 1.13 3.04 -8.15
C MET A 39 1.60 3.17 -9.55
N VAL A 40 0.83 2.61 -10.51
CA VAL A 40 1.18 2.61 -11.95
C VAL A 40 1.51 4.02 -12.46
N ARG A 41 1.02 5.03 -11.77
CA ARG A 41 1.37 6.40 -12.09
C ARG A 41 2.89 6.68 -11.85
N CYS A 42 3.39 6.30 -10.68
CA CYS A 42 4.74 6.69 -10.25
C CYS A 42 5.75 5.52 -10.23
N VAL A 43 5.25 4.35 -9.96
CA VAL A 43 6.02 3.14 -9.77
C VAL A 43 6.86 2.77 -11.01
N PRO A 44 8.02 2.19 -10.83
CA PRO A 44 8.75 1.60 -11.94
C PRO A 44 8.24 0.18 -12.23
N TYR A 45 8.26 -0.64 -11.19
CA TYR A 45 7.97 -2.06 -11.23
C TYR A 45 6.57 -2.36 -11.81
N PHE A 46 5.55 -1.76 -11.24
CA PHE A 46 4.18 -2.04 -11.65
C PHE A 46 3.75 -1.38 -12.95
N LYS A 47 4.65 -0.69 -13.63
CA LYS A 47 4.33 -0.13 -14.94
C LYS A 47 4.00 -1.26 -15.89
N ASP A 48 4.91 -2.21 -15.96
CA ASP A 48 4.76 -3.33 -16.86
C ASP A 48 3.72 -4.28 -16.36
N LYS A 49 3.62 -4.34 -15.06
CA LYS A 49 2.65 -5.19 -14.40
C LYS A 49 1.26 -4.61 -14.60
N GLY A 50 1.21 -3.34 -15.01
CA GLY A 50 -0.04 -2.67 -15.25
C GLY A 50 -0.59 -3.07 -16.59
N ASP A 51 0.27 -3.58 -17.46
CA ASP A 51 -0.14 -4.00 -18.79
C ASP A 51 -0.52 -5.46 -18.73
N SER A 52 0.25 -6.19 -17.95
CA SER A 52 0.05 -7.59 -17.76
C SER A 52 -0.97 -7.85 -16.64
N ASN A 53 -1.16 -9.10 -16.29
CA ASN A 53 -2.08 -9.48 -15.22
C ASN A 53 -1.40 -9.41 -13.88
N SER A 54 -0.11 -9.19 -13.94
CA SER A 54 0.78 -9.08 -12.83
C SER A 54 0.43 -7.94 -11.86
N SER A 55 -0.48 -7.05 -12.26
CA SER A 55 -1.01 -6.06 -11.38
C SER A 55 -1.74 -6.80 -10.26
N ALA A 56 -2.83 -7.47 -10.64
CA ALA A 56 -3.61 -8.34 -9.77
C ALA A 56 -2.92 -9.70 -9.73
N GLY A 57 -1.65 -9.61 -9.52
CA GLY A 57 -0.75 -10.68 -9.53
C GLY A 57 0.16 -10.43 -8.43
N TRP A 58 1.15 -9.59 -8.64
CA TRP A 58 2.11 -9.22 -7.61
C TRP A 58 1.42 -8.49 -6.45
N LYS A 59 0.28 -7.86 -6.74
CA LYS A 59 -0.59 -7.29 -5.73
C LYS A 59 -1.03 -8.33 -4.72
N ASN A 60 -1.14 -9.61 -5.14
CA ASN A 60 -1.58 -10.66 -4.23
C ASN A 60 -0.62 -10.74 -3.04
N SER A 61 0.66 -10.49 -3.33
CA SER A 61 1.69 -10.52 -2.33
C SER A 61 1.62 -9.24 -1.50
N ILE A 62 1.31 -8.11 -2.17
CA ILE A 62 1.16 -6.79 -1.53
C ILE A 62 0.18 -6.86 -0.39
N ARG A 63 -0.86 -7.61 -0.59
CA ARG A 63 -1.94 -7.75 0.36
C ARG A 63 -1.42 -8.37 1.64
N HIS A 64 -0.45 -9.26 1.48
CA HIS A 64 0.22 -9.91 2.57
C HIS A 64 1.18 -8.93 3.24
N ASN A 65 1.76 -8.02 2.44
CA ASN A 65 2.75 -7.02 2.93
C ASN A 65 2.11 -6.10 3.94
N LEU A 66 0.85 -5.77 3.69
CA LEU A 66 0.06 -4.94 4.62
C LEU A 66 -0.16 -5.66 5.96
N SER A 67 0.08 -6.94 5.98
CA SER A 67 -0.14 -7.75 7.14
C SER A 67 1.14 -8.48 7.58
N LEU A 68 2.30 -8.05 7.09
CA LEU A 68 3.55 -8.69 7.48
C LEU A 68 4.04 -8.13 8.80
N HIS A 69 3.60 -6.95 9.09
CA HIS A 69 3.94 -6.26 10.29
C HIS A 69 2.88 -5.21 10.50
N SER A 70 2.83 -4.61 11.67
CA SER A 70 1.92 -3.52 11.96
C SER A 70 2.45 -2.20 11.34
N ARG A 71 3.18 -2.35 10.23
CA ARG A 71 3.79 -1.27 9.49
C ARG A 71 2.76 -0.65 8.59
N PHE A 72 1.70 -1.36 8.40
CA PHE A 72 0.58 -0.91 7.61
C PHE A 72 -0.62 -1.14 8.46
N MET A 73 -1.70 -0.48 8.18
CA MET A 73 -2.89 -0.67 8.93
C MET A 73 -4.04 -0.49 8.00
N ARG A 74 -5.12 -1.10 8.31
CA ARG A 74 -6.26 -1.06 7.45
C ARG A 74 -7.27 -0.20 8.06
N VAL A 75 -7.83 0.60 7.23
CA VAL A 75 -8.69 1.61 7.61
C VAL A 75 -10.09 1.28 7.21
N GLN A 76 -11.01 1.62 8.06
CA GLN A 76 -12.38 1.30 7.87
C GLN A 76 -13.14 2.49 7.35
N ASN A 77 -14.34 2.23 6.96
CA ASN A 77 -15.23 3.22 6.40
C ASN A 77 -16.16 3.75 7.45
N GLU A 78 -16.96 4.71 7.04
CA GLU A 78 -18.01 5.31 7.85
C GLU A 78 -18.98 4.23 8.33
N GLY A 79 -19.19 3.28 7.45
CA GLY A 79 -20.13 2.21 7.69
C GLY A 79 -20.78 1.87 6.39
N THR A 80 -20.76 2.85 5.52
CA THR A 80 -21.27 2.77 4.19
C THR A 80 -20.12 2.43 3.23
N GLY A 81 -20.46 1.88 2.06
CA GLY A 81 -19.47 1.57 1.05
C GLY A 81 -18.80 0.24 1.30
N LYS A 82 -18.13 0.17 2.44
CA LYS A 82 -17.46 -1.04 2.94
C LYS A 82 -16.30 -1.47 2.06
N SER A 83 -15.80 -0.57 1.25
CA SER A 83 -14.69 -0.84 0.39
C SER A 83 -13.39 -0.90 1.20
N SER A 84 -13.38 -0.13 2.30
CA SER A 84 -12.22 0.04 3.19
C SER A 84 -11.12 0.84 2.50
N TRP A 85 -10.12 1.22 3.26
CA TRP A 85 -8.99 1.91 2.71
C TRP A 85 -7.77 1.26 3.31
N TRP A 86 -6.65 1.35 2.66
CA TRP A 86 -5.47 0.71 3.16
C TRP A 86 -4.37 1.76 3.29
N ILE A 87 -3.59 1.73 4.40
CA ILE A 87 -2.48 2.71 4.61
C ILE A 87 -1.23 2.05 5.16
N ILE A 88 -0.12 2.78 5.13
CA ILE A 88 1.07 2.38 5.84
C ILE A 88 0.92 3.05 7.19
N ASN A 89 1.13 2.35 8.27
CA ASN A 89 0.91 2.85 9.61
C ASN A 89 2.00 3.83 10.01
N PRO A 90 1.66 5.11 10.10
CA PRO A 90 2.61 6.13 10.50
C PRO A 90 2.62 6.32 12.04
N ASP A 91 1.51 5.91 12.66
CA ASP A 91 1.21 6.08 14.06
C ASP A 91 -0.22 5.61 14.25
N GLY A 92 -1.03 5.94 13.26
CA GLY A 92 -2.42 5.56 13.26
C GLY A 92 -3.29 6.76 13.04
N GLY A 93 -2.90 7.60 12.08
CA GLY A 93 -3.64 8.81 11.80
C GLY A 93 -5.00 8.54 11.19
N LYS A 94 -5.05 7.58 10.28
CA LYS A 94 -6.29 7.24 9.60
C LYS A 94 -7.15 6.33 10.47
N SER A 95 -8.45 6.39 10.24
CA SER A 95 -9.47 5.67 11.01
C SER A 95 -9.42 4.12 10.79
N GLY A 96 -8.35 3.51 11.22
CA GLY A 96 -8.23 2.08 11.11
C GLY A 96 -8.00 1.44 12.43
N LYS A 97 -7.83 2.26 13.44
CA LYS A 97 -7.58 1.78 14.77
C LYS A 97 -8.89 1.64 15.52
N ALA A 98 -9.55 0.54 15.25
CA ALA A 98 -10.81 0.15 15.82
C ALA A 98 -11.07 -1.27 15.36
N PRO A 99 -11.77 -2.09 16.14
CA PRO A 99 -12.08 -3.45 15.75
C PRO A 99 -13.08 -3.49 14.57
N ARG A 100 -14.33 -3.06 14.81
CA ARG A 100 -15.33 -3.06 13.73
C ARG A 100 -16.51 -2.13 14.01
N ARG A 101 -16.34 -1.19 14.92
CA ARG A 101 -17.39 -0.23 15.23
C ARG A 101 -16.78 1.16 15.29
N ARG A 102 -17.50 2.13 14.71
CA ARG A 102 -17.10 3.52 14.61
C ARG A 102 -15.90 3.79 13.71
N ALA A 103 -15.89 4.97 13.16
CA ALA A 103 -14.84 5.41 12.29
C ALA A 103 -14.22 6.63 12.93
N GLY A 1 15.29 -4.22 10.29
CA GLY A 1 15.50 -3.32 9.15
C GLY A 1 15.02 -3.99 7.90
N SER A 2 15.42 -3.49 6.75
CA SER A 2 15.00 -4.08 5.50
C SER A 2 16.17 -4.10 4.53
N SER A 3 16.75 -2.96 4.32
CA SER A 3 17.86 -2.76 3.44
C SER A 3 18.66 -1.60 3.99
N SER A 4 19.95 -1.64 3.85
CA SER A 4 20.77 -0.60 4.37
C SER A 4 20.97 0.48 3.31
N ARG A 5 21.50 0.08 2.18
CA ARG A 5 21.75 1.00 1.08
C ARG A 5 21.13 0.44 -0.15
N ARG A 6 20.24 1.17 -0.75
CA ARG A 6 19.55 0.71 -1.92
C ARG A 6 19.07 1.93 -2.70
N ASN A 7 18.50 1.70 -3.84
CA ASN A 7 17.90 2.78 -4.59
C ASN A 7 16.46 2.92 -4.20
N ALA A 8 16.04 4.11 -3.98
CA ALA A 8 14.69 4.36 -3.50
C ALA A 8 13.67 4.40 -4.62
N TRP A 9 13.98 3.77 -5.69
CA TRP A 9 13.11 3.67 -6.82
C TRP A 9 13.23 2.30 -7.45
N GLY A 10 14.42 1.99 -7.89
CA GLY A 10 14.63 0.72 -8.58
C GLY A 10 15.10 -0.37 -7.65
N ASN A 11 14.84 -0.21 -6.38
CA ASN A 11 15.24 -1.19 -5.38
C ASN A 11 14.22 -1.16 -4.25
N LEU A 12 13.02 -0.73 -4.59
CA LEU A 12 11.94 -0.69 -3.64
C LEU A 12 11.30 -2.04 -3.54
N SER A 13 10.95 -2.41 -2.34
CA SER A 13 10.29 -3.66 -2.11
C SER A 13 8.79 -3.48 -2.35
N TYR A 14 8.03 -4.56 -2.25
CA TYR A 14 6.58 -4.50 -2.52
C TYR A 14 5.93 -3.52 -1.59
N ALA A 15 6.28 -3.64 -0.30
CA ALA A 15 5.81 -2.77 0.75
C ALA A 15 6.06 -1.29 0.41
N ASP A 16 7.23 -1.04 -0.14
CA ASP A 16 7.63 0.30 -0.52
C ASP A 16 6.79 0.82 -1.64
N LEU A 17 6.53 -0.02 -2.61
CA LEU A 17 5.74 0.35 -3.79
C LEU A 17 4.32 0.78 -3.36
N ILE A 18 3.70 -0.03 -2.48
CA ILE A 18 2.36 0.28 -1.93
C ILE A 18 2.44 1.64 -1.32
N THR A 19 3.47 1.80 -0.51
CA THR A 19 3.76 3.01 0.16
C THR A 19 3.86 4.20 -0.82
N ARG A 20 4.65 4.02 -1.88
CA ARG A 20 4.90 5.07 -2.85
C ARG A 20 3.60 5.61 -3.40
N ALA A 21 2.69 4.69 -3.72
CA ALA A 21 1.37 5.06 -4.23
C ALA A 21 0.57 5.80 -3.18
N ILE A 22 0.46 5.19 -2.02
CA ILE A 22 -0.30 5.72 -0.89
C ILE A 22 0.16 7.14 -0.51
N GLU A 23 1.44 7.37 -0.53
CA GLU A 23 2.02 8.67 -0.21
C GLU A 23 1.77 9.71 -1.29
N SER A 24 1.47 9.24 -2.47
CA SER A 24 1.19 10.11 -3.59
C SER A 24 -0.33 10.35 -3.67
N SER A 25 -1.04 9.82 -2.72
CA SER A 25 -2.45 9.87 -2.68
C SER A 25 -2.88 10.99 -1.71
N PRO A 26 -4.20 11.23 -1.47
CA PRO A 26 -4.63 12.34 -0.67
C PRO A 26 -4.52 12.11 0.84
N ASP A 27 -5.36 11.25 1.38
CA ASP A 27 -5.42 11.09 2.83
C ASP A 27 -4.58 9.92 3.29
N LYS A 28 -3.80 9.35 2.37
CA LYS A 28 -2.92 8.20 2.65
C LYS A 28 -3.69 6.92 2.89
N ARG A 29 -4.97 6.91 2.62
CA ARG A 29 -5.66 5.65 2.68
C ARG A 29 -6.36 5.41 1.38
N LEU A 30 -6.10 4.26 0.78
CA LEU A 30 -6.61 3.95 -0.57
C LEU A 30 -6.95 2.48 -0.67
N THR A 31 -7.87 2.13 -1.54
CA THR A 31 -8.19 0.73 -1.80
C THR A 31 -7.11 0.13 -2.69
N LEU A 32 -7.05 -1.20 -2.85
CA LEU A 32 -6.03 -1.80 -3.70
C LEU A 32 -6.21 -1.40 -5.15
N SER A 33 -7.44 -1.08 -5.53
CA SER A 33 -7.72 -0.62 -6.86
C SER A 33 -7.07 0.75 -7.07
N GLN A 34 -7.36 1.67 -6.15
CA GLN A 34 -6.78 2.98 -6.31
C GLN A 34 -5.27 2.98 -6.04
N ILE A 35 -4.78 2.08 -5.17
CA ILE A 35 -3.34 1.94 -4.95
C ILE A 35 -2.70 1.44 -6.23
N TYR A 36 -3.34 0.46 -6.86
CA TYR A 36 -2.84 -0.11 -8.10
C TYR A 36 -2.65 0.97 -9.15
N GLU A 37 -3.65 1.80 -9.34
CA GLU A 37 -3.51 2.86 -10.34
C GLU A 37 -2.49 3.91 -9.92
N TRP A 38 -2.62 4.41 -8.67
CA TRP A 38 -1.69 5.40 -8.12
C TRP A 38 -0.26 4.93 -8.16
N MET A 39 -0.08 3.64 -8.01
CA MET A 39 1.21 3.07 -8.11
C MET A 39 1.70 3.18 -9.52
N VAL A 40 0.94 2.58 -10.48
CA VAL A 40 1.31 2.56 -11.91
C VAL A 40 1.66 3.96 -12.42
N ARG A 41 1.09 4.97 -11.82
CA ARG A 41 1.39 6.35 -12.13
C ARG A 41 2.90 6.70 -11.94
N CYS A 42 3.49 6.31 -10.82
CA CYS A 42 4.85 6.75 -10.49
C CYS A 42 5.84 5.59 -10.22
N VAL A 43 5.32 4.42 -9.97
CA VAL A 43 6.10 3.23 -9.67
C VAL A 43 6.96 2.84 -10.89
N PRO A 44 8.12 2.26 -10.68
CA PRO A 44 8.89 1.68 -11.77
C PRO A 44 8.49 0.20 -12.04
N TYR A 45 8.34 -0.54 -10.97
CA TYR A 45 8.14 -1.98 -11.04
C TYR A 45 6.74 -2.37 -11.52
N PHE A 46 5.73 -1.74 -10.98
CA PHE A 46 4.34 -2.08 -11.31
C PHE A 46 3.89 -1.59 -12.68
N LYS A 47 4.77 -0.95 -13.44
CA LYS A 47 4.44 -0.51 -14.79
C LYS A 47 4.04 -1.69 -15.67
N ASP A 48 4.87 -2.71 -15.65
CA ASP A 48 4.63 -3.91 -16.46
C ASP A 48 3.50 -4.71 -15.90
N LYS A 49 3.37 -4.64 -14.58
CA LYS A 49 2.34 -5.35 -13.89
C LYS A 49 1.00 -4.66 -14.17
N GLY A 50 1.08 -3.44 -14.68
CA GLY A 50 -0.07 -2.67 -15.02
C GLY A 50 -0.53 -2.96 -16.43
N ASP A 51 0.07 -3.95 -17.06
CA ASP A 51 -0.32 -4.33 -18.41
C ASP A 51 -0.60 -5.82 -18.48
N SER A 52 -0.33 -6.51 -17.40
CA SER A 52 -0.40 -7.95 -17.39
C SER A 52 -1.22 -8.46 -16.18
N ASN A 53 -1.46 -9.79 -16.13
CA ASN A 53 -2.23 -10.44 -15.02
C ASN A 53 -1.54 -10.26 -13.68
N SER A 54 -0.27 -9.93 -13.76
CA SER A 54 0.60 -9.60 -12.67
C SER A 54 0.02 -8.49 -11.78
N SER A 55 -0.98 -7.77 -12.28
CA SER A 55 -1.71 -6.82 -11.49
C SER A 55 -2.28 -7.52 -10.25
N ALA A 56 -3.15 -8.51 -10.46
CA ALA A 56 -3.71 -9.34 -9.39
C ALA A 56 -2.71 -10.45 -9.05
N GLY A 57 -1.47 -10.12 -9.18
CA GLY A 57 -0.38 -11.01 -9.05
C GLY A 57 0.48 -10.48 -7.96
N TRP A 58 1.13 -9.44 -8.27
CA TRP A 58 1.95 -8.74 -7.34
C TRP A 58 1.08 -7.97 -6.35
N LYS A 59 -0.11 -7.53 -6.79
CA LYS A 59 -1.02 -6.89 -5.85
C LYS A 59 -1.59 -7.90 -4.90
N ASN A 60 -1.78 -9.15 -5.35
CA ASN A 60 -2.35 -10.13 -4.44
C ASN A 60 -1.29 -10.51 -3.40
N SER A 61 -0.05 -10.38 -3.81
CA SER A 61 1.07 -10.63 -2.96
C SER A 61 1.25 -9.42 -1.99
N ILE A 62 1.00 -8.21 -2.52
CA ILE A 62 1.06 -6.94 -1.75
C ILE A 62 0.19 -6.99 -0.52
N ARG A 63 -0.93 -7.64 -0.67
CA ARG A 63 -1.92 -7.75 0.39
C ARG A 63 -1.33 -8.44 1.61
N HIS A 64 -0.39 -9.33 1.39
CA HIS A 64 0.29 -10.01 2.48
C HIS A 64 1.24 -9.04 3.16
N ASN A 65 1.93 -8.24 2.33
CA ASN A 65 2.96 -7.27 2.76
C ASN A 65 2.42 -6.28 3.78
N LEU A 66 1.15 -5.96 3.64
CA LEU A 66 0.46 -5.07 4.58
C LEU A 66 0.44 -5.65 6.00
N SER A 67 0.49 -6.95 6.09
CA SER A 67 0.43 -7.64 7.37
C SER A 67 1.70 -8.45 7.62
N LEU A 68 2.76 -8.14 6.90
CA LEU A 68 4.04 -8.84 7.11
C LEU A 68 4.96 -8.02 7.96
N HIS A 69 4.65 -6.75 8.07
CA HIS A 69 5.61 -5.83 8.63
C HIS A 69 5.08 -5.03 9.81
N SER A 70 3.74 -4.98 9.98
CA SER A 70 3.08 -4.09 10.98
C SER A 70 3.31 -2.61 10.64
N ARG A 71 3.93 -2.37 9.49
CA ARG A 71 4.25 -1.04 9.01
C ARG A 71 3.10 -0.55 8.17
N PHE A 72 2.03 -1.24 8.22
CA PHE A 72 0.84 -0.92 7.47
C PHE A 72 -0.31 -1.16 8.39
N MET A 73 -1.40 -0.53 8.11
CA MET A 73 -2.60 -0.70 8.87
C MET A 73 -3.76 -0.51 7.96
N ARG A 74 -4.86 -1.07 8.31
CA ARG A 74 -6.00 -1.04 7.45
C ARG A 74 -7.07 -0.26 8.09
N VAL A 75 -7.79 0.39 7.26
CA VAL A 75 -8.82 1.24 7.65
C VAL A 75 -10.09 0.79 6.93
N GLN A 76 -11.20 0.92 7.57
CA GLN A 76 -12.44 0.51 6.99
C GLN A 76 -13.14 1.73 6.41
N ASN A 77 -14.28 1.55 5.78
CA ASN A 77 -14.99 2.68 5.20
C ASN A 77 -15.90 3.32 6.22
N GLU A 78 -15.83 4.64 6.27
CA GLU A 78 -16.65 5.46 7.13
C GLU A 78 -18.11 5.22 6.82
N GLY A 79 -18.43 5.28 5.55
CA GLY A 79 -19.77 5.07 5.09
C GLY A 79 -19.88 5.45 3.64
N THR A 80 -19.14 4.75 2.81
CA THR A 80 -19.09 5.02 1.41
C THR A 80 -18.64 3.77 0.63
N GLY A 81 -19.58 3.12 0.01
CA GLY A 81 -19.30 1.92 -0.72
C GLY A 81 -19.13 0.73 0.18
N LYS A 82 -18.43 -0.26 -0.29
CA LYS A 82 -18.20 -1.45 0.48
C LYS A 82 -16.79 -1.98 0.19
N SER A 83 -15.84 -1.27 0.71
CA SER A 83 -14.45 -1.58 0.53
C SER A 83 -13.72 -1.32 1.86
N SER A 84 -12.45 -1.06 1.78
CA SER A 84 -11.65 -0.69 2.91
C SER A 84 -10.52 0.14 2.35
N TRP A 85 -9.91 0.95 3.16
CA TRP A 85 -8.81 1.73 2.69
C TRP A 85 -7.56 1.15 3.33
N TRP A 86 -6.48 1.19 2.66
CA TRP A 86 -5.28 0.61 3.19
C TRP A 86 -4.24 1.70 3.29
N ILE A 87 -3.45 1.70 4.39
CA ILE A 87 -2.39 2.74 4.57
C ILE A 87 -1.09 2.11 5.08
N ILE A 88 0.01 2.84 4.96
CA ILE A 88 1.25 2.43 5.59
C ILE A 88 1.22 3.09 6.96
N ASN A 89 1.47 2.33 7.98
CA ASN A 89 1.40 2.79 9.36
C ASN A 89 2.70 3.50 9.71
N PRO A 90 2.65 4.80 9.92
CA PRO A 90 3.83 5.57 10.29
C PRO A 90 4.14 5.40 11.78
N ASP A 91 3.06 5.25 12.56
CA ASP A 91 3.07 5.17 14.03
C ASP A 91 1.64 5.25 14.49
N GLY A 92 0.95 6.22 13.96
CA GLY A 92 -0.43 6.41 14.23
C GLY A 92 -1.00 7.41 13.28
N GLY A 93 -1.25 6.98 12.08
CA GLY A 93 -1.72 7.88 11.05
C GLY A 93 -3.22 7.99 11.02
N LYS A 94 -3.84 7.16 10.23
CA LYS A 94 -5.29 7.15 10.11
C LYS A 94 -5.92 6.46 11.30
N SER A 95 -7.20 6.61 11.44
CA SER A 95 -7.93 5.93 12.46
C SER A 95 -8.23 4.52 11.97
N GLY A 96 -7.60 3.56 12.56
CA GLY A 96 -7.76 2.21 12.12
C GLY A 96 -7.49 1.23 13.22
N LYS A 97 -6.90 0.09 12.84
CA LYS A 97 -6.68 -1.05 13.75
C LYS A 97 -7.99 -1.42 14.39
N ALA A 98 -8.98 -1.63 13.53
CA ALA A 98 -10.32 -1.91 13.94
C ALA A 98 -10.38 -3.21 14.74
N PRO A 99 -10.72 -3.11 16.03
CA PRO A 99 -10.69 -4.26 16.94
C PRO A 99 -11.82 -5.23 16.71
N ARG A 100 -12.83 -4.81 15.98
CA ARG A 100 -13.98 -5.63 15.76
C ARG A 100 -14.61 -5.29 14.42
N ARG A 101 -15.18 -6.27 13.80
CA ARG A 101 -16.00 -6.09 12.62
C ARG A 101 -17.22 -6.97 12.85
N ARG A 102 -18.21 -6.41 13.48
CA ARG A 102 -19.39 -7.18 13.80
C ARG A 102 -20.30 -7.24 12.61
N ALA A 103 -20.44 -8.41 12.08
CA ALA A 103 -21.29 -8.61 10.96
C ALA A 103 -22.66 -9.00 11.46
N GLY A 1 29.06 -1.45 -3.26
CA GLY A 1 28.07 -2.04 -2.37
C GLY A 1 26.67 -1.73 -2.83
N SER A 2 25.69 -2.30 -2.15
CA SER A 2 24.29 -2.08 -2.48
C SER A 2 23.74 -0.93 -1.63
N SER A 3 24.47 -0.61 -0.56
CA SER A 3 24.18 0.46 0.39
C SER A 3 23.07 0.10 1.38
N SER A 4 23.17 0.68 2.58
CA SER A 4 22.17 0.51 3.63
C SER A 4 20.92 1.33 3.34
N ARG A 5 21.09 2.25 2.44
CA ARG A 5 20.06 3.11 2.01
C ARG A 5 19.89 2.83 0.56
N ARG A 6 18.81 2.24 0.21
CA ARG A 6 18.55 1.91 -1.16
C ARG A 6 18.14 3.17 -1.91
N ASN A 7 18.27 3.17 -3.23
CA ASN A 7 17.74 4.29 -3.94
C ASN A 7 16.25 4.12 -4.01
N ALA A 8 15.55 5.15 -3.75
CA ALA A 8 14.14 5.08 -3.53
C ALA A 8 13.30 5.24 -4.78
N TRP A 9 13.84 4.96 -5.92
CA TRP A 9 13.00 5.01 -7.10
C TRP A 9 12.78 3.62 -7.65
N GLY A 10 13.82 2.80 -7.66
CA GLY A 10 13.70 1.51 -8.30
C GLY A 10 14.41 0.40 -7.58
N ASN A 11 14.47 0.49 -6.29
CA ASN A 11 15.08 -0.57 -5.49
C ASN A 11 14.14 -0.86 -4.35
N LEU A 12 12.94 -0.46 -4.56
CA LEU A 12 11.89 -0.50 -3.59
C LEU A 12 11.29 -1.89 -3.57
N SER A 13 10.98 -2.36 -2.40
CA SER A 13 10.39 -3.64 -2.22
C SER A 13 8.87 -3.52 -2.40
N TYR A 14 8.15 -4.64 -2.33
CA TYR A 14 6.68 -4.64 -2.54
C TYR A 14 6.01 -3.66 -1.58
N ALA A 15 6.39 -3.76 -0.31
CA ALA A 15 5.87 -2.89 0.74
C ALA A 15 6.16 -1.42 0.44
N ASP A 16 7.35 -1.14 -0.08
CA ASP A 16 7.76 0.21 -0.44
C ASP A 16 6.88 0.74 -1.54
N LEU A 17 6.62 -0.09 -2.54
CA LEU A 17 5.81 0.30 -3.71
C LEU A 17 4.39 0.70 -3.27
N ILE A 18 3.79 -0.14 -2.39
CA ILE A 18 2.45 0.14 -1.82
C ILE A 18 2.50 1.50 -1.23
N THR A 19 3.52 1.67 -0.42
CA THR A 19 3.78 2.85 0.26
C THR A 19 3.88 4.06 -0.70
N ARG A 20 4.61 3.90 -1.80
CA ARG A 20 4.84 4.96 -2.78
C ARG A 20 3.51 5.49 -3.27
N ALA A 21 2.61 4.58 -3.57
CA ALA A 21 1.28 4.98 -4.02
C ALA A 21 0.50 5.66 -2.92
N ILE A 22 0.50 5.03 -1.77
CA ILE A 22 -0.24 5.51 -0.63
C ILE A 22 0.28 6.91 -0.17
N GLU A 23 1.56 7.13 -0.20
CA GLU A 23 2.11 8.42 0.20
C GLU A 23 1.96 9.50 -0.88
N SER A 24 1.54 9.11 -2.07
CA SER A 24 1.33 10.05 -3.14
C SER A 24 -0.19 10.29 -3.31
N SER A 25 -0.96 9.79 -2.37
CA SER A 25 -2.40 9.82 -2.45
C SER A 25 -2.97 11.09 -1.74
N PRO A 26 -4.33 11.27 -1.67
CA PRO A 26 -4.90 12.42 -1.01
C PRO A 26 -4.98 12.24 0.51
N ASP A 27 -5.60 11.16 0.95
CA ASP A 27 -5.83 10.90 2.37
C ASP A 27 -4.91 9.87 2.93
N LYS A 28 -3.99 9.34 2.12
CA LYS A 28 -3.04 8.29 2.55
C LYS A 28 -3.76 6.99 2.88
N ARG A 29 -5.01 6.91 2.50
CA ARG A 29 -5.74 5.68 2.61
C ARG A 29 -6.41 5.47 1.28
N LEU A 30 -6.22 4.30 0.69
CA LEU A 30 -6.77 3.96 -0.62
C LEU A 30 -7.09 2.50 -0.65
N THR A 31 -8.02 2.11 -1.47
CA THR A 31 -8.30 0.71 -1.67
C THR A 31 -7.16 0.13 -2.51
N LEU A 32 -7.09 -1.19 -2.64
CA LEU A 32 -6.03 -1.81 -3.43
C LEU A 32 -6.15 -1.39 -4.88
N SER A 33 -7.36 -1.08 -5.30
CA SER A 33 -7.61 -0.63 -6.63
C SER A 33 -6.98 0.76 -6.83
N GLN A 34 -7.26 1.69 -5.91
CA GLN A 34 -6.68 3.02 -6.07
C GLN A 34 -5.17 2.95 -5.89
N ILE A 35 -4.71 2.08 -4.99
CA ILE A 35 -3.28 1.90 -4.76
C ILE A 35 -2.63 1.42 -6.04
N TYR A 36 -3.26 0.45 -6.67
CA TYR A 36 -2.79 -0.14 -7.91
C TYR A 36 -2.56 0.93 -8.96
N GLU A 37 -3.55 1.78 -9.15
CA GLU A 37 -3.38 2.82 -10.15
C GLU A 37 -2.37 3.89 -9.70
N TRP A 38 -2.49 4.37 -8.46
CA TRP A 38 -1.58 5.36 -7.90
C TRP A 38 -0.14 4.92 -8.00
N MET A 39 0.13 3.64 -7.78
CA MET A 39 1.48 3.17 -7.93
C MET A 39 1.88 3.15 -9.35
N VAL A 40 1.08 2.53 -10.25
CA VAL A 40 1.44 2.43 -11.68
C VAL A 40 1.79 3.84 -12.27
N ARG A 41 1.25 4.88 -11.65
CA ARG A 41 1.57 6.26 -12.05
C ARG A 41 3.06 6.64 -11.80
N CYS A 42 3.63 6.24 -10.64
CA CYS A 42 4.97 6.74 -10.24
C CYS A 42 5.99 5.61 -9.99
N VAL A 43 5.50 4.41 -9.90
CA VAL A 43 6.31 3.25 -9.65
C VAL A 43 7.09 2.89 -10.93
N PRO A 44 8.23 2.27 -10.81
CA PRO A 44 8.91 1.72 -11.97
C PRO A 44 8.53 0.23 -12.20
N TYR A 45 8.55 -0.52 -11.13
CA TYR A 45 8.40 -1.97 -11.12
C TYR A 45 7.01 -2.42 -11.52
N PHE A 46 6.00 -1.71 -11.08
CA PHE A 46 4.63 -2.16 -11.31
C PHE A 46 4.07 -1.71 -12.68
N LYS A 47 4.88 -1.01 -13.48
CA LYS A 47 4.41 -0.53 -14.80
C LYS A 47 3.88 -1.68 -15.68
N ASP A 48 4.66 -2.74 -15.85
CA ASP A 48 4.23 -3.84 -16.73
C ASP A 48 3.21 -4.69 -16.03
N LYS A 49 3.27 -4.64 -14.71
CA LYS A 49 2.35 -5.40 -13.89
C LYS A 49 0.99 -4.75 -13.97
N GLY A 50 0.97 -3.50 -14.46
CA GLY A 50 -0.25 -2.78 -14.59
C GLY A 50 -1.04 -3.20 -15.80
N ASP A 51 -0.41 -3.97 -16.68
CA ASP A 51 -1.10 -4.41 -17.89
C ASP A 51 -1.41 -5.89 -17.84
N SER A 52 -0.39 -6.66 -17.56
CA SER A 52 -0.45 -8.11 -17.58
C SER A 52 -1.27 -8.72 -16.41
N ASN A 53 -1.36 -10.08 -16.38
CA ASN A 53 -2.07 -10.82 -15.29
C ASN A 53 -1.40 -10.57 -13.95
N SER A 54 -0.16 -10.16 -14.06
CA SER A 54 0.69 -9.68 -13.01
C SER A 54 -0.02 -8.63 -12.13
N SER A 55 -1.07 -8.02 -12.68
CA SER A 55 -1.95 -7.12 -11.98
C SER A 55 -2.37 -7.77 -10.65
N ALA A 56 -3.18 -8.82 -10.74
CA ALA A 56 -3.63 -9.56 -9.57
C ALA A 56 -2.60 -10.65 -9.24
N GLY A 57 -1.38 -10.29 -9.47
CA GLY A 57 -0.24 -11.16 -9.35
C GLY A 57 0.68 -10.58 -8.34
N TRP A 58 1.11 -9.40 -8.61
CA TRP A 58 1.90 -8.64 -7.71
C TRP A 58 1.00 -7.92 -6.72
N LYS A 59 -0.18 -7.50 -7.17
CA LYS A 59 -1.13 -6.87 -6.27
C LYS A 59 -1.73 -7.85 -5.30
N ASN A 60 -1.86 -9.12 -5.70
CA ASN A 60 -2.40 -10.07 -4.75
C ASN A 60 -1.37 -10.34 -3.68
N SER A 61 -0.11 -10.23 -4.10
CA SER A 61 1.02 -10.40 -3.25
C SER A 61 1.17 -9.20 -2.31
N ILE A 62 0.90 -8.01 -2.84
CA ILE A 62 0.95 -6.76 -2.09
C ILE A 62 0.10 -6.84 -0.86
N ARG A 63 -1.07 -7.41 -1.02
CA ARG A 63 -2.06 -7.53 0.06
C ARG A 63 -1.46 -8.29 1.23
N HIS A 64 -0.63 -9.26 0.91
CA HIS A 64 0.03 -10.09 1.88
C HIS A 64 1.05 -9.25 2.66
N ASN A 65 1.70 -8.31 1.95
CA ASN A 65 2.73 -7.44 2.54
C ASN A 65 2.15 -6.46 3.53
N LEU A 66 0.91 -6.03 3.30
CA LEU A 66 0.20 -5.17 4.26
C LEU A 66 -0.02 -5.93 5.55
N SER A 67 -0.44 -7.17 5.42
CA SER A 67 -0.74 -8.02 6.55
C SER A 67 0.53 -8.70 7.13
N LEU A 68 1.70 -8.26 6.68
CA LEU A 68 2.95 -8.81 7.20
C LEU A 68 3.52 -7.90 8.25
N HIS A 69 3.37 -6.63 8.03
CA HIS A 69 4.04 -5.66 8.81
C HIS A 69 3.06 -4.83 9.59
N SER A 70 3.49 -4.35 10.72
CA SER A 70 2.73 -3.41 11.50
C SER A 70 3.02 -2.01 10.96
N ARG A 71 3.85 -1.98 9.90
CA ARG A 71 4.22 -0.79 9.17
C ARG A 71 3.08 -0.36 8.25
N PHE A 72 1.98 -1.07 8.30
CA PHE A 72 0.80 -0.75 7.52
C PHE A 72 -0.38 -0.95 8.42
N MET A 73 -1.39 -0.20 8.21
CA MET A 73 -2.58 -0.34 8.98
C MET A 73 -3.75 -0.19 8.07
N ARG A 74 -4.80 -0.84 8.42
CA ARG A 74 -5.93 -0.90 7.55
C ARG A 74 -7.07 -0.25 8.17
N VAL A 75 -7.68 0.56 7.39
CA VAL A 75 -8.69 1.39 7.85
C VAL A 75 -10.00 1.02 7.18
N GLN A 76 -11.01 0.96 7.95
CA GLN A 76 -12.30 0.65 7.44
C GLN A 76 -13.01 1.93 7.09
N ASN A 77 -14.21 1.82 6.62
CA ASN A 77 -14.91 3.00 6.17
C ASN A 77 -15.45 3.83 7.28
N GLU A 78 -15.57 5.09 6.98
CA GLU A 78 -15.93 6.12 7.91
C GLU A 78 -17.43 6.41 7.76
N GLY A 79 -18.16 5.41 7.32
CA GLY A 79 -19.56 5.60 7.02
C GLY A 79 -19.70 5.97 5.57
N THR A 80 -18.61 5.79 4.87
CA THR A 80 -18.48 6.12 3.49
C THR A 80 -18.69 4.90 2.59
N GLY A 81 -19.19 3.83 3.17
CA GLY A 81 -19.37 2.60 2.44
C GLY A 81 -18.76 1.45 3.19
N LYS A 82 -18.19 0.51 2.48
CA LYS A 82 -17.53 -0.62 3.08
C LYS A 82 -16.21 -0.94 2.36
N SER A 83 -15.90 -0.20 1.31
CA SER A 83 -14.67 -0.41 0.55
C SER A 83 -13.47 0.11 1.36
N SER A 84 -12.85 -0.78 2.13
CA SER A 84 -11.79 -0.45 3.05
C SER A 84 -10.62 0.23 2.40
N TRP A 85 -10.00 1.11 3.14
CA TRP A 85 -8.90 1.84 2.65
C TRP A 85 -7.67 1.28 3.34
N TRP A 86 -6.58 1.30 2.68
CA TRP A 86 -5.40 0.73 3.21
C TRP A 86 -4.34 1.82 3.28
N ILE A 87 -3.55 1.85 4.37
CA ILE A 87 -2.51 2.89 4.57
C ILE A 87 -1.21 2.25 5.09
N ILE A 88 -0.12 2.97 4.98
CA ILE A 88 1.12 2.58 5.62
C ILE A 88 1.02 3.17 7.01
N ASN A 89 1.48 2.49 8.01
CA ASN A 89 1.34 2.95 9.38
C ASN A 89 2.53 3.80 9.80
N PRO A 90 2.32 5.09 9.95
CA PRO A 90 3.31 6.02 10.48
C PRO A 90 3.00 6.33 11.96
N ASP A 91 2.11 5.51 12.53
CA ASP A 91 1.54 5.62 13.87
C ASP A 91 0.54 6.75 13.95
N GLY A 92 1.03 7.97 13.84
CA GLY A 92 0.17 9.14 13.94
C GLY A 92 -0.46 9.49 12.60
N GLY A 93 -1.03 8.49 11.97
CA GLY A 93 -1.65 8.68 10.69
C GLY A 93 -3.16 8.65 10.81
N LYS A 94 -3.78 7.79 10.02
CA LYS A 94 -5.24 7.66 10.01
C LYS A 94 -5.73 6.98 11.28
N SER A 95 -6.99 7.16 11.58
CA SER A 95 -7.58 6.61 12.76
C SER A 95 -8.10 5.19 12.46
N GLY A 96 -7.26 4.21 12.67
CA GLY A 96 -7.62 2.84 12.37
C GLY A 96 -7.59 1.98 13.57
N LYS A 97 -6.52 2.09 14.36
CA LYS A 97 -6.45 1.34 15.61
C LYS A 97 -7.25 2.06 16.67
N ALA A 98 -7.71 3.23 16.31
CA ALA A 98 -8.56 4.01 17.13
C ALA A 98 -9.74 4.47 16.30
N PRO A 99 -10.80 3.65 16.22
CA PRO A 99 -12.00 3.99 15.47
C PRO A 99 -13.03 4.68 16.37
N ARG A 100 -12.54 5.26 17.43
CA ARG A 100 -13.36 5.89 18.43
C ARG A 100 -13.28 7.39 18.25
N ARG A 101 -14.07 8.11 18.98
CA ARG A 101 -14.05 9.55 18.93
C ARG A 101 -13.32 10.07 20.14
N ARG A 102 -13.00 11.33 20.13
CA ARG A 102 -12.33 11.92 21.25
C ARG A 102 -13.37 12.46 22.19
N ALA A 103 -13.13 12.23 23.44
CA ALA A 103 -13.99 12.70 24.49
C ALA A 103 -13.15 13.03 25.69
N GLY A 1 23.90 -9.34 -1.36
CA GLY A 1 23.95 -9.08 0.09
C GLY A 1 23.08 -7.93 0.44
N SER A 2 23.23 -7.42 1.63
CA SER A 2 22.49 -6.27 2.05
C SER A 2 23.44 -5.24 2.65
N SER A 3 23.54 -4.11 2.02
CA SER A 3 24.38 -3.02 2.50
C SER A 3 23.49 -2.00 3.23
N SER A 4 22.18 -2.28 3.19
CA SER A 4 21.13 -1.43 3.74
C SER A 4 21.04 -0.16 2.90
N ARG A 5 21.59 -0.23 1.71
CA ARG A 5 21.61 0.89 0.84
C ARG A 5 21.11 0.44 -0.50
N ARG A 6 19.92 0.82 -0.83
CA ARG A 6 19.29 0.40 -2.04
C ARG A 6 18.88 1.62 -2.84
N ASN A 7 18.42 1.41 -4.06
CA ASN A 7 17.87 2.50 -4.82
C ASN A 7 16.45 2.72 -4.36
N ALA A 8 16.06 3.94 -4.21
CA ALA A 8 14.75 4.23 -3.71
C ALA A 8 13.76 4.48 -4.81
N TRP A 9 14.18 4.27 -6.01
CA TRP A 9 13.28 4.39 -7.12
C TRP A 9 12.91 3.00 -7.64
N GLY A 10 13.92 2.20 -7.89
CA GLY A 10 13.68 0.89 -8.46
C GLY A 10 14.46 -0.18 -7.77
N ASN A 11 14.30 -0.27 -6.49
CA ASN A 11 14.92 -1.31 -5.66
C ASN A 11 14.06 -1.39 -4.41
N LEU A 12 12.85 -0.97 -4.56
CA LEU A 12 11.88 -0.90 -3.50
C LEU A 12 11.20 -2.23 -3.39
N SER A 13 10.86 -2.63 -2.20
CA SER A 13 10.19 -3.86 -2.02
C SER A 13 8.69 -3.62 -2.25
N TYR A 14 7.89 -4.70 -2.23
CA TYR A 14 6.45 -4.58 -2.49
C TYR A 14 5.83 -3.58 -1.55
N ALA A 15 6.19 -3.72 -0.27
CA ALA A 15 5.69 -2.85 0.80
C ALA A 15 6.05 -1.40 0.53
N ASP A 16 7.25 -1.18 0.03
CA ASP A 16 7.72 0.17 -0.27
C ASP A 16 6.93 0.74 -1.42
N LEU A 17 6.62 -0.09 -2.41
CA LEU A 17 5.85 0.31 -3.59
C LEU A 17 4.42 0.73 -3.19
N ILE A 18 3.79 -0.08 -2.30
CA ILE A 18 2.45 0.23 -1.78
C ILE A 18 2.51 1.58 -1.19
N THR A 19 3.54 1.76 -0.37
CA THR A 19 3.81 2.95 0.31
C THR A 19 3.94 4.14 -0.66
N ARG A 20 4.71 3.94 -1.73
CA ARG A 20 4.94 4.98 -2.74
C ARG A 20 3.63 5.52 -3.24
N ALA A 21 2.73 4.60 -3.57
CA ALA A 21 1.41 4.98 -4.07
C ALA A 21 0.59 5.67 -3.00
N ILE A 22 0.60 5.10 -1.82
CA ILE A 22 -0.15 5.61 -0.71
C ILE A 22 0.33 7.01 -0.29
N GLU A 23 1.61 7.27 -0.36
CA GLU A 23 2.11 8.57 0.03
C GLU A 23 1.87 9.61 -1.03
N SER A 24 1.65 9.18 -2.25
CA SER A 24 1.40 10.08 -3.34
C SER A 24 -0.12 10.34 -3.50
N SER A 25 -0.89 9.86 -2.54
CA SER A 25 -2.33 9.92 -2.60
C SER A 25 -2.86 11.23 -1.95
N PRO A 26 -4.22 11.40 -1.78
CA PRO A 26 -4.75 12.57 -1.11
C PRO A 26 -4.81 12.42 0.43
N ASP A 27 -5.51 11.39 0.90
CA ASP A 27 -5.72 11.15 2.35
C ASP A 27 -4.78 10.11 2.91
N LYS A 28 -3.91 9.56 2.07
CA LYS A 28 -2.94 8.52 2.48
C LYS A 28 -3.63 7.22 2.85
N ARG A 29 -4.90 7.12 2.51
CA ARG A 29 -5.59 5.88 2.65
C ARG A 29 -6.30 5.65 1.36
N LEU A 30 -6.09 4.48 0.80
CA LEU A 30 -6.67 4.13 -0.50
C LEU A 30 -7.04 2.69 -0.50
N THR A 31 -7.97 2.34 -1.34
CA THR A 31 -8.30 0.95 -1.54
C THR A 31 -7.15 0.35 -2.35
N LEU A 32 -7.06 -0.95 -2.42
CA LEU A 32 -5.96 -1.59 -3.12
C LEU A 32 -6.11 -1.37 -4.60
N SER A 33 -7.32 -1.12 -4.99
CA SER A 33 -7.64 -0.80 -6.34
C SER A 33 -7.04 0.58 -6.69
N GLN A 34 -7.32 1.59 -5.85
CA GLN A 34 -6.70 2.89 -6.08
C GLN A 34 -5.20 2.87 -5.84
N ILE A 35 -4.75 2.01 -4.93
CA ILE A 35 -3.32 1.84 -4.70
C ILE A 35 -2.68 1.31 -5.97
N TYR A 36 -3.29 0.29 -6.56
CA TYR A 36 -2.80 -0.31 -7.79
C TYR A 36 -2.65 0.74 -8.88
N GLU A 37 -3.67 1.55 -9.08
CA GLU A 37 -3.55 2.57 -10.10
C GLU A 37 -2.56 3.67 -9.72
N TRP A 38 -2.63 4.14 -8.46
CA TRP A 38 -1.71 5.16 -7.97
C TRP A 38 -0.27 4.73 -8.08
N MET A 39 0.01 3.46 -7.82
CA MET A 39 1.34 3.00 -8.01
C MET A 39 1.71 3.00 -9.44
N VAL A 40 0.87 2.41 -10.33
CA VAL A 40 1.18 2.39 -11.78
C VAL A 40 1.41 3.83 -12.31
N ARG A 41 0.88 4.80 -11.61
CA ARG A 41 1.12 6.19 -11.97
C ARG A 41 2.59 6.62 -11.74
N CYS A 42 3.21 6.20 -10.63
CA CYS A 42 4.54 6.74 -10.25
C CYS A 42 5.64 5.65 -10.07
N VAL A 43 5.24 4.42 -9.85
CA VAL A 43 6.11 3.29 -9.62
C VAL A 43 6.92 2.98 -10.89
N PRO A 44 8.07 2.37 -10.78
CA PRO A 44 8.77 1.84 -11.95
C PRO A 44 8.31 0.40 -12.30
N TYR A 45 8.32 -0.44 -11.27
CA TYR A 45 8.05 -1.87 -11.36
C TYR A 45 6.65 -2.18 -11.86
N PHE A 46 5.65 -1.59 -11.24
CA PHE A 46 4.26 -1.90 -11.56
C PHE A 46 3.77 -1.28 -12.88
N LYS A 47 4.67 -0.70 -13.65
CA LYS A 47 4.30 -0.22 -14.98
C LYS A 47 4.04 -1.42 -15.84
N ASP A 48 5.02 -2.32 -15.80
CA ASP A 48 4.97 -3.54 -16.56
C ASP A 48 3.93 -4.45 -15.98
N LYS A 49 3.80 -4.38 -14.67
CA LYS A 49 2.88 -5.23 -13.95
C LYS A 49 1.48 -4.65 -14.01
N GLY A 50 1.34 -3.52 -14.71
CA GLY A 50 0.04 -2.98 -14.95
C GLY A 50 -0.56 -3.67 -16.15
N ASP A 51 0.27 -4.46 -16.81
CA ASP A 51 -0.13 -5.24 -17.96
C ASP A 51 0.05 -6.70 -17.61
N SER A 52 -0.67 -7.58 -18.32
CA SER A 52 -0.62 -9.01 -18.11
C SER A 52 -1.21 -9.41 -16.72
N ASN A 53 -1.08 -10.68 -16.33
CA ASN A 53 -1.68 -11.16 -15.06
C ASN A 53 -0.97 -10.65 -13.83
N SER A 54 0.15 -9.98 -14.03
CA SER A 54 0.93 -9.39 -12.98
C SER A 54 0.13 -8.33 -12.21
N SER A 55 -0.97 -7.83 -12.81
CA SER A 55 -1.85 -6.89 -12.16
C SER A 55 -2.36 -7.52 -10.83
N ALA A 56 -3.24 -8.51 -10.94
CA ALA A 56 -3.72 -9.27 -9.78
C ALA A 56 -2.72 -10.39 -9.51
N GLY A 57 -1.49 -10.06 -9.68
CA GLY A 57 -0.40 -10.96 -9.63
C GLY A 57 0.57 -10.48 -8.65
N TRP A 58 0.89 -9.24 -8.72
CA TRP A 58 1.70 -8.65 -7.73
C TRP A 58 0.84 -7.88 -6.75
N LYS A 59 -0.34 -7.45 -7.18
CA LYS A 59 -1.30 -6.87 -6.27
C LYS A 59 -1.86 -7.90 -5.35
N ASN A 60 -1.96 -9.15 -5.82
CA ASN A 60 -2.49 -10.17 -4.96
C ASN A 60 -1.49 -10.47 -3.84
N SER A 61 -0.22 -10.41 -4.21
CA SER A 61 0.85 -10.61 -3.36
C SER A 61 1.06 -9.42 -2.41
N ILE A 62 0.81 -8.21 -2.92
CA ILE A 62 0.92 -6.97 -2.13
C ILE A 62 0.09 -7.04 -0.86
N ARG A 63 -1.06 -7.65 -0.97
CA ARG A 63 -2.04 -7.76 0.10
C ARG A 63 -1.42 -8.37 1.35
N HIS A 64 -0.55 -9.33 1.13
CA HIS A 64 0.12 -10.07 2.19
C HIS A 64 1.14 -9.16 2.91
N ASN A 65 1.72 -8.25 2.14
CA ASN A 65 2.74 -7.33 2.64
C ASN A 65 2.13 -6.31 3.58
N LEU A 66 0.84 -6.06 3.45
CA LEU A 66 0.14 -5.14 4.35
C LEU A 66 -0.02 -5.72 5.76
N SER A 67 0.21 -7.01 5.88
CA SER A 67 0.04 -7.68 7.12
C SER A 67 1.39 -7.82 7.86
N LEU A 68 2.50 -7.52 7.18
CA LEU A 68 3.80 -7.76 7.78
C LEU A 68 4.23 -6.62 8.69
N HIS A 69 4.71 -7.00 9.90
CA HIS A 69 5.28 -6.07 10.89
C HIS A 69 4.24 -5.04 11.41
N SER A 70 2.98 -5.17 10.94
CA SER A 70 1.92 -4.19 11.21
C SER A 70 2.40 -2.83 10.66
N ARG A 71 3.16 -2.93 9.55
CA ARG A 71 3.75 -1.77 8.86
C ARG A 71 2.70 -1.03 8.07
N PHE A 72 1.55 -1.59 7.96
CA PHE A 72 0.43 -0.99 7.27
C PHE A 72 -0.76 -1.14 8.16
N MET A 73 -1.59 -0.16 8.21
CA MET A 73 -2.73 -0.25 9.02
C MET A 73 -3.92 -0.02 8.17
N ARG A 74 -4.94 -0.72 8.45
CA ARG A 74 -6.10 -0.71 7.63
C ARG A 74 -7.21 0.00 8.28
N VAL A 75 -7.79 0.83 7.49
CA VAL A 75 -8.75 1.77 7.89
C VAL A 75 -10.07 1.43 7.23
N GLN A 76 -11.15 1.72 7.90
CA GLN A 76 -12.43 1.45 7.35
C GLN A 76 -13.00 2.70 6.67
N ASN A 77 -14.09 2.51 5.95
CA ASN A 77 -14.74 3.56 5.17
C ASN A 77 -15.54 4.51 6.05
N GLU A 78 -16.42 5.29 5.39
CA GLU A 78 -17.37 6.19 6.03
C GLU A 78 -18.16 5.43 7.07
N GLY A 79 -18.54 4.23 6.71
CA GLY A 79 -19.27 3.39 7.60
C GLY A 79 -18.34 2.39 8.25
N THR A 80 -18.70 1.12 8.22
CA THR A 80 -17.84 0.11 8.81
C THR A 80 -16.83 -0.41 7.79
N GLY A 81 -17.01 -0.07 6.53
CA GLY A 81 -16.07 -0.47 5.54
C GLY A 81 -16.57 -1.54 4.61
N LYS A 82 -16.57 -1.23 3.35
CA LYS A 82 -16.88 -2.17 2.31
C LYS A 82 -15.58 -2.49 1.61
N SER A 83 -15.06 -1.49 0.94
CA SER A 83 -13.80 -1.59 0.26
C SER A 83 -12.67 -1.27 1.23
N SER A 84 -13.01 -0.42 2.23
CA SER A 84 -12.08 0.05 3.25
C SER A 84 -11.00 0.93 2.61
N TRP A 85 -10.00 1.32 3.37
CA TRP A 85 -8.88 2.04 2.82
C TRP A 85 -7.65 1.49 3.49
N TRP A 86 -6.56 1.48 2.81
CA TRP A 86 -5.35 0.92 3.35
C TRP A 86 -4.31 2.03 3.44
N ILE A 87 -3.56 2.08 4.55
CA ILE A 87 -2.48 3.08 4.71
C ILE A 87 -1.22 2.37 5.23
N ILE A 88 -0.08 3.03 5.14
CA ILE A 88 1.11 2.48 5.76
C ILE A 88 1.10 2.97 7.20
N ASN A 89 1.38 2.11 8.14
CA ASN A 89 1.33 2.45 9.57
C ASN A 89 2.66 3.02 10.02
N PRO A 90 2.70 4.31 10.30
CA PRO A 90 3.91 4.96 10.79
C PRO A 90 4.06 4.81 12.31
N ASP A 91 2.92 4.65 12.99
CA ASP A 91 2.80 4.61 14.46
C ASP A 91 1.32 4.75 14.76
N GLY A 92 0.73 5.68 14.08
CA GLY A 92 -0.67 5.94 14.17
C GLY A 92 -0.99 7.11 13.31
N GLY A 93 -1.33 6.84 12.07
CA GLY A 93 -1.59 7.90 11.13
C GLY A 93 -3.05 8.18 11.01
N LYS A 94 -3.70 7.51 10.07
CA LYS A 94 -5.11 7.66 9.90
C LYS A 94 -5.81 6.75 10.87
N SER A 95 -6.84 7.25 11.50
CA SER A 95 -7.62 6.49 12.43
C SER A 95 -8.32 5.35 11.70
N GLY A 96 -7.99 4.13 12.09
CA GLY A 96 -8.54 2.97 11.43
C GLY A 96 -10.00 2.73 11.73
N LYS A 97 -10.46 3.33 12.84
CA LYS A 97 -11.83 3.19 13.34
C LYS A 97 -12.18 1.74 13.67
N ALA A 98 -11.16 0.90 13.84
CA ALA A 98 -11.33 -0.52 14.10
C ALA A 98 -12.15 -0.74 15.37
N PRO A 99 -13.39 -1.24 15.21
CA PRO A 99 -14.32 -1.41 16.31
C PRO A 99 -13.93 -2.56 17.23
N ARG A 100 -13.25 -3.55 16.65
CA ARG A 100 -12.74 -4.74 17.37
C ARG A 100 -13.83 -5.71 17.85
N ARG A 101 -15.08 -5.28 17.80
CA ARG A 101 -16.21 -6.15 18.10
C ARG A 101 -16.69 -6.80 16.81
N ARG A 102 -15.93 -6.57 15.77
CA ARG A 102 -16.14 -7.15 14.48
C ARG A 102 -14.90 -7.87 14.07
N ALA A 103 -15.07 -8.81 13.20
CA ALA A 103 -13.98 -9.55 12.65
C ALA A 103 -14.12 -9.48 11.14
N GLY A 1 20.04 -3.04 -6.65
CA GLY A 1 20.89 -2.32 -5.70
C GLY A 1 22.03 -1.68 -6.40
N SER A 2 22.55 -0.62 -5.82
CA SER A 2 23.66 0.08 -6.39
C SER A 2 24.92 -0.71 -6.11
N SER A 3 25.13 -1.01 -4.84
CA SER A 3 26.22 -1.81 -4.36
C SER A 3 25.89 -2.30 -2.96
N SER A 4 25.85 -1.38 -2.03
CA SER A 4 25.58 -1.68 -0.65
C SER A 4 24.23 -1.12 -0.23
N ARG A 5 23.72 -0.23 -1.03
CA ARG A 5 22.45 0.38 -0.79
C ARG A 5 21.62 0.21 -2.03
N ARG A 6 20.51 0.86 -2.07
CA ARG A 6 19.61 0.68 -3.16
C ARG A 6 19.02 2.03 -3.53
N ASN A 7 18.64 2.18 -4.77
CA ASN A 7 17.93 3.38 -5.16
C ASN A 7 16.48 3.28 -4.71
N ALA A 8 15.97 4.32 -4.13
CA ALA A 8 14.63 4.30 -3.55
C ALA A 8 13.55 4.59 -4.59
N TRP A 9 13.75 4.12 -5.77
CA TRP A 9 12.74 4.19 -6.77
C TRP A 9 12.65 2.87 -7.50
N GLY A 10 13.80 2.30 -7.83
CA GLY A 10 13.81 1.07 -8.63
C GLY A 10 14.27 -0.13 -7.85
N ASN A 11 14.25 -0.05 -6.55
CA ASN A 11 14.65 -1.16 -5.69
C ASN A 11 13.75 -1.13 -4.47
N LEU A 12 12.58 -0.69 -4.69
CA LEU A 12 11.61 -0.62 -3.67
C LEU A 12 10.95 -1.97 -3.57
N SER A 13 10.77 -2.43 -2.37
CA SER A 13 10.16 -3.69 -2.13
C SER A 13 8.66 -3.55 -2.39
N TYR A 14 7.91 -4.64 -2.33
CA TYR A 14 6.49 -4.61 -2.61
C TYR A 14 5.84 -3.62 -1.68
N ALA A 15 6.19 -3.73 -0.40
CA ALA A 15 5.73 -2.85 0.67
C ALA A 15 6.05 -1.38 0.36
N ASP A 16 7.28 -1.14 -0.10
CA ASP A 16 7.74 0.21 -0.41
C ASP A 16 6.94 0.79 -1.57
N LEU A 17 6.62 -0.05 -2.55
CA LEU A 17 5.86 0.38 -3.73
C LEU A 17 4.45 0.82 -3.32
N ILE A 18 3.79 -0.01 -2.50
CA ILE A 18 2.44 0.30 -1.97
C ILE A 18 2.51 1.64 -1.34
N THR A 19 3.53 1.77 -0.53
CA THR A 19 3.82 2.94 0.18
C THR A 19 3.93 4.17 -0.76
N ARG A 20 4.66 4.02 -1.85
CA ARG A 20 4.88 5.11 -2.80
C ARG A 20 3.55 5.63 -3.29
N ALA A 21 2.66 4.70 -3.65
CA ALA A 21 1.33 5.06 -4.13
C ALA A 21 0.55 5.77 -3.04
N ILE A 22 0.53 5.17 -1.90
CA ILE A 22 -0.17 5.66 -0.75
C ILE A 22 0.36 7.06 -0.33
N GLU A 23 1.63 7.30 -0.47
CA GLU A 23 2.19 8.57 -0.09
C GLU A 23 1.91 9.64 -1.13
N SER A 24 1.56 9.23 -2.33
CA SER A 24 1.28 10.17 -3.38
C SER A 24 -0.22 10.43 -3.48
N SER A 25 -0.94 9.97 -2.46
CA SER A 25 -2.37 10.04 -2.44
C SER A 25 -2.85 11.32 -1.72
N PRO A 26 -4.20 11.52 -1.52
CA PRO A 26 -4.70 12.69 -0.84
C PRO A 26 -4.70 12.54 0.70
N ASP A 27 -5.27 11.46 1.21
CA ASP A 27 -5.42 11.30 2.67
C ASP A 27 -4.56 10.16 3.19
N LYS A 28 -3.77 9.53 2.31
CA LYS A 28 -2.87 8.41 2.67
C LYS A 28 -3.62 7.12 2.93
N ARG A 29 -4.91 7.11 2.69
CA ARG A 29 -5.64 5.87 2.76
C ARG A 29 -6.32 5.67 1.44
N LEU A 30 -6.10 4.51 0.84
CA LEU A 30 -6.66 4.17 -0.46
C LEU A 30 -7.02 2.73 -0.47
N THR A 31 -7.97 2.36 -1.28
CA THR A 31 -8.30 0.97 -1.47
C THR A 31 -7.17 0.32 -2.28
N LEU A 32 -7.15 -1.01 -2.37
CA LEU A 32 -6.10 -1.71 -3.11
C LEU A 32 -6.19 -1.28 -4.58
N SER A 33 -7.39 -0.92 -4.99
CA SER A 33 -7.65 -0.46 -6.34
C SER A 33 -6.97 0.87 -6.57
N GLN A 34 -7.23 1.86 -5.68
CA GLN A 34 -6.62 3.16 -5.88
C GLN A 34 -5.11 3.08 -5.72
N ILE A 35 -4.66 2.20 -4.83
CA ILE A 35 -3.23 2.00 -4.65
C ILE A 35 -2.63 1.46 -5.93
N TYR A 36 -3.28 0.45 -6.51
CA TYR A 36 -2.82 -0.15 -7.74
C TYR A 36 -2.65 0.89 -8.81
N GLU A 37 -3.65 1.72 -9.00
CA GLU A 37 -3.57 2.71 -10.02
C GLU A 37 -2.57 3.82 -9.67
N TRP A 38 -2.61 4.33 -8.42
CA TRP A 38 -1.65 5.36 -7.96
C TRP A 38 -0.22 4.87 -8.12
N MET A 39 -0.04 3.61 -7.88
CA MET A 39 1.23 2.99 -8.05
C MET A 39 1.62 3.03 -9.48
N VAL A 40 0.83 2.40 -10.36
CA VAL A 40 1.11 2.32 -11.81
C VAL A 40 1.36 3.72 -12.42
N ARG A 41 0.86 4.74 -11.75
CA ARG A 41 1.12 6.12 -12.15
C ARG A 41 2.64 6.44 -12.09
N CYS A 42 3.28 6.20 -10.95
CA CYS A 42 4.66 6.68 -10.74
C CYS A 42 5.69 5.56 -10.51
N VAL A 43 5.24 4.40 -10.09
CA VAL A 43 6.06 3.25 -9.81
C VAL A 43 6.83 2.81 -11.08
N PRO A 44 8.01 2.28 -10.95
CA PRO A 44 8.69 1.69 -12.10
C PRO A 44 8.27 0.22 -12.31
N TYR A 45 8.37 -0.55 -11.24
CA TYR A 45 8.15 -1.97 -11.21
C TYR A 45 6.74 -2.35 -11.68
N PHE A 46 5.74 -1.68 -11.16
CA PHE A 46 4.36 -2.03 -11.47
C PHE A 46 3.87 -1.45 -12.79
N LYS A 47 4.74 -0.82 -13.58
CA LYS A 47 4.33 -0.39 -14.92
C LYS A 47 4.12 -1.64 -15.74
N ASP A 48 5.13 -2.50 -15.70
CA ASP A 48 5.13 -3.78 -16.42
C ASP A 48 4.01 -4.62 -15.91
N LYS A 49 3.93 -4.67 -14.61
CA LYS A 49 2.95 -5.51 -13.94
C LYS A 49 1.55 -4.97 -14.16
N GLY A 50 1.47 -3.69 -14.49
CA GLY A 50 0.21 -3.04 -14.64
C GLY A 50 -0.31 -3.20 -16.03
N ASP A 51 0.44 -3.93 -16.85
CA ASP A 51 0.01 -4.13 -18.21
C ASP A 51 -0.01 -5.62 -18.53
N SER A 52 0.01 -6.43 -17.49
CA SER A 52 0.00 -7.85 -17.66
C SER A 52 -0.77 -8.51 -16.53
N ASN A 53 -0.65 -9.80 -16.44
CA ASN A 53 -1.34 -10.65 -15.47
C ASN A 53 -0.83 -10.45 -14.07
N SER A 54 0.37 -9.95 -13.99
CA SER A 54 1.05 -9.60 -12.79
C SER A 54 0.32 -8.48 -12.03
N SER A 55 -0.68 -7.86 -12.67
CA SER A 55 -1.56 -6.93 -12.01
C SER A 55 -2.20 -7.69 -10.86
N ALA A 56 -3.03 -8.67 -11.21
CA ALA A 56 -3.66 -9.58 -10.24
C ALA A 56 -2.65 -10.68 -9.90
N GLY A 57 -1.47 -10.23 -9.60
CA GLY A 57 -0.35 -11.07 -9.41
C GLY A 57 0.49 -10.52 -8.31
N TRP A 58 0.96 -9.35 -8.50
CA TRP A 58 1.70 -8.72 -7.48
C TRP A 58 0.76 -7.95 -6.57
N LYS A 59 -0.45 -7.67 -7.06
CA LYS A 59 -1.47 -7.04 -6.22
C LYS A 59 -1.92 -8.03 -5.17
N ASN A 60 -1.95 -9.31 -5.55
CA ASN A 60 -2.45 -10.30 -4.62
C ASN A 60 -1.39 -10.56 -3.57
N SER A 61 -0.15 -10.47 -4.02
CA SER A 61 1.00 -10.63 -3.19
C SER A 61 1.11 -9.43 -2.24
N ILE A 62 0.79 -8.25 -2.75
CA ILE A 62 0.81 -7.01 -2.00
C ILE A 62 -0.02 -7.09 -0.73
N ARG A 63 -1.15 -7.76 -0.82
CA ARG A 63 -2.09 -7.87 0.30
C ARG A 63 -1.43 -8.53 1.51
N HIS A 64 -0.47 -9.41 1.23
CA HIS A 64 0.25 -10.11 2.27
C HIS A 64 1.20 -9.15 2.97
N ASN A 65 1.81 -8.27 2.18
CA ASN A 65 2.82 -7.29 2.64
C ASN A 65 2.24 -6.35 3.67
N LEU A 66 0.97 -5.97 3.46
CA LEU A 66 0.24 -5.10 4.39
C LEU A 66 0.07 -5.77 5.76
N SER A 67 0.16 -7.07 5.79
CA SER A 67 0.02 -7.82 6.99
C SER A 67 1.32 -8.56 7.34
N LEU A 68 2.42 -8.20 6.69
CA LEU A 68 3.72 -8.85 6.97
C LEU A 68 4.47 -8.08 8.01
N HIS A 69 3.97 -6.92 8.30
CA HIS A 69 4.53 -6.02 9.24
C HIS A 69 3.40 -5.27 9.89
N SER A 70 3.73 -4.44 10.83
CA SER A 70 2.80 -3.54 11.42
C SER A 70 3.09 -2.14 10.86
N ARG A 71 3.89 -2.15 9.77
CA ARG A 71 4.25 -0.95 9.02
C ARG A 71 3.09 -0.49 8.18
N PHE A 72 2.01 -1.19 8.23
CA PHE A 72 0.82 -0.84 7.48
C PHE A 72 -0.33 -0.99 8.41
N MET A 73 -1.37 -0.26 8.16
CA MET A 73 -2.56 -0.39 8.94
C MET A 73 -3.72 -0.24 8.07
N ARG A 74 -4.75 -0.94 8.40
CA ARG A 74 -5.90 -0.97 7.57
C ARG A 74 -6.97 -0.20 8.18
N VAL A 75 -7.52 0.62 7.38
CA VAL A 75 -8.43 1.56 7.80
C VAL A 75 -9.80 1.22 7.26
N GLN A 76 -10.73 1.26 8.09
CA GLN A 76 -12.06 0.92 7.75
C GLN A 76 -12.77 2.15 7.29
N ASN A 77 -13.72 1.96 6.43
CA ASN A 77 -14.53 3.04 5.94
C ASN A 77 -15.38 3.57 7.08
N GLU A 78 -15.78 4.82 6.98
CA GLU A 78 -16.59 5.47 7.98
C GLU A 78 -17.91 4.70 8.13
N GLY A 79 -18.51 4.38 7.01
CA GLY A 79 -19.72 3.61 7.05
C GLY A 79 -19.42 2.15 6.90
N THR A 80 -19.81 1.58 5.81
CA THR A 80 -19.58 0.19 5.55
C THR A 80 -18.24 -0.03 4.87
N GLY A 81 -17.46 -0.92 5.44
CA GLY A 81 -16.13 -1.21 4.94
C GLY A 81 -16.19 -2.15 3.77
N LYS A 82 -16.57 -1.63 2.64
CA LYS A 82 -16.67 -2.41 1.42
C LYS A 82 -15.28 -2.69 0.86
N SER A 83 -14.66 -1.68 0.33
CA SER A 83 -13.34 -1.84 -0.24
C SER A 83 -12.29 -1.56 0.81
N SER A 84 -12.66 -0.68 1.78
CA SER A 84 -11.78 -0.24 2.88
C SER A 84 -10.58 0.55 2.37
N TRP A 85 -9.91 1.26 3.23
CA TRP A 85 -8.78 2.00 2.80
C TRP A 85 -7.57 1.40 3.46
N TRP A 86 -6.48 1.43 2.79
CA TRP A 86 -5.30 0.86 3.34
C TRP A 86 -4.25 1.95 3.41
N ILE A 87 -3.44 1.96 4.48
CA ILE A 87 -2.35 2.94 4.61
C ILE A 87 -1.07 2.25 5.08
N ILE A 88 0.04 2.95 4.97
CA ILE A 88 1.26 2.49 5.58
C ILE A 88 1.25 3.15 6.95
N ASN A 89 1.51 2.41 7.99
CA ASN A 89 1.50 2.95 9.35
C ASN A 89 2.75 3.78 9.58
N PRO A 90 2.58 5.08 9.70
CA PRO A 90 3.69 5.99 9.88
C PRO A 90 4.07 6.15 11.36
N ASP A 91 3.09 5.94 12.23
CA ASP A 91 3.18 6.24 13.66
C ASP A 91 1.80 6.07 14.23
N GLY A 92 0.90 6.82 13.63
CA GLY A 92 -0.48 6.79 13.99
C GLY A 92 -1.21 7.81 13.16
N GLY A 93 -1.63 7.39 11.99
CA GLY A 93 -2.28 8.30 11.08
C GLY A 93 -3.76 8.03 11.01
N LYS A 94 -4.16 7.35 9.97
CA LYS A 94 -5.55 6.98 9.80
C LYS A 94 -5.75 5.74 10.66
N SER A 95 -6.35 5.91 11.83
CA SER A 95 -6.46 4.82 12.77
C SER A 95 -7.62 3.88 12.41
N GLY A 96 -8.55 4.38 11.65
CA GLY A 96 -9.67 3.57 11.31
C GLY A 96 -10.64 3.55 12.45
N LYS A 97 -11.06 2.39 12.83
CA LYS A 97 -11.88 2.25 14.01
C LYS A 97 -11.08 1.50 15.06
N ALA A 98 -9.76 1.47 14.81
CA ALA A 98 -8.78 0.78 15.61
C ALA A 98 -9.07 -0.71 15.72
N PRO A 99 -8.59 -1.50 14.74
CA PRO A 99 -8.79 -2.95 14.73
C PRO A 99 -7.79 -3.66 15.63
N ARG A 100 -6.89 -2.89 16.19
CA ARG A 100 -5.88 -3.35 17.09
C ARG A 100 -5.35 -2.15 17.85
N ARG A 101 -4.75 -2.41 18.98
CA ARG A 101 -4.19 -1.37 19.82
C ARG A 101 -2.94 -0.86 19.12
N ARG A 102 -2.78 0.44 19.02
CA ARG A 102 -1.65 0.98 18.30
C ARG A 102 -0.39 1.01 19.16
N ALA A 103 0.25 -0.12 19.21
CA ALA A 103 1.50 -0.34 19.89
C ALA A 103 1.99 -1.72 19.51
N GLY A 1 30.83 0.29 -2.39
CA GLY A 1 30.44 0.29 -0.99
C GLY A 1 28.94 0.31 -0.87
N SER A 2 28.44 -0.18 0.27
CA SER A 2 27.02 -0.26 0.56
C SER A 2 26.30 -1.27 -0.38
N SER A 3 26.21 -2.50 0.06
CA SER A 3 25.62 -3.55 -0.74
C SER A 3 24.11 -3.68 -0.45
N SER A 4 23.68 -3.12 0.66
CA SER A 4 22.28 -3.16 1.02
C SER A 4 21.61 -1.81 0.75
N ARG A 5 22.39 -0.86 0.24
CA ARG A 5 21.87 0.43 -0.13
C ARG A 5 21.31 0.32 -1.51
N ARG A 6 20.04 0.33 -1.61
CA ARG A 6 19.39 0.10 -2.86
C ARG A 6 18.86 1.38 -3.47
N ASN A 7 18.25 1.24 -4.62
CA ASN A 7 17.64 2.35 -5.31
C ASN A 7 16.27 2.53 -4.76
N ALA A 8 15.89 3.73 -4.55
CA ALA A 8 14.58 4.01 -4.00
C ALA A 8 13.57 4.23 -5.08
N TRP A 9 13.97 4.07 -6.31
CA TRP A 9 13.06 4.21 -7.39
C TRP A 9 12.53 2.87 -7.86
N GLY A 10 13.42 1.95 -8.18
CA GLY A 10 12.96 0.68 -8.76
C GLY A 10 13.54 -0.54 -8.10
N ASN A 11 14.06 -0.37 -6.91
CA ASN A 11 14.66 -1.48 -6.19
C ASN A 11 13.87 -1.67 -4.91
N LEU A 12 12.69 -1.10 -4.96
CA LEU A 12 11.76 -1.08 -3.87
C LEU A 12 11.08 -2.41 -3.75
N SER A 13 10.71 -2.76 -2.55
CA SER A 13 10.03 -3.98 -2.31
C SER A 13 8.53 -3.72 -2.50
N TYR A 14 7.72 -4.76 -2.39
CA TYR A 14 6.29 -4.64 -2.65
C TYR A 14 5.67 -3.68 -1.68
N ALA A 15 5.99 -3.84 -0.39
CA ALA A 15 5.52 -2.98 0.68
C ALA A 15 5.86 -1.51 0.38
N ASP A 16 7.06 -1.31 -0.16
CA ASP A 16 7.57 0.01 -0.52
C ASP A 16 6.77 0.60 -1.65
N LEU A 17 6.46 -0.20 -2.65
CA LEU A 17 5.69 0.25 -3.81
C LEU A 17 4.29 0.72 -3.39
N ILE A 18 3.64 -0.10 -2.53
CA ILE A 18 2.30 0.24 -1.98
C ILE A 18 2.44 1.59 -1.34
N THR A 19 3.48 1.70 -0.53
CA THR A 19 3.84 2.89 0.16
C THR A 19 4.00 4.08 -0.81
N ARG A 20 4.74 3.88 -1.90
CA ARG A 20 5.02 4.95 -2.86
C ARG A 20 3.74 5.55 -3.39
N ALA A 21 2.78 4.69 -3.70
CA ALA A 21 1.48 5.15 -4.18
C ALA A 21 0.70 5.85 -3.08
N ILE A 22 0.66 5.21 -1.93
CA ILE A 22 -0.07 5.71 -0.78
C ILE A 22 0.46 7.09 -0.34
N GLU A 23 1.74 7.29 -0.43
CA GLU A 23 2.31 8.55 -0.02
C GLU A 23 2.09 9.67 -1.05
N SER A 24 1.67 9.31 -2.24
CA SER A 24 1.43 10.29 -3.28
C SER A 24 -0.08 10.55 -3.42
N SER A 25 -0.83 10.08 -2.44
CA SER A 25 -2.28 10.11 -2.49
C SER A 25 -2.84 11.39 -1.80
N PRO A 26 -4.20 11.51 -1.59
CA PRO A 26 -4.77 12.63 -0.90
C PRO A 26 -4.78 12.45 0.63
N ASP A 27 -5.27 11.31 1.10
CA ASP A 27 -5.43 11.08 2.55
C ASP A 27 -4.45 10.11 3.09
N LYS A 28 -3.65 9.50 2.22
CA LYS A 28 -2.70 8.43 2.59
C LYS A 28 -3.44 7.14 2.92
N ARG A 29 -4.73 7.10 2.65
CA ARG A 29 -5.50 5.88 2.74
C ARG A 29 -6.16 5.69 1.41
N LEU A 30 -5.96 4.52 0.83
CA LEU A 30 -6.48 4.17 -0.51
C LEU A 30 -6.84 2.72 -0.54
N THR A 31 -7.81 2.34 -1.33
CA THR A 31 -8.14 0.95 -1.51
C THR A 31 -7.05 0.29 -2.36
N LEU A 32 -6.98 -1.02 -2.40
CA LEU A 32 -5.93 -1.72 -3.16
C LEU A 32 -6.08 -1.40 -4.64
N SER A 33 -7.32 -1.18 -5.06
CA SER A 33 -7.62 -0.85 -6.42
C SER A 33 -7.06 0.54 -6.78
N GLN A 34 -7.34 1.53 -5.92
CA GLN A 34 -6.81 2.83 -6.21
C GLN A 34 -5.31 2.90 -5.95
N ILE A 35 -4.80 2.09 -5.02
CA ILE A 35 -3.35 1.99 -4.81
C ILE A 35 -2.72 1.46 -6.07
N TYR A 36 -3.37 0.47 -6.67
CA TYR A 36 -2.88 -0.13 -7.88
C TYR A 36 -2.76 0.90 -8.98
N GLU A 37 -3.80 1.69 -9.18
CA GLU A 37 -3.72 2.71 -10.22
C GLU A 37 -2.72 3.82 -9.86
N TRP A 38 -2.81 4.34 -8.62
CA TRP A 38 -1.88 5.37 -8.14
C TRP A 38 -0.45 4.91 -8.22
N MET A 39 -0.25 3.62 -8.01
CA MET A 39 1.04 3.05 -8.15
C MET A 39 1.46 3.14 -9.56
N VAL A 40 0.69 2.52 -10.47
CA VAL A 40 1.01 2.48 -11.92
C VAL A 40 1.30 3.89 -12.47
N ARG A 41 0.77 4.90 -11.81
CA ARG A 41 1.09 6.27 -12.15
C ARG A 41 2.60 6.60 -11.93
N CYS A 42 3.10 6.31 -10.72
CA CYS A 42 4.45 6.75 -10.32
C CYS A 42 5.51 5.60 -10.27
N VAL A 43 5.04 4.40 -10.02
CA VAL A 43 5.86 3.21 -9.84
C VAL A 43 6.60 2.84 -11.16
N PRO A 44 7.79 2.28 -11.06
CA PRO A 44 8.47 1.70 -12.22
C PRO A 44 8.12 0.21 -12.41
N TYR A 45 8.00 -0.48 -11.30
CA TYR A 45 7.80 -1.90 -11.24
C TYR A 45 6.41 -2.28 -11.78
N PHE A 46 5.38 -1.68 -11.22
CA PHE A 46 4.00 -1.99 -11.61
C PHE A 46 3.58 -1.34 -12.93
N LYS A 47 4.51 -0.76 -13.66
CA LYS A 47 4.18 -0.33 -15.01
C LYS A 47 4.00 -1.58 -15.85
N ASP A 48 4.98 -2.45 -15.74
CA ASP A 48 5.02 -3.70 -16.47
C ASP A 48 3.91 -4.58 -15.97
N LYS A 49 3.79 -4.59 -14.66
CA LYS A 49 2.81 -5.42 -13.99
C LYS A 49 1.41 -4.84 -14.18
N GLY A 50 1.36 -3.63 -14.74
CA GLY A 50 0.11 -2.98 -15.00
C GLY A 50 -0.49 -3.47 -16.28
N ASP A 51 0.34 -4.11 -17.09
CA ASP A 51 -0.10 -4.61 -18.38
C ASP A 51 -0.34 -6.11 -18.29
N SER A 52 0.61 -6.82 -17.73
CA SER A 52 0.53 -8.26 -17.65
C SER A 52 -0.28 -8.76 -16.42
N ASN A 53 -0.39 -10.10 -16.28
CA ASN A 53 -1.16 -10.77 -15.20
C ASN A 53 -0.58 -10.50 -13.83
N SER A 54 0.63 -9.97 -13.79
CA SER A 54 1.31 -9.56 -12.59
C SER A 54 0.53 -8.48 -11.81
N SER A 55 -0.51 -7.95 -12.41
CA SER A 55 -1.44 -7.06 -11.77
C SER A 55 -1.99 -7.80 -10.53
N ALA A 56 -2.78 -8.85 -10.76
CA ALA A 56 -3.31 -9.69 -9.68
C ALA A 56 -2.26 -10.75 -9.34
N GLY A 57 -1.04 -10.31 -9.43
CA GLY A 57 0.11 -11.14 -9.28
C GLY A 57 0.95 -10.60 -8.19
N TRP A 58 1.38 -9.40 -8.35
CA TRP A 58 2.12 -8.78 -7.32
C TRP A 58 1.21 -7.99 -6.41
N LYS A 59 0.05 -7.57 -6.92
CA LYS A 59 -0.95 -6.95 -6.07
C LYS A 59 -1.57 -7.97 -5.16
N ASN A 60 -1.66 -9.23 -5.61
CA ASN A 60 -2.22 -10.24 -4.74
C ASN A 60 -1.21 -10.56 -3.64
N SER A 61 0.04 -10.36 -3.99
CA SER A 61 1.14 -10.57 -3.09
C SER A 61 1.21 -9.41 -2.08
N ILE A 62 0.97 -8.20 -2.57
CA ILE A 62 0.96 -6.95 -1.78
C ILE A 62 0.03 -7.04 -0.59
N ARG A 63 -1.04 -7.73 -0.78
CA ARG A 63 -2.06 -7.88 0.24
C ARG A 63 -1.52 -8.68 1.41
N HIS A 64 -0.60 -9.56 1.11
CA HIS A 64 0.10 -10.34 2.12
C HIS A 64 1.11 -9.44 2.82
N ASN A 65 1.64 -8.49 2.06
CA ASN A 65 2.65 -7.55 2.58
C ASN A 65 2.01 -6.61 3.59
N LEU A 66 0.72 -6.31 3.37
CA LEU A 66 -0.05 -5.49 4.33
C LEU A 66 -0.36 -6.27 5.61
N SER A 67 0.07 -7.52 5.66
CA SER A 67 -0.13 -8.34 6.82
C SER A 67 1.18 -8.51 7.56
N LEU A 68 2.24 -7.96 6.99
CA LEU A 68 3.56 -8.10 7.58
C LEU A 68 3.79 -6.98 8.56
N HIS A 69 3.62 -7.32 9.84
CA HIS A 69 3.80 -6.41 10.97
C HIS A 69 2.67 -5.37 11.00
N SER A 70 2.69 -4.53 11.99
CA SER A 70 1.75 -3.45 12.09
C SER A 70 2.31 -2.21 11.40
N ARG A 71 3.06 -2.47 10.33
CA ARG A 71 3.72 -1.46 9.52
C ARG A 71 2.71 -0.84 8.58
N PHE A 72 1.62 -1.50 8.40
CA PHE A 72 0.53 -1.04 7.60
C PHE A 72 -0.67 -1.12 8.48
N MET A 73 -1.59 -0.22 8.32
CA MET A 73 -2.78 -0.29 9.10
C MET A 73 -3.92 -0.07 8.19
N ARG A 74 -5.02 -0.59 8.55
CA ARG A 74 -6.12 -0.62 7.67
C ARG A 74 -7.21 0.17 8.22
N VAL A 75 -7.60 1.08 7.43
CA VAL A 75 -8.60 1.95 7.75
C VAL A 75 -9.88 1.46 7.14
N GLN A 76 -10.86 1.39 7.95
CA GLN A 76 -12.15 0.94 7.53
C GLN A 76 -12.92 2.10 6.99
N ASN A 77 -14.03 1.83 6.40
CA ASN A 77 -14.84 2.86 5.80
C ASN A 77 -15.55 3.69 6.84
N GLU A 78 -15.21 4.95 6.88
CA GLU A 78 -15.81 5.90 7.79
C GLU A 78 -17.13 6.38 7.18
N GLY A 79 -17.19 6.29 5.87
CA GLY A 79 -18.36 6.64 5.13
C GLY A 79 -18.60 5.62 4.05
N THR A 80 -19.13 6.03 2.94
CA THR A 80 -19.42 5.14 1.86
C THR A 80 -18.22 4.95 0.90
N GLY A 81 -17.32 4.08 1.29
CA GLY A 81 -16.15 3.79 0.48
C GLY A 81 -16.26 2.43 -0.16
N LYS A 82 -17.02 1.56 0.51
CA LYS A 82 -17.35 0.17 0.10
C LYS A 82 -16.13 -0.74 0.29
N SER A 83 -15.03 -0.32 -0.22
CA SER A 83 -13.80 -1.00 -0.07
C SER A 83 -12.97 -0.24 0.97
N SER A 84 -12.37 -0.97 1.89
CA SER A 84 -11.58 -0.38 2.95
C SER A 84 -10.35 0.35 2.38
N TRP A 85 -9.83 1.28 3.15
CA TRP A 85 -8.69 2.03 2.72
C TRP A 85 -7.48 1.45 3.41
N TRP A 86 -6.37 1.49 2.78
CA TRP A 86 -5.20 0.92 3.36
C TRP A 86 -4.16 2.02 3.45
N ILE A 87 -3.40 2.04 4.56
CA ILE A 87 -2.30 3.01 4.73
C ILE A 87 -1.08 2.28 5.24
N ILE A 88 0.10 2.87 5.07
CA ILE A 88 1.26 2.32 5.74
C ILE A 88 1.29 3.05 7.05
N ASN A 89 1.39 2.33 8.13
CA ASN A 89 1.34 2.91 9.46
C ASN A 89 2.66 3.57 9.78
N PRO A 90 2.68 4.90 9.85
CA PRO A 90 3.90 5.63 10.16
C PRO A 90 4.10 5.79 11.68
N ASP A 91 2.99 5.72 12.40
CA ASP A 91 2.88 5.92 13.82
C ASP A 91 1.40 5.89 14.14
N GLY A 92 0.62 6.38 13.20
CA GLY A 92 -0.80 6.32 13.31
C GLY A 92 -1.43 7.61 12.89
N GLY A 93 -1.20 8.00 11.65
CA GLY A 93 -1.77 9.24 11.14
C GLY A 93 -3.26 9.09 10.92
N LYS A 94 -3.64 8.06 10.19
CA LYS A 94 -5.04 7.80 9.89
C LYS A 94 -5.72 7.16 11.05
N SER A 95 -6.78 7.75 11.47
CA SER A 95 -7.56 7.21 12.51
C SER A 95 -8.67 6.37 11.91
N GLY A 96 -8.35 5.11 11.72
CA GLY A 96 -9.30 4.19 11.20
C GLY A 96 -9.99 3.47 12.32
N LYS A 97 -10.06 2.19 12.23
CA LYS A 97 -10.66 1.41 13.26
C LYS A 97 -9.72 0.28 13.59
N ALA A 98 -8.85 0.53 14.51
CA ALA A 98 -7.88 -0.44 14.90
C ALA A 98 -7.73 -0.42 16.40
N PRO A 99 -8.44 -1.31 17.11
CA PRO A 99 -8.34 -1.44 18.56
C PRO A 99 -6.92 -1.81 18.97
N ARG A 100 -6.30 -2.62 18.14
CA ARG A 100 -4.92 -3.02 18.35
C ARG A 100 -3.98 -1.90 17.89
N ARG A 101 -3.82 -0.93 18.74
CA ARG A 101 -2.99 0.23 18.48
C ARG A 101 -1.99 0.44 19.60
N ARG A 102 -1.83 -0.58 20.41
CA ARG A 102 -0.97 -0.52 21.56
C ARG A 102 0.24 -1.41 21.36
N ALA A 103 1.32 -0.81 20.94
CA ALA A 103 2.56 -1.49 20.68
C ALA A 103 3.66 -0.80 21.47
#